data_2WAD
#
_entry.id   2WAD
#
_cell.length_a   128.788
_cell.length_b   128.788
_cell.length_c   123.139
_cell.angle_alpha   90.00
_cell.angle_beta   90.00
_cell.angle_gamma   120.00
#
_symmetry.space_group_name_H-M   'P 31'
#
loop_
_entity.id
_entity.type
_entity.pdbx_description
1 polymer 'PENICILLIN-BINDING PROTEIN 2B'
2 non-polymer 'ZINC ION'
3 water water
#
_entity_poly.entity_id   1
_entity_poly.type   'polypeptide(L)'
_entity_poly.pdbx_seq_one_letter_code
;MRKFNSHSIPIRLNLLFSIVILLFMTIIGRLLYMQVLNKDFYEKKLASASQTKVTTSSARGEIYDASGKPLVENTLKQVV
SFTRSNKMTATDLKEIAKKLLTYVSISSPNLTERQLADYYLADPEIYKKTVEALPSEKRLDSDGNRLSESELYNNAVDSV
PTSQLNYTEDEKKEIYLFSQLNAVGNFATGTIATDPLNDSQVAVIASISKEMPGISISTSWDRKILETSLSSIVGSVSSE
KAGLPAEEAESYLKKGYSLNDRVGTSYLEKQYEEVLQGKRPVKEIHLDKHGDMESVENIEEGSKGKNIKLTIDLAFQDSV
DALLKSYFNSELGNGGAKYSEGVYAVALNPQTGAVLSMSGLKHDLKTGELTPDSLGTVTNVFVPGSVVKAATISSGWENG
VLSGNQTLTDQPIVFQGSAPIYSWYKLAYGSFPITAVEALEYSSNAYVVQTALGIMGQTYQPNMFVGTSNLESAMGKLRS
TFGEYGLGSATGIDLPDESTGLVPKEYNFANFITNAFGQFDNYTPMQLAQYVATIANNGVRLAPHIVEGIYDNNDKGGLG
ELIQAIDTKEINKVNISESDMAILHQGFYQVSHGTSPLTTGRAFSDGATVSISGKTGTGESYVAGGQEATNTNAVAYAPT
ENPQIAVAVVFPHNTNLTKNVGPAIARDIINLYNQHHPMN
;
_entity_poly.pdbx_strand_id   A,B,C
#
loop_
_chem_comp.id
_chem_comp.type
_chem_comp.name
_chem_comp.formula
ZN non-polymer 'ZINC ION' 'Zn 2'
#
# COMPACT_ATOMS: atom_id res chain seq x y z
N SER A 50 -9.02 -22.17 93.63
CA SER A 50 -8.44 -21.27 92.60
C SER A 50 -7.47 -22.01 91.70
N GLN A 51 -7.39 -21.55 90.45
CA GLN A 51 -6.45 -22.09 89.50
C GLN A 51 -6.07 -21.00 88.49
N THR A 52 -4.78 -20.81 88.31
CA THR A 52 -4.30 -19.84 87.33
C THR A 52 -3.54 -20.61 86.26
N LYS A 53 -3.97 -20.49 85.02
CA LYS A 53 -3.35 -21.24 83.94
C LYS A 53 -2.23 -20.46 83.26
N VAL A 54 -1.13 -21.15 82.97
CA VAL A 54 0.00 -20.49 82.32
C VAL A 54 0.52 -21.20 81.09
N THR A 55 0.93 -20.39 80.11
CA THR A 55 1.37 -20.87 78.79
C THR A 55 2.85 -20.53 78.58
N THR A 56 3.65 -21.56 78.32
CA THR A 56 5.03 -21.32 77.89
C THR A 56 5.28 -21.70 76.43
N SER A 57 6.26 -21.05 75.81
CA SER A 57 6.62 -21.23 74.41
C SER A 57 7.41 -22.52 74.16
N SER A 58 7.36 -23.02 72.92
CA SER A 58 8.23 -24.11 72.53
C SER A 58 9.21 -23.70 71.43
N ALA A 59 9.87 -24.70 70.83
CA ALA A 59 10.84 -24.52 69.76
C ALA A 59 10.16 -24.36 68.41
N ARG A 60 10.72 -23.48 67.58
CA ARG A 60 10.21 -23.16 66.24
C ARG A 60 10.55 -24.30 65.28
N GLY A 61 9.61 -24.62 64.39
CA GLY A 61 9.90 -25.54 63.30
C GLY A 61 10.97 -24.95 62.39
N GLU A 62 11.53 -25.78 61.50
CA GLU A 62 12.64 -25.33 60.67
C GLU A 62 12.33 -25.44 59.18
N ILE A 63 13.26 -24.92 58.37
CA ILE A 63 13.06 -24.73 56.95
C ILE A 63 14.12 -25.52 56.17
N TYR A 64 13.66 -26.31 55.21
CA TYR A 64 14.52 -27.21 54.45
C TYR A 64 14.37 -26.99 52.97
N ASP A 65 15.46 -27.20 52.23
CA ASP A 65 15.37 -27.14 50.78
C ASP A 65 14.82 -28.48 50.30
N ALA A 66 14.63 -28.59 48.99
CA ALA A 66 13.97 -29.74 48.36
C ALA A 66 14.71 -31.08 48.52
N SER A 67 16.00 -31.04 48.85
CA SER A 67 16.76 -32.26 49.10
C SER A 67 16.98 -32.52 50.59
N GLY A 68 16.51 -31.61 51.44
CA GLY A 68 16.52 -31.89 52.87
C GLY A 68 17.62 -31.17 53.60
N LYS A 69 18.36 -30.30 52.91
CA LYS A 69 19.36 -29.48 53.59
C LYS A 69 18.66 -28.38 54.40
N PRO A 70 19.14 -28.16 55.64
CA PRO A 70 18.54 -27.11 56.46
C PRO A 70 18.92 -25.73 55.94
N LEU A 71 17.99 -24.79 56.07
CA LEU A 71 18.26 -23.41 55.73
C LEU A 71 18.40 -22.52 56.96
N VAL A 72 17.94 -23.01 58.10
CA VAL A 72 18.04 -22.28 59.36
C VAL A 72 18.49 -23.20 60.49
N GLU A 73 18.55 -22.64 61.68
CA GLU A 73 19.18 -23.33 62.80
C GLU A 73 18.57 -22.81 64.09
N ASN A 74 18.18 -23.72 64.97
CA ASN A 74 17.80 -23.36 66.33
C ASN A 74 18.97 -23.65 67.25
N THR A 75 19.58 -22.60 67.80
CA THR A 75 20.81 -22.80 68.54
C THR A 75 20.54 -22.65 70.04
N LEU A 76 21.20 -23.48 70.84
CA LEU A 76 20.90 -23.60 72.27
C LEU A 76 21.88 -22.72 73.05
N LYS A 77 21.37 -21.89 73.96
CA LYS A 77 22.22 -21.07 74.85
C LYS A 77 21.89 -21.31 76.32
N GLN A 78 22.74 -20.79 77.20
CA GLN A 78 22.44 -20.80 78.63
C GLN A 78 22.04 -19.41 79.09
N VAL A 79 21.06 -19.32 79.98
CA VAL A 79 20.37 -18.06 80.25
C VAL A 79 19.96 -17.98 81.72
N VAL A 80 19.92 -16.78 82.29
CA VAL A 80 19.27 -16.59 83.59
C VAL A 80 17.77 -16.47 83.40
N SER A 81 17.01 -17.36 84.05
CA SER A 81 15.54 -17.38 83.96
C SER A 81 14.95 -16.93 85.28
N PHE A 82 13.80 -16.25 85.21
CA PHE A 82 13.04 -15.88 86.41
C PHE A 82 11.62 -16.39 86.34
N THR A 83 11.23 -17.15 87.36
CA THR A 83 9.86 -17.64 87.47
C THR A 83 9.20 -16.87 88.60
N ARG A 84 8.13 -16.14 88.29
CA ARG A 84 7.55 -15.24 89.27
C ARG A 84 6.40 -15.87 90.05
N SER A 85 6.28 -15.47 91.31
CA SER A 85 5.22 -15.93 92.18
C SER A 85 4.20 -14.80 92.37
N ASN A 86 2.93 -15.17 92.49
CA ASN A 86 1.85 -14.20 92.73
C ASN A 86 2.04 -13.44 94.03
N LYS A 87 2.96 -13.91 94.86
CA LYS A 87 3.15 -13.34 96.20
C LYS A 87 4.34 -12.38 96.38
N MET A 88 5.22 -12.31 95.41
CA MET A 88 6.34 -11.35 95.42
C MET A 88 5.88 -9.90 95.39
N THR A 89 6.20 -9.13 96.43
CA THR A 89 5.95 -7.71 96.41
C THR A 89 6.97 -7.06 95.47
N ALA A 90 6.84 -5.75 95.24
CA ALA A 90 7.81 -5.02 94.43
C ALA A 90 9.15 -4.96 95.20
N THR A 91 9.02 -4.92 96.52
CA THR A 91 10.16 -4.96 97.42
C THR A 91 10.92 -6.30 97.40
N ASP A 92 10.19 -7.41 97.44
CA ASP A 92 10.80 -8.73 97.19
C ASP A 92 11.50 -8.76 95.83
N LEU A 93 10.98 -8.05 94.84
CA LEU A 93 11.66 -7.99 93.54
C LEU A 93 12.98 -7.21 93.55
N LYS A 94 13.00 -6.09 94.25
CA LYS A 94 14.19 -5.26 94.39
C LYS A 94 15.28 -6.03 95.15
N GLU A 95 14.91 -6.78 96.18
CA GLU A 95 15.88 -7.59 96.91
C GLU A 95 16.50 -8.68 96.03
N ILE A 96 15.68 -9.30 95.18
CA ILE A 96 16.19 -10.29 94.23
C ILE A 96 17.08 -9.67 93.14
N ALA A 97 16.71 -8.47 92.67
CA ALA A 97 17.46 -7.80 91.60
C ALA A 97 18.89 -7.51 92.07
N LYS A 98 19.02 -6.98 93.27
CA LYS A 98 20.33 -6.56 93.78
C LYS A 98 21.24 -7.66 94.35
N LYS A 99 20.68 -8.78 94.79
CA LYS A 99 21.45 -10.01 94.99
C LYS A 99 22.01 -10.50 93.64
N LEU A 100 21.21 -10.34 92.59
CA LEU A 100 21.59 -10.83 91.27
C LEU A 100 22.69 -9.98 90.66
N LEU A 101 22.67 -8.68 90.94
CA LEU A 101 23.65 -7.78 90.35
C LEU A 101 25.08 -8.16 90.77
N THR A 102 25.23 -8.82 91.91
CA THR A 102 26.55 -9.25 92.33
C THR A 102 27.14 -10.27 91.34
N TYR A 103 26.28 -10.97 90.61
CA TYR A 103 26.71 -12.09 89.78
C TYR A 103 26.74 -11.80 88.28
N VAL A 104 26.09 -10.72 87.85
CA VAL A 104 26.00 -10.44 86.43
C VAL A 104 26.50 -9.01 86.18
N SER A 105 26.67 -8.72 84.90
CA SER A 105 27.13 -7.43 84.41
C SER A 105 26.03 -6.75 83.61
N ILE A 106 25.76 -5.50 83.98
CA ILE A 106 24.80 -4.64 83.31
C ILE A 106 25.55 -3.37 82.94
N SER A 107 26.02 -3.29 81.70
CA SER A 107 26.81 -2.13 81.30
C SER A 107 25.97 -1.11 80.54
N SER A 108 25.12 -1.59 79.64
CA SER A 108 24.28 -0.72 78.82
C SER A 108 22.86 -0.65 79.38
N PRO A 109 22.60 0.34 80.24
CA PRO A 109 21.30 0.47 80.90
C PRO A 109 20.42 1.57 80.29
N ASN A 110 19.42 1.19 79.50
CA ASN A 110 18.50 2.15 78.86
C ASN A 110 17.07 2.14 79.42
N LEU A 111 16.84 2.91 80.48
CA LEU A 111 15.56 2.87 81.19
C LEU A 111 14.47 3.78 80.63
N THR A 112 13.29 3.23 80.37
CA THR A 112 12.10 3.99 80.00
C THR A 112 11.43 4.62 81.23
N GLU A 113 10.76 5.75 81.04
CA GLU A 113 10.28 6.51 82.20
C GLU A 113 9.22 5.76 83.00
N ARG A 114 8.47 4.89 82.32
CA ARG A 114 7.52 4.01 83.01
C ARG A 114 8.27 3.02 83.90
N GLN A 115 9.38 2.48 83.40
CA GLN A 115 10.26 1.67 84.24
C GLN A 115 10.80 2.45 85.43
N LEU A 116 11.14 3.72 85.22
CA LEU A 116 11.63 4.56 86.33
C LEU A 116 10.53 4.89 87.35
N ALA A 117 9.29 4.97 86.90
CA ALA A 117 8.17 5.28 87.79
C ALA A 117 7.75 4.05 88.58
N ASP A 118 7.82 2.90 87.91
CA ASP A 118 7.59 1.60 88.53
C ASP A 118 8.54 1.34 89.69
N TYR A 119 9.84 1.41 89.42
CA TYR A 119 10.87 1.25 90.46
C TYR A 119 10.65 2.21 91.61
N TYR A 120 10.32 3.46 91.27
CA TYR A 120 10.17 4.51 92.29
C TYR A 120 8.97 4.22 93.21
N LEU A 121 7.89 3.73 92.61
CA LEU A 121 6.67 3.44 93.35
C LEU A 121 6.77 2.15 94.16
N ALA A 122 7.80 1.36 93.87
CA ALA A 122 8.03 0.09 94.54
C ALA A 122 8.09 0.22 96.05
N ASP A 123 8.52 1.37 96.56
CA ASP A 123 8.50 1.58 98.00
C ASP A 123 7.04 1.74 98.44
N PRO A 124 6.56 0.89 99.35
CA PRO A 124 5.16 0.90 99.82
C PRO A 124 4.69 2.25 100.34
N GLU A 125 5.51 2.88 101.17
CA GLU A 125 5.22 4.19 101.74
C GLU A 125 5.14 5.21 100.61
N ILE A 126 6.17 5.26 99.77
CA ILE A 126 6.17 6.15 98.59
C ILE A 126 4.93 5.94 97.70
N TYR A 127 4.49 4.69 97.54
CA TYR A 127 3.30 4.46 96.73
C TYR A 127 2.06 5.06 97.38
N LYS A 128 1.94 4.90 98.70
CA LYS A 128 0.84 5.51 99.44
C LYS A 128 0.92 7.02 99.35
N LYS A 129 2.04 7.59 99.78
CA LYS A 129 2.25 9.03 99.77
C LYS A 129 1.96 9.69 98.44
N THR A 130 2.23 9.00 97.33
CA THR A 130 2.06 9.62 96.01
C THR A 130 0.62 9.52 95.51
N VAL A 131 -0.12 8.56 96.07
CA VAL A 131 -1.56 8.49 95.81
C VAL A 131 -2.28 9.49 96.70
N GLU A 132 -1.83 9.61 97.95
CA GLU A 132 -2.33 10.60 98.91
C GLU A 132 -2.28 12.01 98.32
N ALA A 133 -1.38 12.19 97.35
CA ALA A 133 -1.06 13.51 96.83
C ALA A 133 -1.68 13.73 95.45
N LEU A 134 -2.75 12.99 95.15
CA LEU A 134 -3.43 13.10 93.86
C LEU A 134 -4.64 14.05 93.92
N PRO A 135 -5.27 14.34 92.76
CA PRO A 135 -6.54 15.06 92.77
C PRO A 135 -7.73 14.10 92.65
N GLU A 149 -10.58 2.11 92.08
CA GLU A 149 -10.03 0.97 91.38
C GLU A 149 -8.49 0.98 91.38
N SER A 150 -7.89 0.08 92.17
CA SER A 150 -6.44 0.02 92.35
C SER A 150 -5.64 0.16 91.06
N GLU A 151 -6.06 -0.54 90.01
CA GLU A 151 -5.39 -0.54 88.72
C GLU A 151 -5.45 0.83 88.05
N LEU A 152 -6.51 1.58 88.33
CA LEU A 152 -6.69 2.91 87.78
C LEU A 152 -5.81 3.90 88.55
N TYR A 153 -5.67 3.69 89.86
CA TYR A 153 -4.85 4.57 90.69
C TYR A 153 -3.35 4.36 90.48
N ASN A 154 -2.94 3.13 90.19
CA ASN A 154 -1.56 2.86 89.79
C ASN A 154 -1.22 3.70 88.57
N ASN A 155 -2.05 3.60 87.53
CA ASN A 155 -1.83 4.37 86.31
C ASN A 155 -1.88 5.87 86.57
N ALA A 156 -2.69 6.28 87.54
CA ALA A 156 -2.82 7.69 87.88
C ALA A 156 -1.60 8.20 88.63
N VAL A 157 -1.16 7.43 89.63
CA VAL A 157 0.06 7.75 90.36
C VAL A 157 1.28 7.77 89.43
N ASP A 158 1.35 6.77 88.56
CA ASP A 158 2.37 6.70 87.52
C ASP A 158 2.63 7.98 86.74
N SER A 159 1.56 8.64 86.25
CA SER A 159 1.70 9.85 85.46
C SER A 159 2.11 11.07 86.31
N VAL A 160 2.06 10.90 87.63
CA VAL A 160 2.26 11.97 88.60
C VAL A 160 3.72 12.21 89.04
N PRO A 161 4.63 11.26 88.75
CA PRO A 161 6.00 11.50 89.20
C PRO A 161 6.90 11.99 88.08
N THR A 162 7.67 13.04 88.38
CA THR A 162 8.61 13.60 87.43
C THR A 162 9.79 12.67 87.20
N SER A 163 9.80 11.97 86.07
CA SER A 163 10.85 11.01 85.74
C SER A 163 12.26 11.58 85.58
N GLN A 164 12.47 12.80 86.05
CA GLN A 164 13.81 13.36 86.26
C GLN A 164 14.22 13.24 87.73
N LEU A 165 14.31 11.99 88.19
CA LEU A 165 14.80 11.63 89.51
C LEU A 165 16.31 11.46 89.42
N ASN A 166 16.99 11.31 90.54
CA ASN A 166 18.45 11.20 90.51
C ASN A 166 19.03 9.85 90.95
N TYR A 167 19.52 9.07 90.00
CA TYR A 167 19.97 7.69 90.27
C TYR A 167 21.43 7.48 89.89
N THR A 168 22.26 7.12 90.87
CA THR A 168 23.66 6.82 90.58
C THR A 168 23.65 5.74 89.52
N GLU A 169 24.81 5.51 88.91
CA GLU A 169 24.92 4.61 87.77
C GLU A 169 24.75 3.14 88.17
N ASP A 170 25.19 2.82 89.38
CA ASP A 170 24.97 1.49 89.97
C ASP A 170 23.49 1.23 90.26
N GLU A 171 22.83 2.23 90.85
CA GLU A 171 21.39 2.23 91.02
C GLU A 171 20.69 1.89 89.71
N LYS A 172 21.09 2.56 88.63
CA LYS A 172 20.46 2.32 87.33
C LYS A 172 20.48 0.85 86.93
N LYS A 173 21.46 0.12 87.46
CA LYS A 173 21.66 -1.28 87.07
C LYS A 173 20.69 -2.17 87.82
N GLU A 174 20.43 -1.87 89.08
CA GLU A 174 19.41 -2.63 89.78
C GLU A 174 18.03 -2.28 89.23
N ILE A 175 17.83 -1.00 88.88
CA ILE A 175 16.57 -0.61 88.28
C ILE A 175 16.32 -1.38 86.99
N TYR A 176 17.38 -1.54 86.20
CA TYR A 176 17.30 -2.36 85.00
C TYR A 176 16.88 -3.80 85.27
N LEU A 177 17.53 -4.45 86.24
CA LEU A 177 17.22 -5.81 86.63
C LEU A 177 15.79 -6.00 87.15
N PHE A 178 15.38 -5.18 88.12
CA PHE A 178 13.99 -5.07 88.53
C PHE A 178 12.99 -5.07 87.35
N SER A 179 13.19 -4.16 86.39
CA SER A 179 12.28 -4.05 85.25
C SER A 179 12.10 -5.42 84.57
N GLN A 180 13.22 -6.12 84.37
CA GLN A 180 13.19 -7.46 83.81
C GLN A 180 12.33 -8.41 84.66
N LEU A 181 12.53 -8.43 85.97
CA LEU A 181 11.76 -9.33 86.84
C LEU A 181 10.27 -8.96 86.86
N ASN A 182 10.00 -7.68 87.05
CA ASN A 182 8.63 -7.15 87.07
C ASN A 182 7.83 -7.48 85.80
N ALA A 183 8.51 -7.56 84.67
CA ALA A 183 7.85 -7.79 83.39
C ALA A 183 7.28 -9.20 83.24
N VAL A 184 7.62 -10.11 84.14
CA VAL A 184 7.24 -11.52 84.01
C VAL A 184 5.87 -11.76 84.65
N GLY A 185 4.96 -12.42 83.95
CA GLY A 185 3.64 -12.66 84.52
C GLY A 185 3.66 -13.58 85.74
N ASN A 186 2.58 -13.59 86.51
CA ASN A 186 2.43 -14.58 87.58
C ASN A 186 2.57 -16.02 87.13
N PHE A 187 3.46 -16.76 87.77
CA PHE A 187 3.72 -18.17 87.46
C PHE A 187 4.37 -18.41 86.11
N ALA A 188 4.65 -17.33 85.40
CA ALA A 188 5.32 -17.45 84.11
C ALA A 188 6.84 -17.48 84.32
N THR A 189 7.55 -17.81 83.25
CA THR A 189 9.00 -17.91 83.27
C THR A 189 9.52 -17.08 82.11
N GLY A 190 10.34 -16.07 82.41
CA GLY A 190 10.93 -15.24 81.35
C GLY A 190 12.43 -15.12 81.55
N THR A 191 13.13 -14.77 80.48
CA THR A 191 14.57 -14.61 80.45
C THR A 191 15.01 -13.24 80.98
N ILE A 192 16.03 -13.23 81.84
CA ILE A 192 16.59 -12.00 82.42
C ILE A 192 17.83 -11.57 81.62
N ALA A 193 17.63 -10.66 80.68
CA ALA A 193 18.72 -10.23 79.81
C ALA A 193 19.86 -9.53 80.56
N THR A 194 21.07 -10.01 80.28
CA THR A 194 22.26 -9.48 80.92
C THR A 194 23.36 -9.48 79.86
N ASP A 195 24.50 -8.84 80.14
CA ASP A 195 25.68 -9.03 79.29
C ASP A 195 26.05 -10.51 79.28
N PRO A 196 26.49 -11.01 78.11
CA PRO A 196 26.76 -12.43 77.92
C PRO A 196 27.50 -13.06 79.12
N LEU A 197 27.13 -14.29 79.46
CA LEU A 197 27.74 -15.02 80.58
C LEU A 197 28.66 -16.13 80.09
N ASN A 198 29.95 -16.00 80.43
CA ASN A 198 30.90 -17.09 80.20
C ASN A 198 30.52 -18.31 81.04
N ASP A 199 31.29 -19.40 80.90
CA ASP A 199 30.92 -20.69 81.49
C ASP A 199 31.08 -20.73 83.01
N SER A 200 31.99 -19.92 83.54
CA SER A 200 32.30 -19.98 84.96
C SER A 200 31.35 -19.07 85.72
N GLN A 201 31.15 -17.88 85.17
CA GLN A 201 30.13 -16.95 85.62
C GLN A 201 28.78 -17.68 85.74
N VAL A 202 28.36 -18.38 84.68
CA VAL A 202 27.18 -19.24 84.77
C VAL A 202 27.19 -20.25 85.92
N ALA A 203 28.28 -20.99 86.09
CA ALA A 203 28.30 -22.06 87.09
C ALA A 203 28.40 -21.58 88.54
N VAL A 204 28.73 -20.31 88.75
CA VAL A 204 28.62 -19.67 90.06
C VAL A 204 27.15 -19.34 90.37
N ILE A 205 26.42 -18.82 89.40
CA ILE A 205 24.99 -18.59 89.58
C ILE A 205 24.23 -19.89 89.86
N ALA A 206 24.53 -20.92 89.07
CA ALA A 206 23.98 -22.25 89.29
C ALA A 206 24.22 -22.72 90.73
N SER A 207 25.33 -22.29 91.33
CA SER A 207 25.70 -22.76 92.66
C SER A 207 25.05 -21.99 93.82
N ILE A 208 24.58 -20.77 93.60
CA ILE A 208 23.93 -20.05 94.68
C ILE A 208 22.50 -19.61 94.38
N SER A 209 21.97 -20.04 93.23
CA SER A 209 20.66 -19.63 92.75
C SER A 209 19.53 -19.92 93.73
N LYS A 210 19.69 -20.97 94.53
CA LYS A 210 18.77 -21.24 95.64
C LYS A 210 18.57 -20.07 96.59
N GLU A 211 19.50 -19.12 96.61
CA GLU A 211 19.44 -18.01 97.57
C GLU A 211 18.43 -16.97 97.09
N MET A 212 18.13 -17.05 95.79
CA MET A 212 17.25 -16.10 95.09
C MET A 212 15.96 -16.76 94.57
N PRO A 213 14.83 -16.54 95.24
CA PRO A 213 13.58 -17.12 94.79
C PRO A 213 13.28 -16.87 93.32
N GLY A 214 12.95 -17.94 92.59
CA GLY A 214 12.49 -17.78 91.23
C GLY A 214 13.65 -17.88 90.25
N ILE A 215 14.86 -17.61 90.72
CA ILE A 215 15.99 -17.51 89.80
C ILE A 215 16.68 -18.85 89.56
N SER A 216 17.00 -19.13 88.31
CA SER A 216 17.71 -20.36 87.98
C SER A 216 18.40 -20.18 86.64
N ILE A 217 19.36 -21.05 86.34
CA ILE A 217 19.95 -21.12 85.01
C ILE A 217 19.14 -22.12 84.20
N SER A 218 18.85 -21.81 82.95
CA SER A 218 18.33 -22.78 82.00
C SER A 218 18.76 -22.40 80.59
N THR A 219 18.26 -23.15 79.61
CA THR A 219 18.69 -22.99 78.22
C THR A 219 17.55 -22.42 77.38
N SER A 220 17.87 -21.50 76.47
CA SER A 220 16.91 -20.92 75.54
C SER A 220 17.29 -21.17 74.06
N TRP A 221 16.86 -20.31 73.13
CA TRP A 221 17.28 -20.39 71.72
C TRP A 221 17.56 -19.04 71.05
N ASP A 222 18.53 -19.07 70.13
CA ASP A 222 18.57 -18.07 69.07
C ASP A 222 18.15 -18.79 67.80
N ARG A 223 17.58 -18.04 66.88
CA ARG A 223 17.26 -18.58 65.57
C ARG A 223 18.31 -18.02 64.63
N LYS A 224 19.05 -18.90 63.95
CA LYS A 224 19.96 -18.41 62.90
C LYS A 224 19.68 -18.87 61.47
N ILE A 225 19.93 -17.99 60.52
CA ILE A 225 19.79 -18.26 59.08
C ILE A 225 21.17 -18.67 58.55
N LEU A 226 21.28 -19.88 58.01
CA LEU A 226 22.56 -20.34 57.48
C LEU A 226 22.94 -19.61 56.21
N GLU A 227 24.23 -19.55 55.91
CA GLU A 227 24.68 -18.94 54.67
C GLU A 227 24.33 -19.83 53.46
N THR A 228 23.31 -19.42 52.71
CA THR A 228 22.91 -20.18 51.53
C THR A 228 22.29 -19.18 50.57
N SER A 229 22.06 -19.63 49.34
CA SER A 229 21.55 -18.78 48.27
C SER A 229 20.07 -18.53 48.44
N LEU A 230 19.43 -19.25 49.35
CA LEU A 230 18.04 -19.04 49.74
C LEU A 230 17.83 -18.29 51.05
N SER A 231 18.90 -17.72 51.61
CA SER A 231 18.80 -16.98 52.86
C SER A 231 17.91 -15.73 52.80
N SER A 232 17.99 -14.95 51.72
CA SER A 232 17.17 -13.76 51.61
C SER A 232 15.66 -14.05 51.66
N ILE A 233 15.28 -15.25 51.23
CA ILE A 233 13.88 -15.62 51.07
C ILE A 233 13.33 -16.26 52.34
N VAL A 234 14.22 -16.74 53.20
CA VAL A 234 13.80 -17.37 54.44
C VAL A 234 13.08 -16.37 55.35
N GLY A 235 13.66 -15.20 55.60
CA GLY A 235 13.08 -14.16 56.41
C GLY A 235 13.68 -14.13 57.81
N SER A 236 13.16 -13.26 58.67
CA SER A 236 13.66 -13.21 60.05
C SER A 236 12.58 -13.52 61.08
N VAL A 237 13.03 -13.78 62.31
CA VAL A 237 12.14 -14.01 63.44
C VAL A 237 12.47 -12.96 64.50
N SER A 238 11.45 -12.47 65.20
CA SER A 238 11.66 -11.53 66.30
C SER A 238 12.49 -12.17 67.42
N SER A 239 13.42 -11.40 67.99
CA SER A 239 14.25 -11.85 69.09
C SER A 239 13.43 -11.95 70.37
N GLU A 240 13.94 -12.73 71.32
CA GLU A 240 13.34 -12.87 72.66
C GLU A 240 13.28 -11.54 73.40
N LYS A 241 14.34 -10.74 73.22
CA LYS A 241 14.47 -9.38 73.73
C LYS A 241 13.38 -8.45 73.19
N ALA A 242 13.23 -8.39 71.86
CA ALA A 242 12.25 -7.49 71.22
C ALA A 242 10.90 -8.18 71.02
N GLY A 243 10.41 -8.85 72.05
CA GLY A 243 9.23 -9.70 71.99
C GLY A 243 8.43 -9.72 70.69
N LEU A 244 7.20 -9.24 70.78
CA LEU A 244 6.36 -9.12 69.59
C LEU A 244 6.68 -7.79 68.91
N PRO A 245 6.43 -7.73 67.59
CA PRO A 245 6.42 -6.44 66.90
C PRO A 245 5.29 -5.56 67.43
N ALA A 246 5.61 -4.32 67.80
CA ALA A 246 4.64 -3.42 68.40
C ALA A 246 3.52 -2.98 67.44
N GLU A 247 3.83 -2.88 66.14
CA GLU A 247 2.83 -2.49 65.15
C GLU A 247 1.65 -3.44 65.14
N GLU A 248 1.94 -4.73 65.32
CA GLU A 248 0.94 -5.77 65.20
C GLU A 248 0.62 -6.37 66.57
N ALA A 249 1.18 -5.76 67.62
CA ALA A 249 1.05 -6.28 68.98
C ALA A 249 -0.34 -6.84 69.25
N GLU A 250 -1.35 -6.14 68.74
CA GLU A 250 -2.74 -6.45 69.07
C GLU A 250 -3.22 -7.69 68.34
N SER A 251 -2.84 -7.83 67.07
CA SER A 251 -3.11 -9.03 66.31
C SER A 251 -2.69 -10.29 67.09
N TYR A 252 -1.48 -10.28 67.64
CA TYR A 252 -0.89 -11.50 68.18
C TYR A 252 -1.38 -11.91 69.58
N LEU A 253 -1.65 -10.94 70.46
CA LEU A 253 -2.24 -11.23 71.78
C LEU A 253 -3.61 -11.85 71.57
N LYS A 254 -4.36 -11.25 70.66
CA LYS A 254 -5.67 -11.70 70.21
C LYS A 254 -5.60 -13.13 69.68
N LYS A 255 -4.85 -13.33 68.59
CA LYS A 255 -4.74 -14.66 67.99
C LYS A 255 -4.42 -15.72 69.04
N GLY A 256 -3.74 -15.33 70.11
CA GLY A 256 -3.53 -16.23 71.24
C GLY A 256 -2.19 -16.09 71.93
N TYR A 257 -1.30 -15.31 71.34
CA TYR A 257 0.11 -15.31 71.74
C TYR A 257 0.36 -14.59 73.06
N SER A 258 1.52 -14.88 73.65
CA SER A 258 2.08 -14.09 74.73
C SER A 258 2.92 -12.95 74.15
N LEU A 259 3.40 -12.08 75.02
CA LEU A 259 4.00 -10.81 74.62
C LEU A 259 5.49 -10.93 74.33
N ASN A 260 6.11 -11.99 74.85
CA ASN A 260 7.54 -12.25 74.63
C ASN A 260 7.80 -13.32 73.56
N ASP A 261 6.74 -13.70 72.86
CA ASP A 261 6.81 -14.70 71.80
C ASP A 261 7.73 -14.32 70.65
N ARG A 262 8.44 -15.31 70.13
CA ARG A 262 9.24 -15.10 68.93
C ARG A 262 8.51 -15.53 67.67
N VAL A 263 8.28 -14.57 66.79
CA VAL A 263 7.43 -14.72 65.64
C VAL A 263 8.16 -14.33 64.34
N GLY A 264 7.65 -14.82 63.21
CA GLY A 264 8.22 -14.47 61.92
C GLY A 264 7.82 -13.06 61.54
N THR A 265 8.78 -12.27 61.07
CA THR A 265 8.53 -10.87 60.73
C THR A 265 8.74 -10.58 59.25
N SER A 266 9.27 -11.54 58.50
CA SER A 266 9.42 -11.32 57.07
C SER A 266 9.44 -12.61 56.24
N TYR A 267 9.01 -12.51 54.98
CA TYR A 267 9.10 -13.60 54.02
C TYR A 267 8.53 -14.95 54.47
N LEU A 268 9.21 -16.04 54.16
CA LEU A 268 8.73 -17.37 54.58
C LEU A 268 8.46 -17.52 56.09
N GLU A 269 9.32 -16.95 56.95
CA GLU A 269 9.14 -17.16 58.39
C GLU A 269 7.82 -16.54 58.78
N LYS A 270 7.47 -15.43 58.15
CA LYS A 270 6.21 -14.78 58.42
C LYS A 270 5.05 -15.50 57.76
N GLN A 271 5.18 -15.82 56.48
CA GLN A 271 4.11 -16.47 55.74
C GLN A 271 3.62 -17.75 56.42
N TYR A 272 4.55 -18.55 56.93
CA TYR A 272 4.22 -19.86 57.49
C TYR A 272 4.36 -19.90 59.00
N GLU A 273 4.23 -18.73 59.62
CA GLU A 273 4.27 -18.55 61.06
C GLU A 273 3.33 -19.50 61.82
N GLU A 274 2.10 -19.66 61.35
CA GLU A 274 1.17 -20.56 62.03
C GLU A 274 1.72 -21.99 62.02
N VAL A 275 2.41 -22.36 60.95
CA VAL A 275 2.96 -23.72 60.84
C VAL A 275 4.21 -23.85 61.70
N LEU A 276 5.08 -22.83 61.70
CA LEU A 276 6.39 -22.96 62.34
C LEU A 276 6.33 -22.81 63.87
N GLN A 277 5.36 -22.05 64.37
CA GLN A 277 5.28 -21.75 65.80
C GLN A 277 5.11 -22.98 66.69
N GLY A 278 6.00 -23.16 67.66
CA GLY A 278 5.91 -24.32 68.52
C GLY A 278 4.56 -24.41 69.20
N LYS A 279 4.08 -25.63 69.41
CA LYS A 279 2.87 -25.85 70.20
C LYS A 279 3.25 -25.71 71.67
N ARG A 280 2.52 -24.89 72.40
CA ARG A 280 2.93 -24.50 73.76
C ARG A 280 2.58 -25.50 74.86
N PRO A 281 3.48 -25.70 75.84
CA PRO A 281 2.98 -26.35 77.05
C PRO A 281 2.02 -25.44 77.84
N VAL A 282 0.97 -26.03 78.39
CA VAL A 282 -0.02 -25.32 79.19
C VAL A 282 -0.23 -26.05 80.51
N LYS A 283 -0.27 -25.29 81.59
CA LYS A 283 -0.41 -25.87 82.93
C LYS A 283 -1.49 -25.12 83.68
N GLU A 284 -2.04 -25.75 84.71
CA GLU A 284 -2.83 -25.01 85.67
C GLU A 284 -2.21 -25.14 87.07
N ILE A 285 -2.01 -24.00 87.71
CA ILE A 285 -1.44 -23.95 89.05
C ILE A 285 -2.59 -23.82 90.05
N HIS A 286 -2.63 -24.77 90.99
CA HIS A 286 -3.71 -24.81 91.98
C HIS A 286 -3.28 -24.12 93.26
N LEU A 287 -4.16 -23.26 93.79
CA LEU A 287 -3.85 -22.41 94.94
C LEU A 287 -4.69 -22.82 96.13
N ASP A 288 -4.14 -22.62 97.34
CA ASP A 288 -4.87 -22.80 98.58
C ASP A 288 -5.80 -21.61 98.83
N LYS A 289 -6.45 -21.57 99.98
CA LYS A 289 -7.46 -20.55 100.24
C LYS A 289 -6.88 -19.14 100.36
N HIS A 290 -5.58 -19.06 100.63
CA HIS A 290 -4.92 -17.77 100.73
C HIS A 290 -4.36 -17.36 99.37
N GLY A 291 -4.39 -18.28 98.41
CA GLY A 291 -3.80 -18.01 97.11
C GLY A 291 -2.37 -18.49 96.98
N ASP A 292 -1.94 -19.31 97.92
CA ASP A 292 -0.58 -19.84 97.90
C ASP A 292 -0.51 -21.03 96.95
N MET A 293 0.45 -21.03 96.04
CA MET A 293 0.66 -22.20 95.18
C MET A 293 0.65 -23.52 95.95
N GLU A 294 -0.09 -24.49 95.41
CA GLU A 294 -0.24 -25.79 96.08
C GLU A 294 0.10 -26.96 95.17
N SER A 295 -0.02 -26.75 93.86
CA SER A 295 -0.10 -27.85 92.90
C SER A 295 0.15 -27.35 91.47
N VAL A 296 0.78 -28.20 90.67
CA VAL A 296 1.10 -27.89 89.27
C VAL A 296 0.48 -28.95 88.37
N GLU A 297 -0.71 -28.67 87.84
CA GLU A 297 -1.42 -29.61 86.99
C GLU A 297 -1.30 -29.24 85.51
N ASN A 298 -0.65 -30.10 84.73
CA ASN A 298 -0.49 -29.85 83.29
C ASN A 298 -1.76 -30.16 82.50
N ILE A 299 -1.94 -29.46 81.38
CA ILE A 299 -3.11 -29.63 80.54
C ILE A 299 -2.68 -30.02 79.13
N GLU A 300 -1.66 -29.35 78.60
CA GLU A 300 -1.09 -29.77 77.32
C GLU A 300 0.42 -29.69 77.35
N GLU A 301 1.05 -30.76 76.88
CA GLU A 301 2.50 -30.75 76.74
C GLU A 301 2.89 -30.18 75.38
N GLY A 302 4.04 -29.51 75.36
CA GLY A 302 4.42 -28.76 74.19
C GLY A 302 5.24 -29.60 73.24
N SER A 303 5.38 -29.09 72.02
CA SER A 303 6.19 -29.70 70.99
C SER A 303 6.78 -28.65 70.04
N LYS A 304 7.95 -28.98 69.51
CA LYS A 304 8.57 -28.26 68.41
C LYS A 304 7.56 -27.98 67.30
N GLY A 305 7.58 -26.76 66.77
CA GLY A 305 6.80 -26.46 65.58
C GLY A 305 7.07 -27.44 64.44
N LYS A 306 6.20 -27.40 63.42
CA LYS A 306 6.37 -28.30 62.29
C LYS A 306 7.33 -27.64 61.31
N ASN A 307 7.76 -28.41 60.31
CA ASN A 307 8.78 -27.98 59.37
C ASN A 307 8.15 -27.80 58.00
N ILE A 308 8.70 -26.89 57.19
CA ILE A 308 8.33 -26.80 55.79
C ILE A 308 9.53 -27.19 54.95
N LYS A 309 9.26 -27.90 53.86
CA LYS A 309 10.25 -28.23 52.84
C LYS A 309 9.95 -27.46 51.56
N LEU A 310 10.93 -26.73 51.06
CA LEU A 310 10.74 -25.92 49.85
C LEU A 310 10.76 -26.74 48.58
N THR A 311 10.27 -26.12 47.51
CA THR A 311 10.22 -26.72 46.20
C THR A 311 11.56 -26.49 45.52
N ILE A 312 12.35 -25.55 46.03
CA ILE A 312 13.63 -25.19 45.42
C ILE A 312 14.76 -26.05 45.95
N ASP A 313 15.58 -26.55 45.03
CA ASP A 313 16.79 -27.26 45.39
C ASP A 313 17.98 -26.29 45.39
N LEU A 314 18.69 -26.19 46.50
CA LEU A 314 19.87 -25.33 46.56
C LEU A 314 20.82 -25.46 45.37
N ALA A 315 21.12 -26.69 44.94
CA ALA A 315 22.08 -26.95 43.88
C ALA A 315 21.58 -26.33 42.58
N PHE A 316 20.32 -26.58 42.26
CA PHE A 316 19.70 -25.93 41.10
C PHE A 316 19.77 -24.40 41.21
N GLN A 317 19.34 -23.89 42.35
CA GLN A 317 19.36 -22.44 42.56
C GLN A 317 20.77 -21.87 42.44
N ASP A 318 21.79 -22.59 42.92
CA ASP A 318 23.17 -22.15 42.85
C ASP A 318 23.62 -22.07 41.39
N SER A 319 23.20 -23.06 40.60
CA SER A 319 23.68 -23.12 39.23
C SER A 319 22.98 -22.06 38.36
N VAL A 320 21.71 -21.78 38.62
CA VAL A 320 21.10 -20.59 38.00
C VAL A 320 21.78 -19.25 38.37
N ASP A 321 22.04 -19.01 39.66
CA ASP A 321 22.80 -17.84 40.10
C ASP A 321 24.12 -17.69 39.33
N ALA A 322 24.86 -18.77 39.14
CA ALA A 322 26.15 -18.75 38.44
C ALA A 322 25.98 -18.38 36.99
N LEU A 323 24.99 -18.99 36.33
CA LEU A 323 24.68 -18.68 34.94
C LEU A 323 24.41 -17.18 34.77
N LEU A 324 23.49 -16.66 35.59
CA LEU A 324 23.11 -15.25 35.45
C LEU A 324 24.34 -14.37 35.66
N LYS A 325 25.15 -14.74 36.63
CA LYS A 325 26.34 -13.98 36.91
C LYS A 325 27.35 -14.09 35.76
N SER A 326 27.49 -15.29 35.20
CA SER A 326 28.34 -15.47 34.03
C SER A 326 27.91 -14.62 32.81
N TYR A 327 26.66 -14.77 32.38
CA TYR A 327 26.13 -13.91 31.35
C TYR A 327 26.17 -12.41 31.63
N PHE A 328 25.75 -11.98 32.81
CA PHE A 328 25.78 -10.53 33.06
C PHE A 328 27.17 -9.92 32.97
N ASN A 329 28.19 -10.58 33.53
CA ASN A 329 29.56 -10.08 33.44
C ASN A 329 30.07 -10.04 32.00
N SER A 330 29.71 -11.04 31.21
CA SER A 330 30.07 -11.03 29.79
C SER A 330 29.47 -9.80 29.10
N GLU A 331 28.19 -9.54 29.38
CA GLU A 331 27.53 -8.38 28.77
C GLU A 331 28.07 -7.07 29.30
N LEU A 332 28.58 -7.06 30.52
CA LEU A 332 29.34 -5.90 30.98
C LEU A 332 30.68 -5.79 30.25
N GLY A 333 31.26 -6.96 29.94
CA GLY A 333 32.56 -7.06 29.28
C GLY A 333 32.51 -6.38 27.93
N ASN A 334 31.44 -6.62 27.17
CA ASN A 334 31.36 -6.06 25.81
C ASN A 334 30.60 -4.75 25.77
N GLY A 335 30.06 -4.31 26.91
CA GLY A 335 29.46 -2.98 27.01
C GLY A 335 27.93 -2.97 26.95
N GLY A 336 27.33 -4.08 26.55
CA GLY A 336 25.88 -4.12 26.37
C GLY A 336 25.08 -3.91 27.65
N ALA A 337 25.66 -4.28 28.78
CA ALA A 337 24.92 -4.23 30.04
C ALA A 337 25.24 -3.00 30.88
N LYS A 338 25.91 -2.01 30.28
CA LYS A 338 26.46 -0.89 31.03
C LYS A 338 25.42 -0.14 31.88
N TYR A 339 24.27 0.14 31.27
CA TYR A 339 23.17 0.81 32.00
C TYR A 339 22.03 -0.10 32.38
N SER A 340 22.28 -1.41 32.40
CA SER A 340 21.30 -2.42 32.83
C SER A 340 21.28 -2.55 34.35
N GLU A 341 20.10 -2.50 34.96
CA GLU A 341 20.01 -2.67 36.42
C GLU A 341 20.23 -4.08 36.93
N GLY A 342 20.38 -5.07 36.06
CA GLY A 342 20.63 -6.42 36.56
C GLY A 342 19.93 -7.44 35.69
N VAL A 343 19.82 -8.69 36.14
CA VAL A 343 19.21 -9.71 35.32
C VAL A 343 18.47 -10.65 36.28
N TYR A 344 17.31 -11.15 35.88
CA TYR A 344 16.43 -11.91 36.77
C TYR A 344 15.84 -13.10 35.99
N ALA A 345 15.63 -14.22 36.67
CA ALA A 345 15.08 -15.43 36.08
C ALA A 345 14.26 -16.12 37.14
N VAL A 346 13.11 -16.64 36.74
CA VAL A 346 12.25 -17.40 37.63
C VAL A 346 11.84 -18.60 36.78
N ALA A 347 12.01 -19.78 37.35
CA ALA A 347 11.58 -21.02 36.71
C ALA A 347 10.46 -21.62 37.55
N LEU A 348 9.41 -22.10 36.89
CA LEU A 348 8.26 -22.73 37.58
C LEU A 348 7.91 -24.07 36.95
N ASN A 349 7.37 -25.00 37.74
CA ASN A 349 6.76 -26.22 37.25
C ASN A 349 5.35 -25.79 36.86
N PRO A 350 5.03 -25.82 35.56
CA PRO A 350 3.73 -25.33 35.04
C PRO A 350 2.57 -26.28 35.37
N GLN A 351 2.87 -27.48 35.86
CA GLN A 351 1.81 -28.45 36.19
C GLN A 351 1.29 -28.22 37.60
N THR A 352 2.09 -27.59 38.46
CA THR A 352 1.76 -27.52 39.89
C THR A 352 1.98 -26.14 40.53
N GLY A 353 2.75 -25.27 39.88
CA GLY A 353 3.02 -23.97 40.48
C GLY A 353 4.27 -24.02 41.35
N ALA A 354 4.87 -25.19 41.50
CA ALA A 354 6.10 -25.29 42.29
C ALA A 354 7.19 -24.36 41.77
N VAL A 355 7.89 -23.67 42.67
CA VAL A 355 8.95 -22.75 42.27
C VAL A 355 10.26 -23.51 42.16
N LEU A 356 10.84 -23.57 40.95
CA LEU A 356 12.09 -24.30 40.75
C LEU A 356 13.29 -23.44 41.12
N SER A 357 13.24 -22.15 40.80
CA SER A 357 14.19 -21.18 41.31
C SER A 357 13.72 -19.77 40.99
N MET A 358 14.17 -18.84 41.81
CA MET A 358 13.92 -17.42 41.69
C MET A 358 15.27 -16.75 41.92
N SER A 359 15.89 -16.24 40.86
CA SER A 359 17.27 -15.76 40.93
C SER A 359 17.32 -14.34 40.43
N GLY A 360 18.16 -13.52 41.05
CA GLY A 360 18.31 -12.15 40.56
C GLY A 360 19.68 -11.62 40.87
N LEU A 361 20.20 -10.79 39.98
CA LEU A 361 21.51 -10.19 40.18
C LEU A 361 21.30 -8.72 39.96
N LYS A 362 21.65 -7.91 40.94
CA LYS A 362 21.38 -6.49 40.88
C LYS A 362 22.66 -5.79 40.51
N HIS A 363 22.56 -4.89 39.54
CA HIS A 363 23.70 -4.09 39.11
C HIS A 363 23.44 -2.62 39.46
N ASP A 364 24.18 -2.13 40.44
CA ASP A 364 24.08 -0.75 40.92
C ASP A 364 24.62 0.24 39.90
N LEU A 365 23.76 1.14 39.43
CA LEU A 365 24.15 2.06 38.37
C LEU A 365 25.01 3.22 38.87
N LYS A 366 25.23 3.31 40.18
CA LYS A 366 26.12 4.35 40.69
C LYS A 366 27.49 3.81 41.08
N THR A 367 27.52 2.66 41.74
CA THR A 367 28.77 2.10 42.24
C THR A 367 29.30 0.99 41.33
N GLY A 368 28.41 0.40 40.53
CA GLY A 368 28.80 -0.65 39.60
C GLY A 368 28.77 -2.00 40.27
N GLU A 369 28.57 -2.04 41.57
CA GLU A 369 28.63 -3.30 42.31
C GLU A 369 27.50 -4.25 41.90
N LEU A 370 27.76 -5.55 41.97
CA LEU A 370 26.77 -6.59 41.68
C LEU A 370 26.43 -7.31 42.97
N THR A 371 25.13 -7.50 43.23
CA THR A 371 24.70 -8.15 44.47
C THR A 371 23.54 -9.12 44.15
N PRO A 372 23.51 -10.24 44.87
CA PRO A 372 22.39 -11.16 44.74
C PRO A 372 21.08 -10.46 45.08
N ASP A 373 20.03 -10.78 44.33
CA ASP A 373 18.77 -10.07 44.49
C ASP A 373 17.57 -10.95 44.17
N SER A 374 17.54 -12.13 44.77
CA SER A 374 16.45 -13.09 44.53
C SER A 374 15.07 -12.47 44.74
N LEU A 375 14.92 -11.62 45.75
CA LEU A 375 13.62 -10.98 46.04
C LEU A 375 13.23 -10.01 44.94
N GLY A 376 14.19 -9.61 44.10
CA GLY A 376 13.86 -8.77 42.95
C GLY A 376 12.81 -9.39 42.04
N THR A 377 12.72 -10.71 42.07
CA THR A 377 11.80 -11.43 41.22
C THR A 377 10.35 -11.13 41.58
N VAL A 378 10.07 -10.79 42.83
CA VAL A 378 8.72 -10.49 43.30
C VAL A 378 8.56 -9.02 43.67
N THR A 379 9.64 -8.24 43.71
CA THR A 379 9.52 -6.87 44.17
C THR A 379 9.81 -5.75 43.16
N ASN A 380 10.51 -6.05 42.07
CA ASN A 380 10.88 -5.01 41.12
C ASN A 380 10.21 -5.21 39.77
N VAL A 381 10.01 -4.12 39.03
CA VAL A 381 9.19 -4.21 37.83
C VAL A 381 9.95 -3.71 36.62
N PHE A 382 9.61 -4.21 35.44
CA PHE A 382 10.37 -3.98 34.21
C PHE A 382 9.42 -3.91 33.03
N VAL A 383 9.78 -3.12 32.01
CA VAL A 383 9.05 -3.16 30.75
C VAL A 383 9.26 -4.54 30.18
N PRO A 384 8.18 -5.21 29.78
CA PRO A 384 8.30 -6.63 29.43
C PRO A 384 8.64 -6.85 27.97
N GLY A 385 8.35 -5.89 27.11
CA GLY A 385 8.60 -5.99 25.68
C GLY A 385 7.78 -7.09 25.01
N SER A 386 8.31 -7.64 23.93
CA SER A 386 7.55 -8.46 22.98
C SER A 386 7.11 -9.83 23.49
N VAL A 387 7.60 -10.25 24.64
CA VAL A 387 7.16 -11.51 25.20
C VAL A 387 5.63 -11.55 25.33
N VAL A 388 5.00 -10.41 25.59
CA VAL A 388 3.59 -10.38 25.93
C VAL A 388 2.64 -10.48 24.75
N LYS A 389 3.15 -10.65 23.53
CA LYS A 389 2.30 -10.57 22.36
C LYS A 389 1.19 -11.62 22.28
N ALA A 390 1.43 -12.78 22.88
CA ALA A 390 0.42 -13.83 22.95
C ALA A 390 -0.79 -13.45 23.82
N ALA A 391 -0.58 -12.60 24.82
CA ALA A 391 -1.71 -12.18 25.64
C ALA A 391 -2.57 -11.18 24.88
N THR A 392 -1.95 -10.33 24.07
CA THR A 392 -2.71 -9.36 23.25
C THR A 392 -3.58 -10.01 22.19
N ILE A 393 -3.04 -11.02 21.50
CA ILE A 393 -3.82 -11.84 20.61
C ILE A 393 -4.97 -12.51 21.36
N SER A 394 -4.72 -13.03 22.55
CA SER A 394 -5.80 -13.65 23.32
C SER A 394 -6.95 -12.63 23.51
N SER A 395 -6.61 -11.41 23.85
CA SER A 395 -7.60 -10.36 24.04
C SER A 395 -8.39 -10.11 22.76
N GLY A 396 -7.73 -10.24 21.61
CA GLY A 396 -8.37 -10.18 20.30
C GLY A 396 -9.42 -11.26 20.10
N TRP A 397 -9.11 -12.49 20.48
CA TRP A 397 -10.10 -13.56 20.42
C TRP A 397 -11.28 -13.31 21.38
N GLU A 398 -11.00 -12.92 22.64
CA GLU A 398 -12.03 -12.71 23.65
C GLU A 398 -13.05 -11.64 23.30
N ASN A 399 -12.57 -10.58 22.66
CA ASN A 399 -13.40 -9.43 22.35
C ASN A 399 -13.94 -9.40 20.91
N GLY A 400 -13.93 -10.54 20.23
CA GLY A 400 -14.55 -10.62 18.90
C GLY A 400 -13.79 -9.90 17.78
N VAL A 401 -12.51 -9.63 17.98
CA VAL A 401 -11.73 -8.94 16.96
C VAL A 401 -11.10 -9.91 15.96
N LEU A 402 -10.73 -11.09 16.42
CA LEU A 402 -9.93 -12.02 15.63
C LEU A 402 -10.65 -13.35 15.64
N SER A 403 -10.59 -14.05 14.50
CA SER A 403 -11.19 -15.37 14.44
C SER A 403 -10.19 -16.47 14.10
N GLY A 404 -9.89 -17.35 15.05
CA GLY A 404 -8.88 -18.38 14.80
C GLY A 404 -7.56 -17.76 14.33
N ASN A 405 -6.87 -18.46 13.45
CA ASN A 405 -5.52 -18.11 13.03
C ASN A 405 -5.60 -17.14 11.86
N GLN A 406 -6.24 -16.00 12.14
CA GLN A 406 -6.60 -14.98 11.15
C GLN A 406 -5.43 -14.23 10.51
N THR A 407 -5.54 -13.97 9.21
CA THR A 407 -4.54 -13.24 8.45
C THR A 407 -4.79 -11.75 8.46
N LEU A 408 -3.74 -10.98 8.71
CA LEU A 408 -3.83 -9.53 8.65
C LEU A 408 -2.65 -9.12 7.76
N THR A 409 -2.63 -7.84 7.38
CA THR A 409 -1.49 -7.33 6.63
C THR A 409 -0.51 -6.73 7.62
N ASP A 410 0.73 -7.24 7.57
CA ASP A 410 1.84 -6.58 8.23
C ASP A 410 2.21 -5.38 7.36
N GLN A 411 2.07 -4.19 7.94
CA GLN A 411 2.37 -2.91 7.29
C GLN A 411 2.70 -1.92 8.41
N PRO A 412 3.39 -0.82 8.09
CA PRO A 412 3.57 0.20 9.13
C PRO A 412 2.19 0.70 9.53
N ILE A 413 2.02 1.10 10.79
CA ILE A 413 0.71 1.51 11.25
C ILE A 413 0.80 3.00 11.44
N VAL A 414 -0.05 3.74 10.74
CA VAL A 414 0.05 5.19 10.71
C VAL A 414 -1.26 5.83 11.15
N PHE A 415 -1.27 6.41 12.35
CA PHE A 415 -2.44 7.09 12.90
C PHE A 415 -2.09 8.58 12.91
N GLN A 416 -3.08 9.44 12.68
CA GLN A 416 -2.93 10.88 12.91
C GLN A 416 -2.44 11.15 14.32
N GLY A 417 -1.43 11.99 14.47
CA GLY A 417 -0.98 12.37 15.79
C GLY A 417 0.13 11.53 16.40
N SER A 418 0.61 10.49 15.71
CA SER A 418 1.78 9.75 16.20
C SER A 418 2.70 9.22 15.11
N ALA A 419 3.96 9.00 15.47
CA ALA A 419 4.97 8.48 14.55
C ALA A 419 4.49 7.14 14.03
N PRO A 420 4.85 6.77 12.80
CA PRO A 420 4.47 5.48 12.24
C PRO A 420 5.07 4.36 13.08
N ILE A 421 4.35 3.25 13.20
CA ILE A 421 4.83 2.11 13.99
C ILE A 421 5.33 0.99 13.08
N TYR A 422 6.55 0.52 13.36
CA TYR A 422 7.20 -0.56 12.59
C TYR A 422 7.57 -1.71 13.52
N SER A 423 7.97 -2.83 12.91
CA SER A 423 8.50 -3.96 13.65
C SER A 423 10.03 -3.90 13.55
N TRP A 424 10.73 -4.86 14.14
CA TRP A 424 12.19 -4.85 14.13
C TRP A 424 12.74 -4.90 12.70
N TYR A 425 11.99 -5.48 11.77
CA TYR A 425 12.42 -5.60 10.38
C TYR A 425 12.03 -4.44 9.44
N LYS A 426 11.36 -3.43 9.96
CA LYS A 426 11.03 -2.20 9.23
C LYS A 426 10.41 -2.45 7.86
N LEU A 427 11.11 -1.95 6.82
CA LEU A 427 10.61 -1.91 5.46
C LEU A 427 11.20 -3.05 4.62
N ALA A 428 12.09 -3.82 5.24
CA ALA A 428 12.89 -4.82 4.53
C ALA A 428 12.13 -5.81 3.66
N TYR A 429 10.95 -6.25 4.09
CA TYR A 429 10.15 -7.14 3.25
C TYR A 429 8.86 -6.50 2.75
N GLY A 430 8.81 -5.17 2.71
CA GLY A 430 7.56 -4.48 2.38
C GLY A 430 6.39 -4.88 3.26
N SER A 431 5.19 -4.81 2.69
CA SER A 431 3.95 -5.24 3.35
C SER A 431 3.58 -6.64 2.88
N PHE A 432 3.02 -7.44 3.78
CA PHE A 432 2.77 -8.83 3.45
C PHE A 432 1.75 -9.42 4.40
N PRO A 433 1.06 -10.47 3.95
CA PRO A 433 0.10 -11.18 4.79
C PRO A 433 0.82 -11.97 5.88
N ILE A 434 0.16 -12.06 7.04
CA ILE A 434 0.71 -12.70 8.24
C ILE A 434 -0.44 -13.30 9.08
N THR A 435 -0.33 -14.57 9.43
CA THR A 435 -1.25 -15.25 10.34
C THR A 435 -0.88 -15.00 11.81
N ALA A 436 -1.69 -15.54 12.72
CA ALA A 436 -1.47 -15.28 14.14
C ALA A 436 -0.19 -16.02 14.59
N VAL A 437 -0.02 -17.22 14.07
CA VAL A 437 1.16 -18.05 14.33
C VAL A 437 2.43 -17.31 13.90
N GLU A 438 2.39 -16.68 12.72
CA GLU A 438 3.53 -16.02 12.10
C GLU A 438 3.80 -14.69 12.77
N ALA A 439 2.72 -13.99 13.15
CA ALA A 439 2.83 -12.84 14.02
C ALA A 439 3.67 -13.12 15.26
N LEU A 440 3.47 -14.26 15.88
CA LEU A 440 4.28 -14.63 17.03
C LEU A 440 5.70 -14.99 16.61
N GLU A 441 5.81 -15.79 15.54
CA GLU A 441 7.11 -16.23 15.01
C GLU A 441 8.06 -15.08 14.68
N TYR A 442 7.50 -14.03 14.07
CA TYR A 442 8.24 -12.85 13.63
C TYR A 442 8.26 -11.67 14.60
N SER A 443 7.42 -11.76 15.64
CA SER A 443 7.26 -10.67 16.58
C SER A 443 6.72 -9.42 15.89
N SER A 444 5.65 -9.61 15.12
CA SER A 444 5.06 -8.51 14.38
C SER A 444 4.35 -7.53 15.31
N ASN A 445 4.77 -6.26 15.28
CA ASN A 445 3.96 -5.22 15.92
C ASN A 445 2.67 -4.89 15.15
N ALA A 446 2.67 -5.03 13.83
CA ALA A 446 1.48 -4.68 13.03
C ALA A 446 0.28 -5.52 13.45
N TYR A 447 0.52 -6.78 13.73
CA TYR A 447 -0.60 -7.70 14.05
C TYR A 447 -1.28 -7.30 15.37
N VAL A 448 -0.50 -6.94 16.39
CA VAL A 448 -1.03 -6.68 17.72
C VAL A 448 -1.58 -5.27 17.86
N VAL A 449 -1.03 -4.32 17.11
CA VAL A 449 -1.53 -2.97 17.08
C VAL A 449 -2.90 -2.91 16.34
N GLN A 450 -3.03 -3.61 15.24
CA GLN A 450 -4.32 -3.77 14.58
C GLN A 450 -5.33 -4.51 15.46
N THR A 451 -4.90 -5.58 16.13
CA THR A 451 -5.76 -6.22 17.13
C THR A 451 -6.25 -5.28 18.21
N ALA A 452 -5.35 -4.51 18.85
CA ALA A 452 -5.77 -3.53 19.86
C ALA A 452 -6.75 -2.48 19.33
N LEU A 453 -6.44 -1.85 18.20
CA LEU A 453 -7.40 -0.92 17.62
C LEU A 453 -8.79 -1.57 17.51
N GLY A 454 -8.83 -2.87 17.21
CA GLY A 454 -10.07 -3.60 17.08
C GLY A 454 -10.82 -3.83 18.39
N ILE A 455 -10.09 -3.90 19.50
CA ILE A 455 -10.75 -3.93 20.81
C ILE A 455 -11.42 -2.58 21.07
N MET A 456 -10.90 -1.53 20.44
CA MET A 456 -11.45 -0.19 20.60
C MET A 456 -12.59 0.03 19.60
N GLY A 457 -13.03 -1.03 18.94
CA GLY A 457 -14.14 -0.99 17.98
C GLY A 457 -13.84 -0.44 16.60
N GLN A 458 -12.57 -0.40 16.20
CA GLN A 458 -12.22 0.24 14.93
C GLN A 458 -11.39 -0.65 13.99
N THR A 459 -11.40 -0.34 12.71
CA THR A 459 -10.68 -1.10 11.70
C THR A 459 -9.59 -0.22 11.11
N TYR A 460 -8.37 -0.74 10.96
CA TYR A 460 -7.24 0.09 10.55
C TYR A 460 -7.35 0.53 9.10
N GLN A 461 -7.16 1.83 8.87
CA GLN A 461 -6.89 2.39 7.55
C GLN A 461 -5.80 3.43 7.74
N PRO A 462 -4.82 3.45 6.84
CA PRO A 462 -3.71 4.40 6.96
C PRO A 462 -4.21 5.82 7.15
N ASN A 463 -3.54 6.59 8.02
CA ASN A 463 -3.77 8.02 8.17
C ASN A 463 -5.12 8.32 8.80
N MET A 464 -5.75 7.32 9.39
CA MET A 464 -7.00 7.53 10.11
C MET A 464 -6.81 8.42 11.35
N PHE A 465 -7.81 9.25 11.63
CA PHE A 465 -7.95 9.99 12.88
C PHE A 465 -8.66 9.01 13.83
N VAL A 466 -8.07 8.74 14.98
CA VAL A 466 -8.67 7.76 15.87
C VAL A 466 -9.63 8.35 16.89
N GLY A 467 -10.85 7.83 16.91
CA GLY A 467 -11.86 8.21 17.93
C GLY A 467 -11.63 7.57 19.29
N THR A 468 -11.63 8.37 20.35
CA THR A 468 -11.19 7.87 21.66
C THR A 468 -12.29 7.67 22.70
N SER A 469 -13.54 7.66 22.22
CA SER A 469 -14.68 7.42 23.11
C SER A 469 -14.58 6.06 23.79
N ASN A 470 -13.99 5.08 23.10
CA ASN A 470 -13.84 3.74 23.65
C ASN A 470 -12.47 3.41 24.24
N LEU A 471 -11.67 4.42 24.56
CA LEU A 471 -10.33 4.23 25.07
C LEU A 471 -10.26 3.59 26.45
N GLU A 472 -11.03 4.10 27.40
CA GLU A 472 -11.00 3.51 28.74
C GLU A 472 -11.49 2.10 28.76
N SER A 473 -12.57 1.88 28.01
CA SER A 473 -13.18 0.57 27.86
C SER A 473 -12.15 -0.41 27.28
N ALA A 474 -11.48 0.02 26.21
CA ALA A 474 -10.46 -0.77 25.51
C ALA A 474 -9.24 -1.12 26.37
N MET A 475 -8.65 -0.12 27.02
CA MET A 475 -7.53 -0.34 27.94
C MET A 475 -7.93 -1.29 29.07
N GLY A 476 -9.18 -1.21 29.51
CA GLY A 476 -9.66 -2.14 30.55
C GLY A 476 -9.74 -3.57 30.07
N LYS A 477 -10.19 -3.77 28.83
CA LYS A 477 -10.32 -5.11 28.29
C LYS A 477 -8.96 -5.77 28.03
N LEU A 478 -8.01 -4.98 27.54
CA LEU A 478 -6.64 -5.43 27.32
C LEU A 478 -6.02 -5.85 28.65
N ARG A 479 -6.06 -4.94 29.64
CA ARG A 479 -5.45 -5.20 30.94
C ARG A 479 -6.13 -6.34 31.69
N SER A 480 -7.40 -6.56 31.37
CA SER A 480 -8.11 -7.69 31.96
C SER A 480 -7.60 -9.01 31.43
N THR A 481 -7.47 -9.12 30.11
CA THR A 481 -6.76 -10.29 29.56
C THR A 481 -5.36 -10.46 30.12
N PHE A 482 -4.52 -9.42 30.08
CA PHE A 482 -3.21 -9.47 30.71
C PHE A 482 -3.26 -10.03 32.15
N GLY A 483 -4.15 -9.51 32.99
CA GLY A 483 -4.40 -10.03 34.33
C GLY A 483 -4.75 -11.51 34.40
N GLU A 484 -5.45 -12.04 33.38
CA GLU A 484 -5.71 -13.48 33.32
C GLU A 484 -4.44 -14.33 33.27
N TYR A 485 -3.32 -13.72 32.89
CA TYR A 485 -2.07 -14.45 32.74
C TYR A 485 -1.12 -14.05 33.85
N GLY A 486 -1.64 -13.19 34.73
CA GLY A 486 -0.86 -12.70 35.86
C GLY A 486 -0.03 -11.48 35.54
N LEU A 487 -0.24 -10.92 34.36
CA LEU A 487 0.48 -9.71 33.98
C LEU A 487 -0.30 -8.48 34.50
N GLY A 488 0.13 -7.89 35.61
CA GLY A 488 -0.58 -6.75 36.21
C GLY A 488 -1.53 -7.15 37.32
N SER A 489 -1.55 -8.43 37.70
CA SER A 489 -2.40 -8.86 38.80
C SER A 489 -1.55 -9.64 39.79
N ALA A 490 -2.05 -9.78 41.03
CA ALA A 490 -1.45 -10.67 42.03
C ALA A 490 -1.21 -12.06 41.48
N THR A 491 -0.03 -12.61 41.77
CA THR A 491 0.32 -13.96 41.33
C THR A 491 -0.20 -15.06 42.25
N GLY A 492 -0.40 -14.73 43.53
CA GLY A 492 -0.77 -15.74 44.53
C GLY A 492 0.42 -16.35 45.27
N ILE A 493 1.62 -15.84 44.99
CA ILE A 493 2.81 -16.48 45.55
C ILE A 493 2.78 -16.41 47.08
N ASP A 494 3.31 -17.45 47.74
CA ASP A 494 3.27 -17.58 49.20
C ASP A 494 4.35 -16.74 49.91
N LEU A 495 4.32 -15.43 49.69
CA LEU A 495 5.16 -14.49 50.41
C LEU A 495 4.25 -13.35 50.82
N PRO A 496 4.55 -12.66 51.92
CA PRO A 496 3.59 -11.69 52.47
C PRO A 496 3.18 -10.58 51.51
N ASP A 497 4.13 -10.05 50.74
N ASP A 497 4.14 -10.04 50.76
CA ASP A 497 3.92 -8.86 49.92
CA ASP A 497 3.84 -8.93 49.88
C ASP A 497 4.66 -8.88 48.58
C ASP A 497 4.65 -9.02 48.60
N GLU A 498 3.94 -9.02 47.48
CA GLU A 498 4.57 -8.97 46.16
C GLU A 498 4.17 -7.66 45.50
N SER A 499 5.05 -7.10 44.67
CA SER A 499 4.60 -6.06 43.73
C SER A 499 3.63 -6.64 42.71
N THR A 500 2.57 -5.91 42.38
CA THR A 500 1.67 -6.32 41.30
C THR A 500 1.90 -5.55 39.99
N GLY A 501 3.00 -4.82 39.92
CA GLY A 501 3.40 -4.14 38.70
C GLY A 501 3.29 -2.61 38.77
N LEU A 502 3.76 -1.93 37.73
CA LEU A 502 3.51 -0.49 37.62
C LEU A 502 2.49 -0.35 36.51
N VAL A 503 1.26 0.04 36.86
CA VAL A 503 0.12 0.02 35.95
C VAL A 503 -0.58 1.37 36.08
N PRO A 504 -0.21 2.32 35.21
CA PRO A 504 -0.69 3.68 35.36
C PRO A 504 -2.18 3.84 35.11
N LYS A 505 -2.85 4.43 36.10
CA LYS A 505 -4.29 4.63 36.04
C LYS A 505 -4.67 5.80 35.14
N GLU A 506 -3.70 6.65 34.88
CA GLU A 506 -3.84 7.76 33.94
C GLU A 506 -3.07 7.37 32.68
N TYR A 507 -3.67 7.53 31.50
CA TYR A 507 -3.01 7.12 30.25
C TYR A 507 -3.74 7.69 29.06
N ASN A 508 -3.07 7.78 27.92
CA ASN A 508 -3.70 8.18 26.66
C ASN A 508 -3.69 7.09 25.59
N PHE A 509 -4.13 7.44 24.39
CA PHE A 509 -4.24 6.48 23.28
C PHE A 509 -2.91 5.87 22.87
N ALA A 510 -1.85 6.68 22.82
CA ALA A 510 -0.52 6.17 22.47
C ALA A 510 -0.05 5.13 23.49
N ASN A 511 -0.37 5.34 24.77
CA ASN A 511 -0.07 4.38 25.82
C ASN A 511 -0.77 3.02 25.67
N PHE A 512 -2.07 3.05 25.36
CA PHE A 512 -2.86 1.85 25.09
C PHE A 512 -2.20 1.04 23.97
N ILE A 513 -1.91 1.71 22.85
CA ILE A 513 -1.23 1.09 21.72
C ILE A 513 0.12 0.46 22.13
N THR A 514 0.99 1.20 22.81
CA THR A 514 2.27 0.62 23.24
C THR A 514 2.09 -0.52 24.25
N ASN A 515 1.05 -0.46 25.08
CA ASN A 515 0.81 -1.54 26.05
C ASN A 515 0.62 -2.85 25.30
N ALA A 516 0.05 -2.76 24.10
CA ALA A 516 -0.25 -3.93 23.25
C ALA A 516 0.98 -4.72 22.79
N PHE A 517 2.13 -4.06 22.75
CA PHE A 517 3.36 -4.77 22.43
C PHE A 517 4.37 -4.63 23.55
N GLY A 518 3.87 -4.38 24.77
CA GLY A 518 4.66 -4.51 25.97
C GLY A 518 5.62 -3.37 26.24
N GLN A 519 5.22 -2.16 25.86
CA GLN A 519 5.99 -0.98 26.18
C GLN A 519 5.18 0.02 27.00
N PHE A 520 4.39 -0.42 27.97
CA PHE A 520 3.74 0.56 28.84
C PHE A 520 3.71 0.01 30.27
N ASP A 521 2.79 -0.90 30.59
CA ASP A 521 2.77 -1.39 31.97
C ASP A 521 4.07 -2.18 32.22
N ASN A 522 4.65 -2.07 33.42
CA ASN A 522 5.79 -2.85 33.92
C ASN A 522 5.37 -4.01 34.84
N TYR A 523 6.03 -5.17 34.70
CA TYR A 523 5.69 -6.37 35.43
C TYR A 523 6.91 -6.93 36.15
N THR A 524 6.69 -7.75 37.18
CA THR A 524 7.79 -8.44 37.88
C THR A 524 8.19 -9.72 37.14
N PRO A 525 9.39 -10.25 37.43
CA PRO A 525 9.80 -11.49 36.78
C PRO A 525 8.90 -12.67 37.18
N MET A 526 8.36 -12.70 38.40
CA MET A 526 7.44 -13.74 38.82
C MET A 526 6.15 -13.72 37.98
N GLN A 527 5.61 -12.53 37.73
CA GLN A 527 4.42 -12.38 36.87
C GLN A 527 4.70 -12.91 35.45
N LEU A 528 5.88 -12.59 34.92
CA LEU A 528 6.24 -13.05 33.55
C LEU A 528 6.47 -14.56 33.50
N ALA A 529 6.99 -15.17 34.58
CA ALA A 529 7.00 -16.64 34.63
C ALA A 529 5.60 -17.26 34.70
N GLN A 530 4.70 -16.68 35.50
CA GLN A 530 3.37 -17.27 35.66
C GLN A 530 2.65 -17.16 34.31
N TYR A 531 2.94 -16.11 33.56
CA TYR A 531 2.29 -15.91 32.27
C TYR A 531 2.67 -17.05 31.31
N VAL A 532 3.98 -17.29 31.13
CA VAL A 532 4.35 -18.38 30.22
C VAL A 532 3.96 -19.74 30.78
N ALA A 533 3.95 -19.90 32.11
CA ALA A 533 3.52 -21.18 32.73
C ALA A 533 2.05 -21.46 32.48
N THR A 534 1.24 -20.39 32.46
CA THR A 534 -0.19 -20.47 32.17
C THR A 534 -0.44 -20.97 30.75
N ILE A 535 0.28 -20.41 29.79
CA ILE A 535 0.29 -20.95 28.44
C ILE A 535 0.69 -22.42 28.41
N ALA A 536 1.74 -22.74 29.13
CA ALA A 536 2.24 -24.11 29.15
C ALA A 536 1.25 -25.07 29.83
N ASN A 537 0.35 -24.57 30.66
CA ASN A 537 -0.62 -25.41 31.36
C ASN A 537 -2.00 -25.25 30.73
N ASN A 538 -1.99 -24.86 29.46
CA ASN A 538 -3.22 -24.76 28.66
C ASN A 538 -4.30 -23.81 29.16
N GLY A 539 -3.87 -22.70 29.74
CA GLY A 539 -4.77 -21.61 30.10
C GLY A 539 -5.20 -21.64 31.56
N VAL A 540 -4.84 -22.68 32.28
CA VAL A 540 -5.11 -22.74 33.72
C VAL A 540 -3.95 -22.18 34.54
N ARG A 541 -4.19 -21.00 35.10
CA ARG A 541 -3.15 -20.26 35.77
C ARG A 541 -3.03 -20.72 37.21
N LEU A 542 -1.82 -20.99 37.65
CA LEU A 542 -1.59 -21.62 38.94
C LEU A 542 -0.77 -20.71 39.84
N ALA A 543 -1.14 -20.64 41.12
CA ALA A 543 -0.36 -19.85 42.06
C ALA A 543 1.01 -20.52 42.21
N PRO A 544 2.08 -19.71 42.16
CA PRO A 544 3.42 -20.21 42.40
C PRO A 544 3.59 -20.43 43.89
N HIS A 545 4.26 -21.52 44.27
CA HIS A 545 4.41 -21.80 45.69
C HIS A 545 5.84 -22.27 45.90
N ILE A 546 6.50 -21.67 46.90
CA ILE A 546 7.88 -21.96 47.22
C ILE A 546 7.96 -23.13 48.21
N VAL A 547 6.90 -23.29 49.02
CA VAL A 547 6.83 -24.40 49.96
C VAL A 547 6.18 -25.62 49.32
N GLU A 548 6.78 -26.79 49.53
CA GLU A 548 6.32 -28.03 48.90
C GLU A 548 5.41 -28.82 49.84
N GLY A 549 5.74 -28.81 51.12
CA GLY A 549 4.91 -29.55 52.10
C GLY A 549 5.20 -29.18 53.54
N ILE A 550 4.30 -29.54 54.45
CA ILE A 550 4.59 -29.37 55.86
C ILE A 550 4.94 -30.74 56.42
N TYR A 551 6.00 -30.82 57.20
CA TYR A 551 6.51 -32.10 57.70
C TYR A 551 6.58 -32.12 59.20
N ASP A 552 6.49 -33.32 59.77
CA ASP A 552 6.63 -33.53 61.20
C ASP A 552 8.11 -33.57 61.55
N ASN A 553 8.39 -33.50 62.86
CA ASN A 553 9.72 -33.71 63.41
C ASN A 553 9.98 -35.19 63.67
N ASN A 554 11.20 -35.63 63.44
CA ASN A 554 11.59 -37.01 63.74
C ASN A 554 12.11 -37.13 65.17
N ASP A 555 12.59 -38.32 65.54
CA ASP A 555 13.17 -38.58 66.86
C ASP A 555 14.12 -37.48 67.32
N LYS A 556 15.12 -37.21 66.49
CA LYS A 556 16.20 -36.29 66.80
C LYS A 556 15.80 -34.81 66.68
N GLY A 557 14.65 -34.55 66.06
CA GLY A 557 14.18 -33.18 65.86
C GLY A 557 14.38 -32.60 64.47
N GLY A 558 14.92 -33.40 63.55
CA GLY A 558 15.10 -32.97 62.17
C GLY A 558 13.92 -33.27 61.25
N LEU A 559 14.09 -33.06 59.95
CA LEU A 559 13.02 -33.24 58.99
C LEU A 559 12.45 -34.64 59.17
N GLY A 560 11.17 -34.74 59.52
CA GLY A 560 10.54 -36.03 59.74
C GLY A 560 9.68 -36.44 58.57
N GLU A 561 8.43 -36.81 58.84
CA GLU A 561 7.55 -37.30 57.78
C GLU A 561 6.42 -36.36 57.33
N LEU A 562 5.97 -36.53 56.10
CA LEU A 562 4.93 -35.68 55.51
C LEU A 562 3.64 -35.52 56.32
N ILE A 563 3.33 -34.30 56.74
CA ILE A 563 2.03 -34.06 57.37
C ILE A 563 1.01 -33.74 56.28
N GLN A 564 1.36 -32.80 55.40
CA GLN A 564 0.42 -32.30 54.39
C GLN A 564 1.15 -31.59 53.25
N ALA A 565 0.98 -32.07 52.03
CA ALA A 565 1.60 -31.43 50.89
C ALA A 565 0.83 -30.16 50.55
N ILE A 566 1.50 -29.17 49.96
CA ILE A 566 0.79 -27.97 49.54
C ILE A 566 0.18 -28.21 48.18
N ASP A 567 -1.15 -28.23 48.17
CA ASP A 567 -1.90 -28.63 46.99
C ASP A 567 -1.86 -27.57 45.89
N THR A 568 -2.05 -28.01 44.66
CA THR A 568 -2.00 -27.09 43.53
C THR A 568 -3.22 -26.16 43.57
N LYS A 569 -3.03 -24.87 43.30
CA LYS A 569 -4.14 -23.95 43.43
C LYS A 569 -4.45 -23.24 42.12
N GLU A 570 -5.60 -23.56 41.53
CA GLU A 570 -6.05 -22.93 40.29
C GLU A 570 -6.69 -21.58 40.58
N ILE A 571 -6.25 -20.54 39.87
CA ILE A 571 -6.71 -19.17 40.13
C ILE A 571 -7.81 -18.74 39.15
N ASN A 572 -7.65 -19.12 37.89
CA ASN A 572 -8.61 -18.84 36.83
C ASN A 572 -8.24 -19.66 35.61
N LYS A 573 -9.14 -19.67 34.61
CA LYS A 573 -8.86 -20.30 33.33
C LYS A 573 -8.99 -19.21 32.29
N VAL A 574 -7.95 -18.98 31.49
CA VAL A 574 -8.00 -17.98 30.42
C VAL A 574 -9.16 -18.28 29.47
N ASN A 575 -9.91 -17.23 29.10
CA ASN A 575 -11.17 -17.36 28.36
C ASN A 575 -11.00 -17.45 26.84
N ILE A 576 -10.18 -18.41 26.40
CA ILE A 576 -10.06 -18.61 24.96
C ILE A 576 -10.25 -20.10 24.71
N SER A 577 -10.67 -20.46 23.51
CA SER A 577 -10.98 -21.85 23.19
C SER A 577 -9.72 -22.71 23.21
N GLU A 578 -9.91 -24.02 23.29
N GLU A 578 -9.92 -24.02 23.24
CA GLU A 578 -8.81 -24.95 23.18
CA GLU A 578 -8.82 -24.98 23.17
C GLU A 578 -8.02 -24.79 21.87
C GLU A 578 -8.06 -24.95 21.85
N SER A 579 -8.70 -24.49 20.78
CA SER A 579 -8.03 -24.42 19.48
C SER A 579 -7.28 -23.09 19.28
N ASP A 580 -7.79 -22.02 19.89
CA ASP A 580 -7.02 -20.79 20.05
C ASP A 580 -5.71 -20.98 20.84
N MET A 581 -5.76 -21.64 21.99
CA MET A 581 -4.57 -21.97 22.74
C MET A 581 -3.58 -22.80 21.91
N ALA A 582 -4.11 -23.64 21.02
CA ALA A 582 -3.27 -24.47 20.16
C ALA A 582 -2.55 -23.57 19.15
N ILE A 583 -3.18 -22.47 18.74
CA ILE A 583 -2.54 -21.49 17.89
C ILE A 583 -1.38 -20.81 18.62
N LEU A 584 -1.57 -20.42 19.88
CA LEU A 584 -0.47 -19.82 20.63
C LEU A 584 0.70 -20.80 20.73
N HIS A 585 0.43 -22.06 21.08
CA HIS A 585 1.43 -23.13 21.15
C HIS A 585 2.22 -23.35 19.85
N GLN A 586 1.56 -23.20 18.70
CA GLN A 586 2.23 -23.34 17.40
C GLN A 586 3.12 -22.12 17.14
N GLY A 587 2.64 -20.94 17.52
CA GLY A 587 3.48 -19.76 17.39
C GLY A 587 4.76 -19.81 18.21
N PHE A 588 4.64 -20.18 19.48
CA PHE A 588 5.82 -20.31 20.36
C PHE A 588 6.75 -21.42 19.87
N TYR A 589 6.18 -22.41 19.19
CA TYR A 589 7.00 -23.51 18.71
C TYR A 589 7.82 -23.08 17.48
N GLN A 590 7.19 -22.33 16.58
CA GLN A 590 7.84 -21.79 15.40
C GLN A 590 8.84 -20.65 15.68
N VAL A 591 8.67 -19.96 16.80
CA VAL A 591 9.64 -18.95 17.22
C VAL A 591 11.00 -19.64 17.36
N SER A 592 10.99 -20.90 17.79
CA SER A 592 12.23 -21.60 18.08
C SER A 592 12.61 -22.65 17.03
N HIS A 593 11.72 -22.97 16.10
CA HIS A 593 11.94 -24.03 15.12
C HIS A 593 11.79 -23.56 13.68
N GLY A 594 11.41 -22.30 13.50
CA GLY A 594 11.12 -21.78 12.17
C GLY A 594 12.32 -21.63 11.24
N THR A 595 12.06 -21.45 9.95
CA THR A 595 13.14 -21.35 8.97
C THR A 595 13.03 -20.13 8.08
N SER A 596 12.34 -19.10 8.57
CA SER A 596 12.21 -17.84 7.84
C SER A 596 13.36 -16.90 8.20
N PRO A 597 13.72 -16.01 7.28
CA PRO A 597 14.63 -14.93 7.70
C PRO A 597 14.07 -14.09 8.86
N LEU A 598 12.78 -14.22 9.15
CA LEU A 598 12.14 -13.42 10.21
C LEU A 598 11.92 -14.21 11.50
N THR A 599 12.24 -15.50 11.48
CA THR A 599 12.16 -16.30 12.68
C THR A 599 13.06 -15.68 13.75
N THR A 600 12.50 -15.44 14.93
CA THR A 600 13.21 -14.65 15.94
C THR A 600 13.91 -15.48 17.00
N GLY A 601 13.58 -16.77 17.13
CA GLY A 601 14.07 -17.50 18.29
C GLY A 601 14.83 -18.81 18.13
N ARG A 602 15.47 -19.01 16.99
CA ARG A 602 16.27 -20.23 16.83
C ARG A 602 17.37 -20.39 17.90
N ALA A 603 17.80 -19.31 18.53
CA ALA A 603 18.76 -19.48 19.63
C ALA A 603 18.27 -20.39 20.77
N PHE A 604 16.94 -20.45 20.96
CA PHE A 604 16.31 -21.36 21.94
C PHE A 604 16.68 -22.84 21.69
N SER A 605 16.74 -23.25 20.43
CA SER A 605 16.93 -24.67 20.07
C SER A 605 18.40 -25.04 19.92
N ASP A 606 19.27 -24.05 19.83
CA ASP A 606 20.70 -24.27 19.53
C ASP A 606 21.44 -24.90 20.71
N GLY A 607 21.59 -26.22 20.68
CA GLY A 607 22.14 -26.95 21.82
C GLY A 607 21.09 -27.34 22.86
N ALA A 608 19.82 -27.21 22.50
CA ALA A 608 18.70 -27.67 23.33
C ALA A 608 18.62 -29.19 23.48
N THR A 609 18.57 -29.68 24.73
CA THR A 609 18.51 -31.12 24.99
C THR A 609 17.09 -31.67 25.05
N VAL A 610 16.10 -30.77 25.11
CA VAL A 610 14.68 -31.10 24.91
C VAL A 610 14.11 -30.04 23.99
N SER A 611 12.97 -30.35 23.36
CA SER A 611 12.26 -29.41 22.51
C SER A 611 11.72 -28.24 23.35
N ILE A 612 12.10 -27.04 22.96
CA ILE A 612 11.79 -25.79 23.65
C ILE A 612 10.88 -24.93 22.78
N SER A 613 9.82 -24.40 23.40
CA SER A 613 8.94 -23.40 22.78
C SER A 613 9.07 -22.10 23.57
N GLY A 614 8.95 -20.95 22.92
CA GLY A 614 9.13 -19.71 23.66
C GLY A 614 8.81 -18.47 22.87
N LYS A 615 9.24 -17.32 23.38
CA LYS A 615 8.97 -16.03 22.72
C LYS A 615 10.04 -15.04 23.20
N THR A 616 10.61 -14.29 22.28
CA THR A 616 11.64 -13.28 22.59
C THR A 616 11.06 -11.88 22.81
N GLY A 617 11.88 -11.03 23.43
CA GLY A 617 11.48 -9.72 23.96
C GLY A 617 12.16 -8.56 23.26
N THR A 630 17.49 -1.10 25.40
CA THR A 630 16.17 -1.72 25.35
C THR A 630 16.23 -3.15 25.91
N ASN A 631 15.06 -3.78 26.08
CA ASN A 631 15.00 -5.07 26.79
C ASN A 631 15.27 -6.33 25.92
N THR A 632 16.11 -7.23 26.45
CA THR A 632 16.34 -8.58 25.89
C THR A 632 15.63 -9.72 26.65
N ASN A 633 14.32 -9.60 26.86
CA ASN A 633 13.62 -10.54 27.73
C ASN A 633 13.24 -11.80 26.95
N ALA A 634 12.91 -12.89 27.66
CA ALA A 634 12.53 -14.12 26.96
C ALA A 634 11.67 -14.95 27.90
N VAL A 635 10.69 -15.67 27.35
CA VAL A 635 9.93 -16.68 28.10
C VAL A 635 9.98 -17.99 27.30
N ALA A 636 9.93 -19.13 27.97
CA ALA A 636 10.03 -20.43 27.30
C ALA A 636 9.41 -21.52 28.17
N TYR A 637 8.99 -22.63 27.56
CA TYR A 637 8.69 -23.85 28.30
C TYR A 637 9.17 -25.10 27.56
N ALA A 638 9.16 -26.24 28.25
CA ALA A 638 9.72 -27.48 27.72
C ALA A 638 9.43 -28.63 28.68
N PRO A 639 9.38 -29.86 28.16
CA PRO A 639 9.45 -30.06 26.72
C PRO A 639 8.17 -29.65 26.01
N THR A 640 8.28 -29.24 24.76
CA THR A 640 7.11 -28.77 24.03
C THR A 640 5.90 -29.65 24.30
N GLU A 641 6.06 -30.97 24.19
CA GLU A 641 4.88 -31.83 24.12
C GLU A 641 4.29 -32.12 25.50
N ASN A 642 5.06 -31.90 26.55
CA ASN A 642 4.58 -32.23 27.88
C ASN A 642 5.31 -31.38 28.93
N PRO A 643 4.90 -30.10 29.06
CA PRO A 643 5.77 -29.15 29.72
C PRO A 643 6.03 -29.42 31.20
N GLN A 644 7.30 -29.35 31.58
CA GLN A 644 7.66 -29.63 32.97
C GLN A 644 8.44 -28.47 33.60
N ILE A 645 8.78 -27.51 32.76
CA ILE A 645 9.38 -26.26 33.23
C ILE A 645 8.95 -25.09 32.34
N ALA A 646 8.67 -23.95 32.96
CA ALA A 646 8.38 -22.70 32.25
C ALA A 646 9.32 -21.68 32.86
N VAL A 647 9.94 -20.83 32.06
CA VAL A 647 10.95 -19.92 32.58
C VAL A 647 10.78 -18.50 31.99
N ALA A 648 11.03 -17.47 32.81
CA ALA A 648 11.08 -16.10 32.36
C ALA A 648 12.44 -15.51 32.65
N VAL A 649 12.95 -14.76 31.69
CA VAL A 649 14.25 -14.15 31.86
C VAL A 649 14.07 -12.69 31.54
N VAL A 650 14.52 -11.83 32.44
CA VAL A 650 14.28 -10.41 32.31
C VAL A 650 15.65 -9.74 32.40
N PHE A 651 16.05 -9.08 31.33
CA PHE A 651 17.39 -8.51 31.23
C PHE A 651 17.22 -7.14 30.62
N PRO A 652 16.96 -6.12 31.45
CA PRO A 652 16.56 -4.81 30.95
C PRO A 652 17.72 -3.95 30.44
N HIS A 653 17.44 -3.08 29.47
CA HIS A 653 18.37 -2.09 28.94
C HIS A 653 19.72 -2.65 28.54
N ASN A 654 19.69 -3.78 27.83
CA ASN A 654 20.87 -4.36 27.19
C ASN A 654 20.87 -3.83 25.76
N THR A 655 21.92 -3.11 25.39
CA THR A 655 21.98 -2.44 24.09
C THR A 655 22.62 -3.31 23.01
N ASN A 656 23.01 -4.53 23.34
CA ASN A 656 23.53 -5.45 22.31
C ASN A 656 22.57 -5.79 21.17
N LEU A 657 22.86 -5.28 19.98
CA LEU A 657 22.00 -5.52 18.82
C LEU A 657 22.54 -6.61 17.89
N THR A 658 23.76 -7.08 18.19
CA THR A 658 24.38 -8.18 17.44
C THR A 658 24.13 -9.60 17.97
N LYS A 659 23.92 -9.76 19.27
CA LYS A 659 23.35 -11.03 19.75
C LYS A 659 22.43 -10.83 20.95
N ASN A 660 21.34 -11.60 21.02
CA ASN A 660 20.36 -11.47 22.12
C ASN A 660 20.51 -12.63 23.10
N VAL A 661 21.09 -12.37 24.25
CA VAL A 661 21.37 -13.44 25.21
C VAL A 661 20.13 -13.95 25.96
N GLY A 662 18.99 -13.27 25.81
CA GLY A 662 17.79 -13.66 26.55
C GLY A 662 17.39 -15.10 26.32
N PRO A 663 17.11 -15.48 25.08
CA PRO A 663 16.77 -16.86 24.71
C PRO A 663 17.86 -17.85 25.13
N ALA A 664 19.13 -17.44 25.09
CA ALA A 664 20.22 -18.36 25.39
C ALA A 664 20.27 -18.64 26.89
N ILE A 665 20.01 -17.61 27.68
CA ILE A 665 19.89 -17.81 29.13
C ILE A 665 18.73 -18.75 29.44
N ALA A 666 17.55 -18.48 28.87
CA ALA A 666 16.37 -19.33 29.03
C ALA A 666 16.66 -20.79 28.68
N ARG A 667 17.29 -21.00 27.53
CA ARG A 667 17.66 -22.34 27.07
C ARG A 667 18.60 -23.01 28.07
N ASP A 668 19.61 -22.27 28.51
CA ASP A 668 20.63 -22.88 29.35
C ASP A 668 20.05 -23.20 30.74
N ILE A 669 19.07 -22.41 31.19
CA ILE A 669 18.37 -22.76 32.42
C ILE A 669 17.55 -24.03 32.21
N ILE A 670 16.90 -24.15 31.05
CA ILE A 670 16.14 -25.35 30.76
C ILE A 670 17.05 -26.58 30.71
N ASN A 671 18.19 -26.48 30.02
CA ASN A 671 19.12 -27.60 29.92
C ASN A 671 19.63 -27.92 31.32
N LEU A 672 19.91 -26.90 32.12
CA LEU A 672 20.42 -27.17 33.48
C LEU A 672 19.43 -28.01 34.25
N TYR A 673 18.15 -27.64 34.14
CA TYR A 673 17.10 -28.38 34.80
C TYR A 673 16.93 -29.82 34.32
N ASN A 674 16.99 -30.00 33.00
CA ASN A 674 16.90 -31.33 32.40
C ASN A 674 18.01 -32.29 32.85
N GLN A 675 19.23 -31.81 32.92
CA GLN A 675 20.33 -32.52 33.58
C GLN A 675 19.90 -32.93 34.99
N HIS A 676 19.38 -31.98 35.76
CA HIS A 676 19.13 -32.16 37.19
C HIS A 676 17.88 -33.00 37.51
N HIS A 677 16.93 -33.01 36.59
CA HIS A 677 15.64 -33.67 36.74
C HIS A 677 15.21 -34.06 35.33
N PRO A 678 15.78 -35.16 34.80
CA PRO A 678 15.56 -35.50 33.40
C PRO A 678 14.08 -35.41 33.02
N MET A 679 13.79 -34.84 31.86
CA MET A 679 12.42 -34.68 31.41
C MET A 679 12.04 -35.50 30.17
N ASN A 680 12.85 -35.43 29.12
CA ASN A 680 12.67 -36.23 27.90
C ASN A 680 11.74 -35.65 26.81
N THR B 52 -14.68 88.43 -18.10
CA THR B 52 -13.76 87.42 -18.70
C THR B 52 -12.67 86.95 -17.73
N LYS B 53 -12.48 85.64 -17.63
CA LYS B 53 -11.46 85.07 -16.74
C LYS B 53 -10.37 84.29 -17.50
N VAL B 54 -9.14 84.34 -17.02
CA VAL B 54 -8.06 83.53 -17.61
C VAL B 54 -7.35 82.62 -16.60
N THR B 55 -7.53 81.30 -16.75
CA THR B 55 -6.81 80.30 -15.96
C THR B 55 -5.38 80.18 -16.48
N THR B 56 -4.46 79.74 -15.63
CA THR B 56 -3.06 79.59 -16.05
C THR B 56 -2.27 78.55 -15.23
N SER B 57 -1.83 77.49 -15.90
CA SER B 57 -1.14 76.35 -15.29
C SER B 57 0.17 76.67 -14.56
N SER B 58 0.38 76.02 -13.41
CA SER B 58 1.63 76.17 -12.67
C SER B 58 2.63 75.01 -12.86
N ALA B 59 3.64 74.97 -11.99
CA ALA B 59 4.69 73.97 -12.02
C ALA B 59 4.22 72.64 -11.44
N ARG B 60 4.72 71.54 -11.99
CA ARG B 60 4.34 70.21 -11.51
C ARG B 60 5.17 69.87 -10.28
N GLY B 61 4.56 69.21 -9.29
CA GLY B 61 5.31 68.64 -8.17
C GLY B 61 6.24 67.56 -8.69
N GLU B 62 7.19 67.13 -7.86
CA GLU B 62 8.26 66.24 -8.30
C GLU B 62 8.34 64.96 -7.48
N ILE B 63 9.11 63.98 -7.97
CA ILE B 63 9.20 62.65 -7.39
C ILE B 63 10.59 62.45 -6.80
N TYR B 64 10.66 61.89 -5.60
CA TYR B 64 11.95 61.68 -4.95
C TYR B 64 12.20 60.26 -4.45
N ASP B 65 13.48 59.95 -4.33
CA ASP B 65 14.00 58.68 -3.79
C ASP B 65 13.58 58.51 -2.33
N ALA B 66 13.67 57.30 -1.80
CA ALA B 66 13.51 57.14 -0.36
C ALA B 66 14.53 57.98 0.38
N SER B 67 15.66 58.28 -0.26
CA SER B 67 16.70 59.03 0.43
C SER B 67 16.71 60.50 0.04
N GLY B 68 15.70 60.95 -0.68
CA GLY B 68 15.66 62.36 -1.09
C GLY B 68 16.24 62.73 -2.45
N LYS B 69 16.82 61.78 -3.16
CA LYS B 69 17.29 62.01 -4.52
C LYS B 69 16.13 62.29 -5.48
N PRO B 70 16.30 63.28 -6.37
CA PRO B 70 15.28 63.60 -7.37
C PRO B 70 15.27 62.59 -8.51
N LEU B 71 14.07 62.32 -9.03
CA LEU B 71 13.89 61.37 -10.12
C LEU B 71 13.42 62.08 -11.38
N VAL B 72 12.91 63.29 -11.20
CA VAL B 72 12.47 64.12 -12.32
C VAL B 72 12.92 65.57 -12.15
N GLU B 73 12.72 66.37 -13.19
CA GLU B 73 13.20 67.73 -13.22
C GLU B 73 12.19 68.60 -13.97
N ASN B 74 11.98 69.83 -13.49
CA ASN B 74 11.19 70.82 -14.22
C ASN B 74 12.10 71.83 -14.93
N THR B 75 12.10 71.80 -16.26
CA THR B 75 13.04 72.61 -17.02
C THR B 75 12.35 73.72 -17.82
N LEU B 76 12.75 74.97 -17.56
CA LEU B 76 12.13 76.12 -18.20
C LEU B 76 12.64 76.29 -19.63
N LYS B 77 11.71 76.45 -20.59
CA LYS B 77 12.06 76.71 -21.99
C LYS B 77 11.25 77.88 -22.57
N GLN B 78 11.80 78.52 -23.60
CA GLN B 78 11.19 79.67 -24.25
C GLN B 78 10.35 79.28 -25.48
N VAL B 79 9.28 80.01 -25.73
CA VAL B 79 8.32 79.61 -26.76
C VAL B 79 7.69 80.80 -27.47
N VAL B 80 6.96 80.54 -28.55
CA VAL B 80 6.23 81.60 -29.23
C VAL B 80 4.78 81.60 -28.77
N SER B 81 4.35 82.74 -28.23
CA SER B 81 3.05 82.87 -27.59
C SER B 81 2.15 83.78 -28.41
N PHE B 82 0.96 83.30 -28.73
CA PHE B 82 -0.04 84.13 -29.42
C PHE B 82 -1.27 84.36 -28.55
N THR B 83 -1.75 85.61 -28.59
CA THR B 83 -2.89 86.10 -27.82
C THR B 83 -3.89 86.69 -28.81
N ARG B 84 -5.05 86.04 -28.95
CA ARG B 84 -6.03 86.45 -29.95
C ARG B 84 -6.85 87.68 -29.51
N SER B 85 -7.61 88.24 -30.43
CA SER B 85 -8.55 89.32 -30.12
C SER B 85 -9.86 89.05 -30.86
N ASN B 86 -10.99 89.36 -30.24
CA ASN B 86 -12.27 89.29 -30.94
C ASN B 86 -12.19 89.95 -32.32
N LYS B 87 -11.41 91.04 -32.39
CA LYS B 87 -11.37 91.92 -33.55
C LYS B 87 -10.58 91.36 -34.74
N MET B 88 -9.77 90.32 -34.51
CA MET B 88 -8.89 89.75 -35.53
C MET B 88 -9.58 88.94 -36.62
N THR B 89 -9.47 89.42 -37.86
CA THR B 89 -10.05 88.72 -39.02
C THR B 89 -9.14 87.60 -39.52
N ALA B 90 -9.70 86.70 -40.34
CA ALA B 90 -8.91 85.59 -40.90
C ALA B 90 -7.84 86.12 -41.83
N THR B 91 -8.14 87.22 -42.50
CA THR B 91 -7.15 87.95 -43.28
C THR B 91 -6.05 88.57 -42.40
N ASP B 92 -6.45 89.01 -41.20
CA ASP B 92 -5.50 89.41 -40.17
C ASP B 92 -4.57 88.25 -39.75
N LEU B 93 -5.15 87.07 -39.52
CA LEU B 93 -4.35 85.91 -39.10
C LEU B 93 -3.30 85.48 -40.12
N LYS B 94 -3.71 85.37 -41.38
CA LYS B 94 -2.83 85.03 -42.49
C LYS B 94 -1.59 85.92 -42.48
N GLU B 95 -1.84 87.22 -42.54
CA GLU B 95 -0.77 88.22 -42.61
C GLU B 95 0.13 88.24 -41.38
N ILE B 96 -0.31 87.60 -40.29
CA ILE B 96 0.53 87.42 -39.11
C ILE B 96 1.38 86.16 -39.28
N ALA B 97 0.75 85.10 -39.79
CA ALA B 97 1.42 83.81 -40.01
C ALA B 97 2.64 83.93 -40.92
N LYS B 98 2.46 84.54 -42.10
CA LYS B 98 3.59 84.76 -43.00
C LYS B 98 4.68 85.68 -42.46
N LYS B 99 4.34 86.75 -41.75
CA LYS B 99 5.35 87.54 -41.04
C LYS B 99 6.14 86.65 -40.07
N LEU B 100 5.48 85.62 -39.54
CA LEU B 100 6.08 84.75 -38.54
C LEU B 100 7.03 83.74 -39.18
N LEU B 101 6.58 83.13 -40.27
CA LEU B 101 7.37 82.15 -41.02
C LEU B 101 8.76 82.69 -41.38
N THR B 102 8.89 84.00 -41.45
CA THR B 102 10.19 84.63 -41.74
C THR B 102 11.22 84.34 -40.64
N TYR B 103 10.78 83.77 -39.53
CA TYR B 103 11.55 83.78 -38.29
C TYR B 103 11.68 82.40 -37.64
N VAL B 104 10.91 81.43 -38.14
CA VAL B 104 10.86 80.10 -37.54
C VAL B 104 10.88 79.01 -38.61
N SER B 105 11.23 77.79 -38.19
CA SER B 105 11.31 76.65 -39.09
C SER B 105 10.13 75.71 -38.83
N ILE B 106 9.30 75.53 -39.86
CA ILE B 106 8.20 74.56 -39.79
C ILE B 106 8.52 73.41 -40.76
N SER B 107 9.06 72.32 -40.24
CA SER B 107 9.48 71.23 -41.11
C SER B 107 8.39 70.18 -41.35
N SER B 108 7.67 69.82 -40.29
CA SER B 108 6.77 68.67 -40.33
C SER B 108 5.27 69.05 -40.36
N PRO B 109 4.77 69.46 -41.54
CA PRO B 109 3.38 69.90 -41.67
C PRO B 109 2.37 68.79 -41.99
N ASN B 110 1.55 68.40 -41.01
CA ASN B 110 0.48 67.45 -41.22
C ASN B 110 -0.87 68.17 -41.06
N LEU B 111 -1.47 68.53 -42.18
CA LEU B 111 -2.64 69.41 -42.20
C LEU B 111 -3.97 68.68 -42.44
N THR B 112 -4.93 68.87 -41.53
CA THR B 112 -6.25 68.26 -41.66
C THR B 112 -7.05 68.93 -42.77
N GLU B 113 -8.05 68.21 -43.27
CA GLU B 113 -8.88 68.70 -44.36
C GLU B 113 -9.73 69.89 -43.91
N ARG B 114 -9.94 69.99 -42.60
CA ARG B 114 -10.60 71.16 -42.02
C ARG B 114 -9.73 72.42 -42.13
N GLN B 115 -8.45 72.30 -41.76
CA GLN B 115 -7.51 73.43 -41.77
C GLN B 115 -7.25 74.00 -43.16
N LEU B 116 -7.20 73.13 -44.17
CA LEU B 116 -7.08 73.53 -45.57
C LEU B 116 -8.30 74.31 -46.06
N ALA B 117 -9.48 73.87 -45.64
CA ALA B 117 -10.74 74.50 -46.07
C ALA B 117 -11.01 75.82 -45.34
N ASP B 118 -10.57 75.91 -44.10
CA ASP B 118 -10.63 77.16 -43.34
C ASP B 118 -9.75 78.21 -44.01
N TYR B 119 -8.52 77.81 -44.33
CA TYR B 119 -7.57 78.68 -45.00
C TYR B 119 -8.07 79.15 -46.37
N TYR B 120 -8.62 78.23 -47.16
CA TYR B 120 -9.12 78.53 -48.49
C TYR B 120 -10.29 79.52 -48.45
N LEU B 121 -11.17 79.36 -47.46
CA LEU B 121 -12.35 80.20 -47.31
C LEU B 121 -12.08 81.55 -46.67
N ALA B 122 -10.87 81.75 -46.15
CA ALA B 122 -10.51 82.98 -45.44
C ALA B 122 -10.57 84.20 -46.35
N ASP B 123 -10.46 83.96 -47.65
CA ASP B 123 -10.66 84.99 -48.67
C ASP B 123 -12.17 85.19 -48.83
N PRO B 124 -12.68 86.36 -48.44
CA PRO B 124 -14.12 86.58 -48.35
C PRO B 124 -14.81 86.47 -49.71
N GLU B 125 -14.10 86.89 -50.76
CA GLU B 125 -14.54 86.78 -52.15
C GLU B 125 -14.73 85.31 -52.56
N ILE B 126 -13.90 84.44 -52.00
CA ILE B 126 -14.02 83.01 -52.24
C ILE B 126 -15.15 82.39 -51.42
N TYR B 127 -15.21 82.70 -50.13
CA TYR B 127 -16.24 82.12 -49.27
C TYR B 127 -17.63 82.38 -49.84
N LYS B 128 -17.88 83.63 -50.24
CA LYS B 128 -19.13 83.95 -50.92
C LYS B 128 -19.36 83.06 -52.14
N LYS B 129 -18.38 83.05 -53.05
CA LYS B 129 -18.49 82.34 -54.33
C LYS B 129 -18.63 80.81 -54.23
N THR B 130 -18.30 80.24 -53.07
CA THR B 130 -18.40 78.80 -52.85
C THR B 130 -19.72 78.38 -52.19
N VAL B 131 -20.44 79.35 -51.65
CA VAL B 131 -21.81 79.16 -51.18
C VAL B 131 -22.79 79.63 -52.24
N GLU B 132 -22.27 80.35 -53.23
CA GLU B 132 -23.06 80.75 -54.40
C GLU B 132 -23.14 79.60 -55.40
N ALA B 133 -22.24 78.62 -55.27
CA ALA B 133 -22.17 77.49 -56.19
C ALA B 133 -22.73 76.20 -55.60
N LEU B 134 -23.13 76.26 -54.33
CA LEU B 134 -23.81 75.16 -53.65
C LEU B 134 -25.22 74.92 -54.20
N PRO B 135 -25.84 73.77 -53.86
CA PRO B 135 -27.23 73.51 -54.25
C PRO B 135 -28.27 73.97 -53.22
N SER B 136 -29.52 74.11 -53.64
CA SER B 136 -30.62 74.39 -52.72
C SER B 136 -30.31 73.85 -51.32
N GLU B 149 -28.97 78.86 -41.63
CA GLU B 149 -28.44 79.88 -40.71
C GLU B 149 -27.08 80.41 -41.17
N SER B 150 -26.39 81.17 -40.32
CA SER B 150 -25.13 81.79 -40.70
C SER B 150 -23.87 81.04 -40.25
N GLU B 151 -24.00 80.20 -39.23
CA GLU B 151 -22.93 79.29 -38.85
C GLU B 151 -23.20 77.96 -39.53
N LEU B 152 -24.46 77.78 -39.95
CA LEU B 152 -24.90 76.60 -40.69
C LEU B 152 -24.64 76.71 -42.20
N TYR B 153 -24.37 77.92 -42.69
CA TYR B 153 -23.92 78.07 -44.08
C TYR B 153 -22.42 77.81 -44.17
N ASN B 154 -21.67 78.22 -43.15
CA ASN B 154 -20.23 77.98 -43.10
C ASN B 154 -19.86 76.51 -42.99
N ASN B 155 -20.66 75.75 -42.24
CA ASN B 155 -20.45 74.32 -42.12
C ASN B 155 -20.81 73.55 -43.39
N ALA B 156 -21.82 74.04 -44.12
CA ALA B 156 -22.24 73.42 -45.37
C ALA B 156 -21.17 73.56 -46.46
N VAL B 157 -20.74 74.81 -46.71
CA VAL B 157 -19.77 75.10 -47.76
C VAL B 157 -18.38 74.56 -47.43
N ASP B 158 -18.16 74.31 -46.14
CA ASP B 158 -16.88 73.86 -45.61
C ASP B 158 -16.59 72.42 -46.05
N SER B 159 -17.63 71.62 -46.20
CA SER B 159 -17.47 70.23 -46.59
C SER B 159 -17.53 70.07 -48.11
N VAL B 160 -17.70 71.18 -48.83
CA VAL B 160 -17.82 71.14 -50.29
C VAL B 160 -16.54 71.46 -51.09
N PRO B 161 -15.50 72.00 -50.42
CA PRO B 161 -14.29 72.22 -51.22
C PRO B 161 -13.54 70.91 -51.36
N THR B 162 -12.77 70.81 -52.43
CA THR B 162 -12.05 69.58 -52.73
C THR B 162 -10.62 69.70 -52.23
N SER B 163 -10.16 68.74 -51.44
CA SER B 163 -8.77 68.70 -50.96
C SER B 163 -7.76 68.33 -52.06
N GLN B 164 -7.96 68.90 -53.25
CA GLN B 164 -7.05 68.77 -54.37
C GLN B 164 -6.42 70.11 -54.69
N LEU B 165 -6.37 70.98 -53.68
CA LEU B 165 -5.83 72.33 -53.83
C LEU B 165 -4.37 72.25 -54.26
N ASN B 166 -3.92 73.29 -54.97
CA ASN B 166 -2.51 73.40 -55.31
C ASN B 166 -1.80 74.39 -54.41
N TYR B 167 -1.00 73.88 -53.47
CA TYR B 167 -0.25 74.72 -52.56
C TYR B 167 1.24 74.36 -52.57
N THR B 168 2.06 75.30 -53.02
CA THR B 168 3.50 75.19 -52.91
C THR B 168 3.86 74.77 -51.48
N GLU B 169 5.06 74.22 -51.28
CA GLU B 169 5.48 73.77 -49.96
C GLU B 169 5.82 74.93 -49.03
N ASP B 170 6.18 76.06 -49.62
CA ASP B 170 6.37 77.31 -48.90
C ASP B 170 5.02 77.76 -48.35
N GLU B 171 3.97 77.49 -49.12
CA GLU B 171 2.62 77.96 -48.85
C GLU B 171 1.91 77.09 -47.82
N LYS B 172 2.19 75.79 -47.84
CA LYS B 172 1.69 74.85 -46.85
C LYS B 172 2.29 75.17 -45.48
N LYS B 173 3.23 76.10 -45.48
CA LYS B 173 3.91 76.49 -44.24
C LYS B 173 3.19 77.63 -43.53
N GLU B 174 2.72 78.61 -44.30
CA GLU B 174 1.91 79.67 -43.71
C GLU B 174 0.50 79.19 -43.35
N ILE B 175 0.01 78.16 -44.04
CA ILE B 175 -1.28 77.55 -43.73
C ILE B 175 -1.22 76.83 -42.39
N TYR B 176 -0.15 76.07 -42.17
CA TYR B 176 0.05 75.41 -40.89
C TYR B 176 0.06 76.43 -39.74
N LEU B 177 0.92 77.44 -39.84
CA LEU B 177 0.97 78.50 -38.83
C LEU B 177 -0.40 79.16 -38.62
N PHE B 178 -1.08 79.51 -39.72
CA PHE B 178 -2.42 80.08 -39.67
C PHE B 178 -3.39 79.20 -38.85
N SER B 179 -3.25 77.89 -38.96
CA SER B 179 -4.05 76.96 -38.17
C SER B 179 -3.83 77.13 -36.67
N GLN B 180 -2.57 77.36 -36.28
CA GLN B 180 -2.20 77.50 -34.88
C GLN B 180 -2.75 78.79 -34.27
N LEU B 181 -2.80 79.85 -35.06
CA LEU B 181 -3.33 81.14 -34.60
C LEU B 181 -4.85 81.04 -34.48
N ASN B 182 -5.43 80.24 -35.36
CA ASN B 182 -6.87 80.06 -35.43
C ASN B 182 -7.40 79.13 -34.34
N ALA B 183 -6.51 78.33 -33.76
CA ALA B 183 -6.90 77.37 -32.73
C ALA B 183 -6.89 77.99 -31.33
N VAL B 184 -6.35 79.19 -31.21
CA VAL B 184 -6.36 79.92 -29.94
C VAL B 184 -7.63 80.76 -29.84
N GLY B 185 -8.50 80.42 -28.89
CA GLY B 185 -9.79 81.11 -28.78
C GLY B 185 -9.63 82.57 -28.38
N ASN B 186 -10.71 83.33 -28.47
CA ASN B 186 -10.68 84.75 -28.10
C ASN B 186 -10.12 84.98 -26.70
N PHE B 187 -9.36 86.06 -26.55
CA PHE B 187 -8.75 86.44 -25.27
C PHE B 187 -7.87 85.35 -24.66
N ALA B 188 -7.80 84.20 -25.32
CA ALA B 188 -6.88 83.13 -24.93
C ALA B 188 -5.44 83.48 -25.28
N THR B 189 -4.50 82.92 -24.51
CA THR B 189 -3.07 82.99 -24.85
C THR B 189 -2.60 81.58 -25.20
N GLY B 190 -2.18 81.38 -26.43
CA GLY B 190 -1.80 80.04 -26.89
C GLY B 190 -0.36 79.91 -27.33
N THR B 191 0.19 78.71 -27.10
CA THR B 191 1.54 78.38 -27.54
C THR B 191 1.53 77.89 -28.98
N ILE B 192 2.16 78.67 -29.86
CA ILE B 192 2.39 78.26 -31.25
C ILE B 192 3.60 77.31 -31.29
N ALA B 193 3.37 76.06 -31.71
CA ALA B 193 4.44 75.07 -31.76
C ALA B 193 5.30 75.15 -33.02
N THR B 194 6.62 75.12 -32.81
CA THR B 194 7.59 75.31 -33.87
C THR B 194 8.74 74.31 -33.68
N ASP B 195 9.78 74.42 -34.50
CA ASP B 195 11.01 73.66 -34.26
C ASP B 195 11.81 74.42 -33.21
N PRO B 196 12.28 73.73 -32.15
CA PRO B 196 12.91 74.44 -31.03
C PRO B 196 13.62 75.72 -31.50
N LEU B 197 13.85 76.67 -30.58
CA LEU B 197 14.41 77.95 -30.99
C LEU B 197 15.72 78.31 -30.29
N ASN B 198 16.84 78.08 -30.95
CA ASN B 198 18.12 78.44 -30.32
C ASN B 198 18.01 79.86 -29.79
N ASP B 199 18.61 80.09 -28.62
CA ASP B 199 18.36 81.32 -27.87
C ASP B 199 18.71 82.63 -28.59
N SER B 200 19.18 82.52 -29.83
CA SER B 200 19.42 83.71 -30.65
C SER B 200 18.23 83.92 -31.59
N GLN B 201 17.77 82.83 -32.18
CA GLN B 201 16.55 82.80 -32.98
C GLN B 201 15.35 83.26 -32.16
N VAL B 202 15.46 83.09 -30.84
CA VAL B 202 14.48 83.61 -29.90
C VAL B 202 14.59 85.12 -29.70
N ALA B 203 15.82 85.66 -29.76
CA ALA B 203 16.08 87.07 -29.44
C ALA B 203 15.81 88.00 -30.60
N VAL B 204 15.65 87.42 -31.79
CA VAL B 204 15.19 88.16 -32.96
C VAL B 204 13.70 88.41 -32.81
N ILE B 205 12.94 87.33 -32.63
CA ILE B 205 11.49 87.39 -32.44
C ILE B 205 11.05 88.38 -31.36
N ALA B 206 11.73 88.36 -30.21
CA ALA B 206 11.50 89.38 -29.18
C ALA B 206 11.68 90.80 -29.72
N SER B 207 12.77 91.01 -30.43
CA SER B 207 13.16 92.33 -30.93
C SER B 207 12.21 92.96 -31.96
N ILE B 208 11.50 92.13 -32.73
CA ILE B 208 10.62 92.65 -33.77
C ILE B 208 9.17 92.19 -33.56
N SER B 209 8.89 91.62 -32.39
CA SER B 209 7.54 91.16 -32.08
C SER B 209 6.52 92.31 -32.06
N LYS B 210 6.99 93.54 -31.90
CA LYS B 210 6.12 94.72 -32.02
C LYS B 210 5.33 94.70 -33.34
N GLU B 211 5.89 94.06 -34.35
CA GLU B 211 5.38 94.13 -35.72
C GLU B 211 4.28 93.10 -35.98
N MET B 212 3.98 92.29 -34.97
CA MET B 212 3.00 91.23 -35.07
C MET B 212 2.06 91.23 -33.87
N PRO B 213 1.47 92.40 -33.53
CA PRO B 213 0.74 92.50 -32.27
C PRO B 213 -0.09 91.24 -32.04
N GLY B 214 0.14 90.60 -30.89
CA GLY B 214 -0.46 89.30 -30.59
C GLY B 214 0.63 88.30 -30.27
N ILE B 215 1.78 88.44 -30.94
CA ILE B 215 2.90 87.52 -30.78
C ILE B 215 3.96 88.02 -29.80
N SER B 216 4.55 87.09 -29.06
CA SER B 216 5.63 87.37 -28.12
C SER B 216 6.27 86.08 -27.66
N ILE B 217 7.48 86.18 -27.10
CA ILE B 217 8.11 85.03 -26.47
C ILE B 217 7.73 84.97 -25.00
N SER B 218 7.32 83.79 -24.52
CA SER B 218 7.19 83.55 -23.09
C SER B 218 7.84 82.22 -22.72
N THR B 219 7.86 81.90 -21.44
CA THR B 219 8.62 80.74 -20.96
C THR B 219 7.73 79.73 -20.24
N SER B 220 7.83 78.46 -20.64
CA SER B 220 7.02 77.38 -20.05
C SER B 220 7.88 76.19 -19.65
N TRP B 221 7.26 75.20 -18.99
CA TRP B 221 8.03 74.08 -18.44
C TRP B 221 8.17 72.90 -19.38
N ASP B 222 9.38 72.35 -19.46
CA ASP B 222 9.60 71.02 -20.03
C ASP B 222 9.79 70.08 -18.85
N ARG B 223 9.20 68.89 -18.94
CA ARG B 223 9.29 67.89 -17.87
C ARG B 223 10.28 66.80 -18.27
N LYS B 224 11.43 66.73 -17.59
CA LYS B 224 12.40 65.69 -17.94
C LYS B 224 12.63 64.63 -16.87
N ILE B 225 12.75 63.38 -17.32
CA ILE B 225 13.05 62.22 -16.47
C ILE B 225 14.55 61.94 -16.47
N LEU B 226 15.15 62.03 -15.29
CA LEU B 226 16.57 61.72 -15.11
C LEU B 226 16.86 60.23 -15.28
N GLU B 227 18.03 59.90 -15.82
CA GLU B 227 18.41 58.49 -15.93
C GLU B 227 18.63 57.94 -14.53
N THR B 228 17.71 57.10 -14.07
CA THR B 228 17.87 56.35 -12.84
C THR B 228 17.22 55.01 -13.08
N SER B 229 17.45 54.04 -12.19
CA SER B 229 16.85 52.72 -12.33
C SER B 229 15.33 52.74 -12.11
N LEU B 230 14.81 53.91 -11.74
CA LEU B 230 13.39 54.09 -11.49
C LEU B 230 12.69 54.88 -12.60
N SER B 231 13.44 55.19 -13.65
CA SER B 231 12.96 56.16 -14.62
C SER B 231 11.70 55.68 -15.32
N SER B 232 11.65 54.39 -15.63
CA SER B 232 10.48 53.79 -16.30
C SER B 232 9.24 53.68 -15.39
N ILE B 233 9.45 53.56 -14.09
CA ILE B 233 8.39 53.53 -13.06
C ILE B 233 7.76 54.93 -12.90
N VAL B 234 8.55 55.97 -13.19
CA VAL B 234 8.09 57.33 -13.01
C VAL B 234 6.92 57.66 -13.94
N GLY B 235 7.05 57.31 -15.22
CA GLY B 235 5.99 57.52 -16.20
C GLY B 235 6.17 58.82 -16.96
N SER B 236 5.26 59.11 -17.89
CA SER B 236 5.39 60.33 -18.70
C SER B 236 4.33 61.37 -18.37
N VAL B 237 4.50 62.56 -18.93
CA VAL B 237 3.54 63.65 -18.78
C VAL B 237 3.30 64.26 -20.17
N SER B 238 2.04 64.55 -20.48
CA SER B 238 1.69 65.05 -21.80
C SER B 238 2.47 66.31 -22.18
N SER B 239 2.97 66.36 -23.41
CA SER B 239 3.63 67.57 -23.91
C SER B 239 2.70 68.77 -24.07
N GLU B 240 3.31 69.94 -24.20
CA GLU B 240 2.58 71.20 -24.24
C GLU B 240 1.94 71.48 -25.60
N LYS B 241 2.56 70.92 -26.64
CA LYS B 241 1.96 70.86 -27.97
C LYS B 241 0.71 69.98 -27.91
N ALA B 242 0.88 68.77 -27.39
CA ALA B 242 -0.19 67.78 -27.36
C ALA B 242 -1.37 68.18 -26.46
N GLY B 243 -1.08 68.79 -25.32
CA GLY B 243 -2.11 69.12 -24.33
C GLY B 243 -2.75 67.91 -23.65
N LEU B 244 -4.04 68.03 -23.33
CA LEU B 244 -4.83 66.92 -22.79
C LEU B 244 -5.09 65.81 -23.82
N PRO B 245 -4.53 64.61 -23.61
CA PRO B 245 -4.80 63.52 -24.55
C PRO B 245 -6.29 63.46 -24.94
N ALA B 246 -6.54 63.56 -26.24
CA ALA B 246 -7.89 63.72 -26.78
C ALA B 246 -8.92 62.67 -26.33
N GLU B 247 -8.51 61.41 -26.22
CA GLU B 247 -9.42 60.35 -25.81
C GLU B 247 -9.90 60.54 -24.37
N GLU B 248 -9.23 61.42 -23.63
CA GLU B 248 -9.58 61.69 -22.25
C GLU B 248 -10.18 63.08 -22.07
N ALA B 249 -10.11 63.92 -23.11
CA ALA B 249 -10.51 65.33 -23.05
C ALA B 249 -11.76 65.60 -22.22
N GLU B 250 -12.78 64.76 -22.41
CA GLU B 250 -14.04 64.88 -21.69
C GLU B 250 -13.86 64.78 -20.18
N SER B 251 -13.25 63.69 -19.73
CA SER B 251 -13.02 63.48 -18.31
C SER B 251 -12.20 64.55 -17.60
N TYR B 252 -11.16 65.07 -18.24
CA TYR B 252 -10.34 66.13 -17.64
C TYR B 252 -11.03 67.49 -17.62
N LEU B 253 -11.60 67.90 -18.75
CA LEU B 253 -12.33 69.16 -18.85
C LEU B 253 -13.39 69.22 -17.75
N LYS B 254 -14.07 68.11 -17.56
CA LYS B 254 -15.08 67.96 -16.52
C LYS B 254 -14.53 68.20 -15.12
N LYS B 255 -13.39 67.58 -14.81
CA LYS B 255 -12.78 67.71 -13.48
C LYS B 255 -12.43 69.15 -13.10
N GLY B 256 -12.31 70.02 -14.11
CA GLY B 256 -11.96 71.42 -13.87
C GLY B 256 -10.71 71.84 -14.60
N TYR B 257 -10.30 71.04 -15.59
CA TYR B 257 -9.06 71.25 -16.32
C TYR B 257 -9.25 72.10 -17.57
N SER B 258 -8.27 72.97 -17.83
CA SER B 258 -8.09 73.63 -19.13
C SER B 258 -7.70 72.64 -20.23
N LEU B 259 -7.64 73.11 -21.48
CA LEU B 259 -7.48 72.20 -22.63
C LEU B 259 -6.04 71.87 -23.03
N ASN B 260 -5.11 72.76 -22.68
CA ASN B 260 -3.70 72.55 -22.99
C ASN B 260 -2.86 72.32 -21.73
N ASP B 261 -3.53 71.88 -20.66
CA ASP B 261 -2.84 71.48 -19.45
C ASP B 261 -1.95 70.28 -19.73
N ARG B 262 -0.94 70.13 -18.89
CA ARG B 262 -0.13 68.92 -18.96
C ARG B 262 -0.41 67.99 -17.79
N VAL B 263 -0.75 66.75 -18.13
CA VAL B 263 -1.14 65.76 -17.13
C VAL B 263 -0.33 64.47 -17.27
N GLY B 264 -0.31 63.69 -16.20
CA GLY B 264 0.34 62.38 -16.20
C GLY B 264 -0.40 61.38 -17.08
N THR B 265 0.30 60.83 -18.05
CA THR B 265 -0.28 59.87 -18.98
C THR B 265 0.11 58.42 -18.68
N SER B 266 1.10 58.23 -17.82
CA SER B 266 1.50 56.87 -17.46
C SER B 266 2.11 56.72 -16.07
N TYR B 267 1.86 55.55 -15.48
CA TYR B 267 2.50 55.12 -14.24
C TYR B 267 2.38 56.15 -13.13
N LEU B 268 3.41 56.30 -12.28
CA LEU B 268 3.26 57.22 -11.15
C LEU B 268 2.77 58.64 -11.50
N GLU B 269 3.15 59.19 -12.65
CA GLU B 269 2.69 60.55 -12.96
C GLU B 269 1.18 60.54 -13.08
N LYS B 270 0.63 59.52 -13.74
CA LYS B 270 -0.81 59.37 -13.84
C LYS B 270 -1.42 59.08 -12.46
N GLN B 271 -1.03 57.97 -11.84
CA GLN B 271 -1.58 57.64 -10.53
C GLN B 271 -1.63 58.83 -9.57
N TYR B 272 -0.57 59.63 -9.52
CA TYR B 272 -0.55 60.70 -8.52
C TYR B 272 -0.78 62.09 -9.13
N GLU B 273 -1.49 62.11 -10.25
CA GLU B 273 -1.77 63.34 -11.00
C GLU B 273 -2.45 64.43 -10.18
N GLU B 274 -3.37 64.03 -9.30
CA GLU B 274 -4.12 65.01 -8.51
C GLU B 274 -3.21 65.65 -7.48
N VAL B 275 -2.16 64.94 -7.10
CA VAL B 275 -1.23 65.45 -6.09
C VAL B 275 -0.11 66.30 -6.70
N LEU B 276 0.22 66.04 -7.97
CA LEU B 276 1.42 66.60 -8.61
C LEU B 276 1.05 67.87 -9.35
N GLN B 277 -0.10 67.86 -10.03
CA GLN B 277 -0.60 69.06 -10.73
C GLN B 277 -0.68 70.28 -9.82
N GLY B 278 -0.08 71.38 -10.26
CA GLY B 278 -0.06 72.58 -9.43
C GLY B 278 -1.38 73.31 -9.47
N LYS B 279 -1.68 74.06 -8.41
CA LYS B 279 -2.84 74.93 -8.43
C LYS B 279 -2.65 76.07 -9.43
N ARG B 280 -3.69 76.33 -10.24
CA ARG B 280 -3.63 77.33 -11.29
C ARG B 280 -3.83 78.75 -10.75
N PRO B 281 -3.10 79.74 -11.32
CA PRO B 281 -3.50 81.13 -11.14
C PRO B 281 -4.75 81.49 -11.97
N VAL B 282 -5.63 82.28 -11.36
CA VAL B 282 -6.78 82.86 -12.07
C VAL B 282 -6.73 84.38 -11.94
N LYS B 283 -6.87 85.06 -13.06
CA LYS B 283 -6.97 86.51 -13.11
C LYS B 283 -8.18 86.92 -13.94
N GLU B 284 -8.86 87.99 -13.52
CA GLU B 284 -9.94 88.56 -14.32
C GLU B 284 -9.68 90.04 -14.51
N ILE B 285 -9.14 90.41 -15.66
CA ILE B 285 -8.89 91.81 -15.98
C ILE B 285 -10.20 92.44 -16.48
N HIS B 286 -10.76 93.36 -15.68
CA HIS B 286 -12.00 94.05 -16.06
C HIS B 286 -11.71 95.15 -17.07
N LEU B 287 -12.68 95.44 -17.94
CA LEU B 287 -12.44 96.22 -19.15
C LEU B 287 -13.07 97.62 -19.22
N ASP B 288 -13.24 98.12 -20.44
CA ASP B 288 -13.81 99.46 -20.66
C ASP B 288 -14.72 99.59 -21.89
N LYS B 289 -14.92 100.82 -22.37
CA LYS B 289 -15.77 101.09 -23.53
C LYS B 289 -15.29 100.42 -24.83
N HIS B 290 -14.04 100.71 -25.20
CA HIS B 290 -13.43 100.18 -26.43
C HIS B 290 -13.43 98.65 -26.53
N GLY B 291 -13.24 97.98 -25.39
CA GLY B 291 -13.16 96.52 -25.35
C GLY B 291 -11.87 96.04 -24.70
N ASP B 292 -10.87 96.92 -24.70
CA ASP B 292 -9.56 96.66 -24.10
C ASP B 292 -9.67 96.43 -22.59
N MET B 293 -8.66 95.77 -22.03
CA MET B 293 -8.63 95.51 -20.58
C MET B 293 -8.11 96.70 -19.76
N GLU B 294 -8.54 96.74 -18.51
CA GLU B 294 -7.96 97.66 -17.53
C GLU B 294 -7.21 96.89 -16.44
N SER B 295 -7.84 96.71 -15.28
CA SER B 295 -7.14 96.19 -14.11
C SER B 295 -7.40 94.73 -13.78
N VAL B 296 -6.32 94.06 -13.37
CA VAL B 296 -6.32 92.62 -13.12
C VAL B 296 -6.72 92.28 -11.69
N GLU B 297 -7.93 91.78 -11.50
CA GLU B 297 -8.35 91.29 -10.19
C GLU B 297 -7.82 89.86 -9.97
N ASN B 298 -6.63 89.78 -9.39
CA ASN B 298 -5.97 88.51 -9.13
C ASN B 298 -6.72 87.68 -8.09
N ILE B 299 -7.68 86.88 -8.56
CA ILE B 299 -8.49 86.05 -7.68
C ILE B 299 -7.68 85.02 -6.89
N GLU B 300 -7.12 84.03 -7.58
CA GLU B 300 -6.35 82.96 -6.92
C GLU B 300 -4.90 82.95 -7.39
N GLU B 301 -3.96 82.88 -6.45
CA GLU B 301 -2.55 82.78 -6.79
C GLU B 301 -2.07 81.32 -6.84
N GLY B 302 -1.46 80.94 -7.97
CA GLY B 302 -1.03 79.58 -8.21
C GLY B 302 0.18 79.13 -7.41
N SER B 303 0.31 77.82 -7.25
CA SER B 303 1.42 77.24 -6.48
C SER B 303 1.87 75.91 -7.05
N LYS B 304 3.18 75.66 -6.94
CA LYS B 304 3.79 74.39 -7.32
C LYS B 304 3.01 73.23 -6.72
N GLY B 305 2.84 72.18 -7.51
CA GLY B 305 2.17 70.96 -7.06
C GLY B 305 3.00 70.31 -5.98
N LYS B 306 2.39 69.38 -5.24
CA LYS B 306 3.10 68.72 -4.13
C LYS B 306 3.97 67.56 -4.58
N ASN B 307 4.93 67.19 -3.73
CA ASN B 307 5.90 66.15 -4.06
C ASN B 307 5.49 64.79 -3.52
N ILE B 308 5.83 63.73 -4.26
CA ILE B 308 5.79 62.37 -3.70
C ILE B 308 7.20 61.81 -3.46
N LYS B 309 7.37 61.12 -2.33
CA LYS B 309 8.61 60.45 -2.01
C LYS B 309 8.32 58.96 -1.98
N LEU B 310 9.16 58.17 -2.65
CA LEU B 310 8.95 56.73 -2.82
C LEU B 310 9.48 55.91 -1.66
N THR B 311 9.12 54.64 -1.64
CA THR B 311 9.59 53.70 -0.62
C THR B 311 10.90 53.03 -1.06
N ILE B 312 11.23 53.14 -2.34
CA ILE B 312 12.39 52.47 -2.91
C ILE B 312 13.63 53.35 -2.78
N ASP B 313 14.70 52.78 -2.27
CA ASP B 313 16.00 53.44 -2.28
C ASP B 313 16.73 53.19 -3.60
N LEU B 314 17.13 54.28 -4.25
CA LEU B 314 17.82 54.14 -5.53
C LEU B 314 19.03 53.19 -5.44
N ALA B 315 19.79 53.29 -4.34
CA ALA B 315 20.99 52.48 -4.10
C ALA B 315 20.67 50.98 -3.95
N PHE B 316 19.62 50.69 -3.17
CA PHE B 316 19.15 49.34 -3.00
C PHE B 316 18.67 48.72 -4.32
N GLN B 317 17.77 49.44 -5.00
CA GLN B 317 17.32 49.09 -6.34
C GLN B 317 18.48 48.87 -7.29
N ASP B 318 19.51 49.70 -7.21
CA ASP B 318 20.70 49.51 -8.05
C ASP B 318 21.41 48.20 -7.76
N SER B 319 21.54 47.81 -6.50
CA SER B 319 22.27 46.57 -6.25
C SER B 319 21.43 45.32 -6.54
N VAL B 320 20.11 45.39 -6.38
CA VAL B 320 19.27 44.29 -6.86
C VAL B 320 19.36 44.10 -8.37
N ASP B 321 19.34 45.21 -9.13
CA ASP B 321 19.45 45.13 -10.58
C ASP B 321 20.79 44.49 -10.98
N ALA B 322 21.86 44.84 -10.26
CA ALA B 322 23.19 44.27 -10.52
C ALA B 322 23.23 42.79 -10.20
N LEU B 323 22.61 42.41 -9.09
CA LEU B 323 22.63 41.01 -8.66
C LEU B 323 21.92 40.16 -9.71
N LEU B 324 20.81 40.68 -10.21
CA LEU B 324 19.99 39.93 -11.16
C LEU B 324 20.74 39.80 -12.48
N LYS B 325 21.45 40.84 -12.87
CA LYS B 325 22.15 40.77 -14.13
C LYS B 325 23.31 39.78 -14.03
N SER B 326 24.00 39.80 -12.90
CA SER B 326 25.11 38.88 -12.65
C SER B 326 24.65 37.43 -12.72
N TYR B 327 23.63 37.08 -11.94
CA TYR B 327 23.07 35.73 -12.02
C TYR B 327 22.58 35.37 -13.42
N PHE B 328 21.85 36.27 -14.07
CA PHE B 328 21.35 35.90 -15.37
C PHE B 328 22.43 35.64 -16.43
N ASN B 329 23.44 36.50 -16.51
CA ASN B 329 24.57 36.25 -17.41
C ASN B 329 25.28 34.93 -17.08
N SER B 330 25.42 34.63 -15.79
CA SER B 330 26.02 33.37 -15.35
C SER B 330 25.24 32.14 -15.84
N GLU B 331 23.91 32.25 -15.88
CA GLU B 331 23.09 31.12 -16.35
C GLU B 331 23.05 31.06 -17.88
N LEU B 332 23.31 32.18 -18.55
CA LEU B 332 23.55 32.17 -19.99
C LEU B 332 24.88 31.48 -20.24
N GLY B 333 25.86 31.80 -19.40
CA GLY B 333 27.17 31.16 -19.43
C GLY B 333 27.11 29.65 -19.43
N ASN B 334 26.39 29.08 -18.48
CA ASN B 334 26.33 27.63 -18.36
C ASN B 334 25.29 26.94 -19.23
N GLY B 335 24.45 27.72 -19.91
CA GLY B 335 23.47 27.19 -20.85
C GLY B 335 22.04 27.16 -20.31
N GLY B 336 21.86 27.15 -18.99
CA GLY B 336 20.52 27.05 -18.40
C GLY B 336 19.52 28.10 -18.89
N ALA B 337 19.97 29.33 -19.07
CA ALA B 337 19.05 30.43 -19.35
C ALA B 337 18.86 30.69 -20.84
N LYS B 338 19.36 29.78 -21.68
CA LYS B 338 19.32 29.99 -23.13
C LYS B 338 17.93 30.36 -23.66
N TYR B 339 16.88 29.69 -23.19
CA TYR B 339 15.53 30.11 -23.59
C TYR B 339 14.68 30.74 -22.49
N SER B 340 15.32 31.31 -21.47
CA SER B 340 14.61 32.12 -20.48
C SER B 340 14.34 33.56 -20.92
N GLU B 341 13.12 34.03 -20.67
CA GLU B 341 12.71 35.38 -21.09
C GLU B 341 13.21 36.44 -20.14
N GLY B 342 13.81 36.04 -19.02
CA GLY B 342 14.33 37.06 -18.11
C GLY B 342 14.28 36.54 -16.71
N VAL B 343 14.51 37.43 -15.75
CA VAL B 343 14.44 37.15 -14.32
C VAL B 343 13.82 38.39 -13.64
N TYR B 344 12.99 38.19 -12.64
CA TYR B 344 12.30 39.28 -11.96
C TYR B 344 12.41 39.12 -10.46
N ALA B 345 12.49 40.22 -9.72
CA ALA B 345 12.41 40.09 -8.27
C ALA B 345 11.69 41.31 -7.75
N VAL B 346 10.91 41.10 -6.70
CA VAL B 346 10.19 42.14 -5.99
C VAL B 346 10.39 41.86 -4.50
N ALA B 347 10.85 42.87 -3.77
CA ALA B 347 10.97 42.78 -2.33
C ALA B 347 9.98 43.78 -1.72
N LEU B 348 9.34 43.38 -0.63
CA LEU B 348 8.29 44.15 0.01
C LEU B 348 8.51 44.14 1.51
N ASN B 349 8.12 45.24 2.14
CA ASN B 349 8.01 45.25 3.59
C ASN B 349 6.65 44.64 3.99
N PRO B 350 6.66 43.47 4.67
CA PRO B 350 5.47 42.68 4.94
C PRO B 350 4.56 43.31 5.99
N GLN B 351 5.11 44.29 6.71
CA GLN B 351 4.41 44.96 7.79
C GLN B 351 3.59 46.12 7.26
N THR B 352 4.01 46.68 6.12
CA THR B 352 3.40 47.92 5.64
C THR B 352 2.95 47.88 4.20
N GLY B 353 3.48 46.94 3.41
CA GLY B 353 3.26 46.97 1.96
C GLY B 353 4.23 47.81 1.14
N ALA B 354 5.11 48.54 1.81
CA ALA B 354 6.09 49.38 1.12
C ALA B 354 6.95 48.56 0.15
N VAL B 355 7.10 49.06 -1.06
CA VAL B 355 7.89 48.33 -2.04
C VAL B 355 9.38 48.65 -1.80
N LEU B 356 10.18 47.63 -1.54
CA LEU B 356 11.61 47.84 -1.31
C LEU B 356 12.41 47.82 -2.61
N SER B 357 12.08 46.92 -3.53
CA SER B 357 12.52 47.10 -4.90
C SER B 357 11.65 46.29 -5.85
N MET B 358 11.61 46.70 -7.10
CA MET B 358 10.94 45.96 -8.17
C MET B 358 11.87 45.91 -9.39
N SER B 359 12.59 44.81 -9.57
CA SER B 359 13.56 44.74 -10.65
C SER B 359 13.18 43.68 -11.65
N GLY B 360 13.56 43.92 -12.90
CA GLY B 360 13.41 42.91 -13.90
C GLY B 360 14.44 43.11 -15.00
N LEU B 361 14.80 41.98 -15.60
CA LEU B 361 15.75 42.00 -16.68
C LEU B 361 15.13 41.12 -17.77
N LYS B 362 14.94 41.70 -18.94
CA LYS B 362 14.29 41.01 -20.01
C LYS B 362 15.34 40.48 -21.00
N HIS B 363 15.19 39.21 -21.35
CA HIS B 363 16.07 38.55 -22.30
C HIS B 363 15.32 38.26 -23.61
N ASP B 364 15.72 38.92 -24.68
CA ASP B 364 15.05 38.72 -25.97
C ASP B 364 15.49 37.40 -26.60
N LEU B 365 14.54 36.49 -26.85
CA LEU B 365 14.90 35.20 -27.44
C LEU B 365 15.23 35.31 -28.93
N LYS B 366 15.04 36.48 -29.53
CA LYS B 366 15.38 36.62 -30.94
C LYS B 366 16.78 37.23 -31.11
N THR B 367 17.09 38.29 -30.35
CA THR B 367 18.36 38.99 -30.51
C THR B 367 19.40 38.67 -29.45
N GLY B 368 19.00 38.09 -28.33
CA GLY B 368 19.93 37.84 -27.23
C GLY B 368 20.08 38.99 -26.24
N GLU B 369 19.59 40.17 -26.59
CA GLU B 369 19.80 41.38 -25.81
C GLU B 369 19.14 41.34 -24.44
N LEU B 370 19.81 41.91 -23.44
CA LEU B 370 19.28 42.07 -22.10
C LEU B 370 18.89 43.52 -21.86
N THR B 371 17.67 43.72 -21.36
CA THR B 371 17.17 45.06 -21.13
C THR B 371 16.48 45.14 -19.75
N PRO B 372 16.72 46.25 -19.05
CA PRO B 372 15.93 46.58 -17.88
C PRO B 372 14.44 46.41 -18.18
N ASP B 373 13.71 45.84 -17.24
CA ASP B 373 12.27 45.63 -17.40
C ASP B 373 11.61 45.60 -16.01
N SER B 374 11.79 46.67 -15.23
CA SER B 374 11.14 46.82 -13.93
C SER B 374 9.63 46.62 -13.98
N LEU B 375 9.01 47.23 -14.99
CA LEU B 375 7.56 47.17 -15.18
C LEU B 375 7.07 45.76 -15.45
N GLY B 376 7.95 44.89 -15.95
CA GLY B 376 7.67 43.46 -16.01
C GLY B 376 7.15 42.84 -14.72
N THR B 377 7.55 43.35 -13.56
CA THR B 377 7.07 42.80 -12.31
C THR B 377 5.56 42.94 -12.10
N VAL B 378 4.93 43.86 -12.83
CA VAL B 378 3.49 44.09 -12.71
C VAL B 378 2.77 43.85 -14.03
N THR B 379 3.52 43.63 -15.11
CA THR B 379 2.87 43.43 -16.41
C THR B 379 3.01 42.06 -17.08
N ASN B 380 4.04 41.30 -16.77
CA ASN B 380 4.22 39.98 -17.37
C ASN B 380 3.80 38.85 -16.41
N VAL B 381 3.35 37.73 -16.97
CA VAL B 381 2.85 36.62 -16.16
C VAL B 381 3.65 35.34 -16.41
N PHE B 382 3.84 34.53 -15.38
CA PHE B 382 4.75 33.37 -15.49
C PHE B 382 4.15 32.18 -14.78
N VAL B 383 4.44 30.96 -15.22
CA VAL B 383 3.99 29.85 -14.39
C VAL B 383 4.75 29.95 -13.07
N PRO B 384 4.04 29.87 -11.92
CA PRO B 384 4.65 30.09 -10.62
C PRO B 384 5.38 28.87 -10.06
N GLY B 385 4.97 27.67 -10.47
CA GLY B 385 5.59 26.43 -9.97
C GLY B 385 5.31 26.18 -8.49
N SER B 386 6.17 25.39 -7.85
CA SER B 386 5.93 24.83 -6.52
C SER B 386 5.89 25.82 -5.36
N VAL B 387 6.19 27.09 -5.61
CA VAL B 387 6.11 28.06 -4.54
C VAL B 387 4.69 28.16 -3.98
N VAL B 388 3.72 27.76 -4.80
CA VAL B 388 2.32 27.99 -4.47
C VAL B 388 1.71 26.94 -3.57
N LYS B 389 2.47 25.93 -3.13
CA LYS B 389 1.88 24.78 -2.45
C LYS B 389 1.25 25.09 -1.09
N ALA B 390 1.71 26.16 -0.43
CA ALA B 390 1.12 26.66 0.81
C ALA B 390 -0.27 27.23 0.58
N ALA B 391 -0.54 27.77 -0.62
CA ALA B 391 -1.87 28.31 -0.86
C ALA B 391 -2.85 27.14 -1.08
N THR B 392 -2.41 26.06 -1.70
CA THR B 392 -3.24 24.86 -1.92
C THR B 392 -3.65 24.15 -0.62
N ILE B 393 -2.69 23.91 0.26
CA ILE B 393 -2.95 23.36 1.60
C ILE B 393 -3.96 24.25 2.36
N SER B 394 -3.79 25.56 2.28
CA SER B 394 -4.74 26.52 2.85
C SER B 394 -6.16 26.20 2.37
N SER B 395 -6.28 25.82 1.11
CA SER B 395 -7.59 25.62 0.52
C SER B 395 -8.17 24.34 1.11
N GLY B 396 -7.28 23.39 1.42
CA GLY B 396 -7.65 22.14 2.06
C GLY B 396 -8.26 22.43 3.42
N TRP B 397 -7.63 23.33 4.18
CA TRP B 397 -8.14 23.71 5.50
C TRP B 397 -9.49 24.42 5.36
N GLU B 398 -9.60 25.36 4.41
CA GLU B 398 -10.80 26.17 4.26
C GLU B 398 -11.98 25.25 3.91
N ASN B 399 -11.72 24.28 3.05
CA ASN B 399 -12.78 23.44 2.52
C ASN B 399 -12.96 22.12 3.27
N GLY B 400 -12.44 22.05 4.49
CA GLY B 400 -12.71 20.93 5.37
C GLY B 400 -12.03 19.63 4.93
N VAL B 401 -11.05 19.73 4.03
CA VAL B 401 -10.43 18.52 3.49
C VAL B 401 -9.28 18.09 4.43
N LEU B 402 -8.61 19.07 5.02
CA LEU B 402 -7.46 18.77 5.85
C LEU B 402 -7.78 19.32 7.24
N SER B 403 -7.23 18.67 8.26
CA SER B 403 -7.36 19.12 9.63
C SER B 403 -5.98 19.20 10.26
N GLY B 404 -5.56 20.40 10.62
CA GLY B 404 -4.24 20.59 11.22
C GLY B 404 -3.11 20.14 10.31
N ASN B 405 -2.05 19.65 10.93
CA ASN B 405 -0.88 19.09 10.26
C ASN B 405 -1.11 17.63 9.86
N GLN B 406 -2.10 17.42 9.00
CA GLN B 406 -2.62 16.09 8.65
C GLN B 406 -1.60 15.26 7.89
N THR B 407 -1.47 13.99 8.27
CA THR B 407 -0.65 13.01 7.56
C THR B 407 -1.42 12.43 6.38
N LEU B 408 -0.77 12.39 5.22
CA LEU B 408 -1.31 11.74 4.03
C LEU B 408 -0.23 10.79 3.52
N THR B 409 -0.58 9.86 2.64
CA THR B 409 0.44 8.94 2.13
C THR B 409 1.07 9.57 0.90
N ASP B 410 2.38 9.79 0.92
CA ASP B 410 3.04 10.19 -0.31
C ASP B 410 3.17 8.95 -1.21
N GLN B 411 2.54 8.99 -2.38
CA GLN B 411 2.47 7.86 -3.29
C GLN B 411 2.30 8.44 -4.70
N PRO B 412 2.64 7.67 -5.74
CA PRO B 412 2.36 8.09 -7.11
C PRO B 412 0.85 8.22 -7.32
N ILE B 413 0.39 9.30 -7.94
CA ILE B 413 -1.05 9.49 -8.15
C ILE B 413 -1.46 8.97 -9.53
N VAL B 414 -2.36 7.99 -9.53
CA VAL B 414 -2.72 7.28 -10.76
C VAL B 414 -4.21 7.37 -11.08
N PHE B 415 -4.53 8.17 -12.08
CA PHE B 415 -5.90 8.29 -12.56
C PHE B 415 -6.02 7.42 -13.80
N GLN B 416 -7.16 6.73 -13.90
CA GLN B 416 -7.53 6.07 -15.14
C GLN B 416 -7.37 7.00 -16.33
N GLY B 417 -6.56 6.59 -17.30
CA GLY B 417 -6.46 7.30 -18.57
C GLY B 417 -5.39 8.38 -18.67
N SER B 418 -4.43 8.37 -17.75
CA SER B 418 -3.28 9.27 -17.82
C SER B 418 -2.05 8.66 -17.17
N ALA B 419 -0.89 9.27 -17.40
CA ALA B 419 0.32 8.81 -16.72
C ALA B 419 0.29 9.25 -15.26
N PRO B 420 1.01 8.51 -14.40
CA PRO B 420 1.07 8.80 -12.99
C PRO B 420 1.81 10.10 -12.67
N ILE B 421 1.35 10.78 -11.63
CA ILE B 421 1.97 12.01 -11.16
C ILE B 421 2.97 11.72 -10.04
N TYR B 422 4.18 12.25 -10.17
CA TYR B 422 5.29 12.04 -9.22
C TYR B 422 5.73 13.37 -8.66
N SER B 423 6.61 13.36 -7.67
CA SER B 423 7.31 14.58 -7.25
C SER B 423 8.73 14.42 -7.76
N TRP B 424 9.57 15.45 -7.59
CA TRP B 424 10.97 15.39 -8.03
C TRP B 424 11.70 14.11 -7.59
N TYR B 425 11.37 13.55 -6.43
CA TYR B 425 12.05 12.32 -5.98
C TYR B 425 11.50 11.01 -6.57
N LYS B 426 10.46 11.11 -7.41
CA LYS B 426 9.91 9.93 -8.09
C LYS B 426 9.71 8.73 -7.16
N LEU B 427 10.32 7.59 -7.54
CA LEU B 427 10.16 6.38 -6.75
C LEU B 427 11.29 6.09 -5.77
N ALA B 428 12.26 6.99 -5.66
CA ALA B 428 13.43 6.74 -4.81
C ALA B 428 13.15 6.30 -3.37
N TYR B 429 12.13 6.86 -2.72
CA TYR B 429 11.83 6.50 -1.33
C TYR B 429 10.53 5.72 -1.18
N GLY B 430 10.11 5.07 -2.26
CA GLY B 430 8.82 4.41 -2.34
C GLY B 430 7.73 5.36 -1.86
N SER B 431 6.65 4.76 -1.33
CA SER B 431 5.57 5.52 -0.72
C SER B 431 5.78 5.59 0.79
N PHE B 432 5.29 6.64 1.42
CA PHE B 432 5.59 6.88 2.82
C PHE B 432 4.68 7.98 3.36
N PRO B 433 4.41 7.97 4.67
CA PRO B 433 3.58 8.99 5.32
C PRO B 433 4.27 10.34 5.36
N ILE B 434 3.50 11.41 5.19
CA ILE B 434 4.07 12.75 5.12
C ILE B 434 3.06 13.75 5.72
N THR B 435 3.54 14.66 6.56
CA THR B 435 2.69 15.68 7.17
C THR B 435 2.63 16.88 6.24
N ALA B 436 1.80 17.87 6.60
CA ALA B 436 1.73 19.14 5.86
C ALA B 436 3.02 19.91 5.94
N VAL B 437 3.65 19.95 7.11
CA VAL B 437 4.97 20.57 7.26
C VAL B 437 5.97 19.95 6.30
N GLU B 438 5.94 18.62 6.21
CA GLU B 438 6.92 17.87 5.43
C GLU B 438 6.59 18.00 3.95
N ALA B 439 5.30 17.96 3.66
CA ALA B 439 4.80 18.30 2.34
C ALA B 439 5.45 19.57 1.80
N LEU B 440 5.56 20.62 2.61
CA LEU B 440 6.20 21.85 2.14
C LEU B 440 7.71 21.68 2.06
N GLU B 441 8.28 21.06 3.09
CA GLU B 441 9.72 20.82 3.14
C GLU B 441 10.28 20.10 1.91
N TYR B 442 9.58 19.06 1.48
CA TYR B 442 10.01 18.13 0.42
C TYR B 442 9.40 18.51 -0.90
N SER B 443 8.43 19.42 -0.81
CA SER B 443 7.70 19.90 -1.98
C SER B 443 7.02 18.71 -2.64
N SER B 444 6.21 18.02 -1.84
CA SER B 444 5.41 16.91 -2.34
C SER B 444 4.24 17.30 -3.25
N ASN B 445 4.18 16.71 -4.45
CA ASN B 445 3.03 16.83 -5.35
C ASN B 445 1.87 15.93 -4.90
N ALA B 446 2.18 14.73 -4.38
CA ALA B 446 1.13 13.87 -3.85
C ALA B 446 0.25 14.54 -2.80
N TYR B 447 0.83 15.35 -1.92
CA TYR B 447 0.05 16.01 -0.86
C TYR B 447 -0.97 16.99 -1.45
N VAL B 448 -0.54 17.88 -2.34
CA VAL B 448 -1.46 18.86 -2.95
C VAL B 448 -2.43 18.30 -3.98
N VAL B 449 -2.06 17.22 -4.66
CA VAL B 449 -3.02 16.60 -5.59
C VAL B 449 -4.12 15.87 -4.79
N GLN B 450 -3.76 15.24 -3.68
CA GLN B 450 -4.75 14.55 -2.86
C GLN B 450 -5.68 15.56 -2.18
N THR B 451 -5.10 16.64 -1.69
CA THR B 451 -5.86 17.78 -1.20
C THR B 451 -6.86 18.31 -2.23
N ALA B 452 -6.42 18.47 -3.47
CA ALA B 452 -7.28 19.03 -4.53
C ALA B 452 -8.39 18.05 -4.91
N LEU B 453 -8.04 16.77 -4.98
CA LEU B 453 -9.06 15.75 -5.18
C LEU B 453 -10.17 15.86 -4.10
N GLY B 454 -9.79 16.11 -2.85
CA GLY B 454 -10.74 16.29 -1.75
C GLY B 454 -11.63 17.52 -1.85
N ILE B 455 -11.07 18.63 -2.34
CA ILE B 455 -11.86 19.84 -2.52
C ILE B 455 -12.94 19.56 -3.54
N MET B 456 -12.65 18.63 -4.44
CA MET B 456 -13.62 18.24 -5.49
C MET B 456 -14.58 17.16 -4.98
N GLY B 457 -14.57 16.93 -3.67
CA GLY B 457 -15.50 15.99 -3.02
C GLY B 457 -15.08 14.53 -3.14
N GLN B 458 -13.83 14.26 -3.47
CA GLN B 458 -13.39 12.88 -3.64
C GLN B 458 -12.26 12.50 -2.69
N THR B 459 -12.04 11.19 -2.53
CA THR B 459 -10.86 10.72 -1.82
C THR B 459 -10.08 9.90 -2.83
N TYR B 460 -8.77 10.13 -2.90
CA TYR B 460 -7.95 9.33 -3.78
C TYR B 460 -8.03 7.85 -3.44
N GLN B 461 -8.23 7.05 -4.49
CA GLN B 461 -7.89 5.65 -4.44
C GLN B 461 -7.29 5.34 -5.79
N PRO B 462 -6.23 4.53 -5.81
CA PRO B 462 -5.51 4.32 -7.05
C PRO B 462 -6.45 3.80 -8.14
N ASN B 463 -6.15 4.12 -9.40
CA ASN B 463 -6.94 3.63 -10.54
C ASN B 463 -8.39 4.09 -10.55
N MET B 464 -8.72 5.14 -9.80
CA MET B 464 -10.06 5.69 -9.85
C MET B 464 -10.36 6.28 -11.23
N PHE B 465 -11.57 6.03 -11.71
CA PHE B 465 -12.16 6.82 -12.80
C PHE B 465 -12.62 8.14 -12.19
N VAL B 466 -12.14 9.27 -12.70
CA VAL B 466 -12.53 10.55 -12.12
C VAL B 466 -13.88 11.09 -12.61
N GLY B 467 -14.76 11.40 -11.66
CA GLY B 467 -16.06 11.99 -11.94
C GLY B 467 -15.95 13.50 -11.84
N THR B 468 -16.26 14.20 -12.92
CA THR B 468 -16.02 15.63 -12.99
C THR B 468 -17.23 16.52 -12.68
N SER B 469 -18.17 16.04 -11.87
CA SER B 469 -19.41 16.78 -11.62
C SER B 469 -19.18 18.00 -10.73
N ASN B 470 -18.20 17.91 -9.84
CA ASN B 470 -17.81 19.06 -9.05
C ASN B 470 -16.54 19.75 -9.51
N LEU B 471 -16.23 19.68 -10.81
CA LEU B 471 -14.99 20.23 -11.35
C LEU B 471 -14.98 21.75 -11.27
N GLU B 472 -16.04 22.40 -11.73
CA GLU B 472 -16.13 23.86 -11.69
C GLU B 472 -16.14 24.44 -10.29
N SER B 473 -16.96 23.85 -9.42
CA SER B 473 -17.03 24.27 -8.03
C SER B 473 -15.66 24.11 -7.34
N ALA B 474 -14.97 23.00 -7.59
CA ALA B 474 -13.63 22.82 -7.03
C ALA B 474 -12.60 23.82 -7.54
N MET B 475 -12.48 23.96 -8.86
CA MET B 475 -11.58 24.98 -9.42
C MET B 475 -11.89 26.40 -8.92
N GLY B 476 -13.18 26.72 -8.79
CA GLY B 476 -13.56 28.01 -8.18
C GLY B 476 -13.10 28.18 -6.75
N LYS B 477 -13.20 27.11 -5.97
CA LYS B 477 -12.76 27.10 -4.58
C LYS B 477 -11.24 27.25 -4.50
N LEU B 478 -10.54 26.53 -5.35
CA LEU B 478 -9.09 26.60 -5.37
C LEU B 478 -8.65 28.01 -5.71
N ARG B 479 -9.23 28.59 -6.75
CA ARG B 479 -8.80 29.92 -7.20
C ARG B 479 -9.19 31.01 -6.21
N SER B 480 -10.26 30.75 -5.48
CA SER B 480 -10.69 31.72 -4.49
C SER B 480 -9.67 31.80 -3.37
N THR B 481 -9.16 30.65 -2.91
CA THR B 481 -8.10 30.66 -1.94
C THR B 481 -6.82 31.31 -2.52
N PHE B 482 -6.43 30.95 -3.75
CA PHE B 482 -5.26 31.55 -4.37
C PHE B 482 -5.38 33.09 -4.35
N GLY B 483 -6.57 33.58 -4.70
CA GLY B 483 -6.86 35.00 -4.75
C GLY B 483 -6.81 35.72 -3.42
N GLU B 484 -6.99 35.03 -2.28
CA GLU B 484 -6.85 35.68 -0.96
C GLU B 484 -5.40 36.02 -0.69
N TYR B 485 -4.49 35.40 -1.46
CA TYR B 485 -3.06 35.60 -1.28
C TYR B 485 -2.54 36.52 -2.36
N GLY B 486 -3.42 36.92 -3.28
CA GLY B 486 -3.01 37.80 -4.37
C GLY B 486 -2.65 37.03 -5.62
N LEU B 487 -2.81 35.72 -5.58
CA LEU B 487 -2.47 34.94 -6.76
C LEU B 487 -3.68 34.88 -7.70
N GLY B 488 -3.68 35.70 -8.73
CA GLY B 488 -4.77 35.71 -9.72
C GLY B 488 -5.80 36.81 -9.50
N SER B 489 -5.55 37.66 -8.52
CA SER B 489 -6.47 38.77 -8.25
C SER B 489 -5.60 40.03 -8.16
N ALA B 490 -6.27 41.18 -8.15
CA ALA B 490 -5.57 42.46 -8.09
C ALA B 490 -4.76 42.58 -6.82
N THR B 491 -3.57 43.16 -6.91
CA THR B 491 -2.70 43.32 -5.75
C THR B 491 -3.00 44.56 -4.89
N GLY B 492 -3.56 45.59 -5.52
CA GLY B 492 -3.66 46.89 -4.88
C GLY B 492 -2.56 47.87 -5.26
N ILE B 493 -1.51 47.44 -5.96
CA ILE B 493 -0.35 48.31 -6.25
C ILE B 493 -0.83 49.69 -6.70
N ASP B 494 -0.11 50.74 -6.32
CA ASP B 494 -0.50 52.10 -6.70
C ASP B 494 0.01 52.51 -8.08
N LEU B 495 -0.30 51.70 -9.08
CA LEU B 495 -0.09 52.09 -10.47
C LEU B 495 -1.42 51.99 -11.22
N PRO B 496 -1.55 52.68 -12.36
CA PRO B 496 -2.85 52.71 -13.06
C PRO B 496 -3.33 51.38 -13.63
N ASP B 497 -2.42 50.52 -14.08
CA ASP B 497 -2.86 49.29 -14.74
C ASP B 497 -1.91 48.12 -14.51
N GLU B 498 -2.32 47.15 -13.70
CA GLU B 498 -1.49 45.97 -13.47
C GLU B 498 -2.16 44.78 -14.16
N SER B 499 -1.38 43.80 -14.55
CA SER B 499 -1.94 42.53 -14.96
C SER B 499 -2.36 41.74 -13.72
N THR B 500 -3.45 40.98 -13.85
CA THR B 500 -3.92 40.16 -12.74
C THR B 500 -3.70 38.67 -13.03
N GLY B 501 -2.94 38.39 -14.08
CA GLY B 501 -2.52 37.03 -14.41
C GLY B 501 -3.19 36.49 -15.66
N LEU B 502 -2.85 35.25 -16.01
CA LEU B 502 -3.48 34.54 -17.10
C LEU B 502 -4.25 33.40 -16.44
N VAL B 503 -5.56 33.58 -16.25
CA VAL B 503 -6.40 32.64 -15.51
C VAL B 503 -7.49 32.12 -16.46
N PRO B 504 -7.23 31.02 -17.16
CA PRO B 504 -8.12 30.59 -18.23
C PRO B 504 -9.50 30.20 -17.70
N LYS B 505 -10.53 30.72 -18.35
CA LYS B 505 -11.90 30.46 -17.89
C LYS B 505 -12.40 29.13 -18.42
N GLU B 506 -11.74 28.61 -19.46
CA GLU B 506 -12.03 27.27 -19.98
C GLU B 506 -10.92 26.30 -19.56
N TYR B 507 -11.27 25.16 -18.99
CA TYR B 507 -10.27 24.28 -18.39
C TYR B 507 -10.84 22.87 -18.21
N ASN B 508 -9.98 21.88 -18.02
CA ASN B 508 -10.48 20.54 -17.75
C ASN B 508 -9.99 20.02 -16.41
N PHE B 509 -10.22 18.73 -16.18
CA PHE B 509 -9.80 18.15 -14.93
C PHE B 509 -8.28 18.19 -14.78
N ALA B 510 -7.57 17.83 -15.83
CA ALA B 510 -6.10 17.82 -15.77
C ALA B 510 -5.55 19.21 -15.41
N ASN B 511 -6.19 20.25 -15.91
CA ASN B 511 -5.80 21.63 -15.60
C ASN B 511 -5.99 21.96 -14.12
N PHE B 512 -7.09 21.50 -13.55
CA PHE B 512 -7.42 21.73 -12.14
C PHE B 512 -6.32 21.08 -11.31
N ILE B 513 -5.96 19.86 -11.69
CA ILE B 513 -4.96 19.10 -10.97
C ILE B 513 -3.57 19.78 -11.04
N THR B 514 -3.15 20.26 -12.21
CA THR B 514 -1.87 20.97 -12.36
C THR B 514 -1.84 22.37 -11.72
N ASN B 515 -2.98 23.05 -11.68
CA ASN B 515 -3.10 24.31 -10.96
C ASN B 515 -2.78 24.13 -9.46
N ALA B 516 -3.19 23.01 -8.88
CA ALA B 516 -2.80 22.71 -7.50
C ALA B 516 -1.30 22.71 -7.21
N PHE B 517 -0.47 22.40 -8.20
CA PHE B 517 0.97 22.43 -7.96
C PHE B 517 1.68 23.50 -8.78
N GLY B 518 0.92 24.53 -9.18
CA GLY B 518 1.49 25.74 -9.74
C GLY B 518 1.86 25.56 -11.20
N GLN B 519 1.19 24.68 -11.91
CA GLN B 519 1.45 24.49 -13.35
C GLN B 519 0.23 24.79 -14.22
N PHE B 520 -0.54 25.86 -13.94
CA PHE B 520 -1.62 26.23 -14.85
C PHE B 520 -1.83 27.74 -14.96
N ASP B 521 -2.49 28.32 -13.96
CA ASP B 521 -2.69 29.77 -13.95
C ASP B 521 -1.28 30.40 -13.84
N ASN B 522 -1.04 31.49 -14.57
CA ASN B 522 0.19 32.30 -14.58
C ASN B 522 0.03 33.60 -13.76
N TYR B 523 1.04 33.94 -12.95
CA TYR B 523 0.94 35.12 -12.10
C TYR B 523 2.08 36.12 -12.34
N THR B 524 1.93 37.37 -11.91
CA THR B 524 3.03 38.33 -12.05
C THR B 524 3.97 38.25 -10.84
N PRO B 525 5.22 38.72 -11.00
CA PRO B 525 6.14 38.76 -9.86
C PRO B 525 5.65 39.54 -8.61
N MET B 526 4.93 40.65 -8.79
CA MET B 526 4.28 41.40 -7.70
C MET B 526 3.21 40.56 -6.98
N GLN B 527 2.38 39.82 -7.72
CA GLN B 527 1.44 38.85 -7.13
C GLN B 527 2.16 37.79 -6.28
N LEU B 528 3.26 37.26 -6.79
CA LEU B 528 3.97 36.26 -6.00
C LEU B 528 4.63 36.87 -4.76
N ALA B 529 5.05 38.13 -4.83
CA ALA B 529 5.60 38.76 -3.63
C ALA B 529 4.55 39.05 -2.57
N GLN B 530 3.33 39.38 -3.00
CA GLN B 530 2.28 39.77 -2.07
C GLN B 530 1.88 38.47 -1.43
N TYR B 531 1.94 37.39 -2.19
CA TYR B 531 1.61 36.07 -1.63
C TYR B 531 2.51 35.73 -0.42
N VAL B 532 3.83 35.76 -0.61
CA VAL B 532 4.72 35.41 0.48
C VAL B 532 4.72 36.49 1.55
N ALA B 533 4.53 37.75 1.18
CA ALA B 533 4.41 38.81 2.20
C ALA B 533 3.16 38.62 3.06
N THR B 534 2.06 38.15 2.49
CA THR B 534 0.88 37.76 3.29
C THR B 534 1.16 36.66 4.33
N ILE B 535 1.92 35.65 3.95
CA ILE B 535 2.25 34.58 4.90
C ILE B 535 3.14 35.13 6.00
N ALA B 536 4.10 35.98 5.64
CA ALA B 536 4.97 36.60 6.64
C ALA B 536 4.24 37.63 7.53
N ASN B 537 3.10 38.15 7.09
CA ASN B 537 2.27 39.05 7.92
C ASN B 537 1.11 38.29 8.53
N ASN B 538 1.31 37.01 8.82
CA ASN B 538 0.30 36.13 9.43
C ASN B 538 -1.11 36.12 8.84
N GLY B 539 -1.21 36.17 7.51
CA GLY B 539 -2.52 36.08 6.85
C GLY B 539 -3.19 37.39 6.43
N VAL B 540 -2.63 38.52 6.86
CA VAL B 540 -3.21 39.82 6.55
C VAL B 540 -2.55 40.45 5.34
N ARG B 541 -3.28 40.41 4.22
CA ARG B 541 -2.77 40.82 2.94
C ARG B 541 -2.81 42.34 2.77
N LEU B 542 -1.65 42.90 2.44
CA LEU B 542 -1.45 44.34 2.37
C LEU B 542 -1.28 44.84 0.93
N ALA B 543 -1.81 46.01 0.63
CA ALA B 543 -1.60 46.62 -0.68
C ALA B 543 -0.16 47.08 -0.76
N PRO B 544 0.53 46.74 -1.86
CA PRO B 544 1.90 47.20 -1.99
C PRO B 544 1.84 48.65 -2.43
N HIS B 545 2.73 49.49 -1.92
CA HIS B 545 2.77 50.89 -2.36
C HIS B 545 4.20 51.35 -2.60
N ILE B 546 4.38 52.05 -3.71
CA ILE B 546 5.67 52.60 -4.13
C ILE B 546 5.88 54.00 -3.54
N VAL B 547 4.77 54.70 -3.27
CA VAL B 547 4.86 56.01 -2.64
C VAL B 547 4.83 55.87 -1.11
N GLU B 548 5.81 56.49 -0.44
CA GLU B 548 5.89 56.48 1.02
C GLU B 548 5.13 57.64 1.69
N GLY B 549 5.04 58.80 1.04
CA GLY B 549 4.41 59.97 1.67
C GLY B 549 4.29 61.13 0.72
N ILE B 550 3.44 62.09 1.09
CA ILE B 550 3.17 63.28 0.28
C ILE B 550 3.79 64.46 0.96
N TYR B 551 4.58 65.24 0.23
CA TYR B 551 5.47 66.23 0.83
C TYR B 551 5.26 67.62 0.25
N ASP B 552 5.32 68.63 1.11
CA ASP B 552 5.19 70.02 0.71
C ASP B 552 6.50 70.46 0.06
N ASN B 553 6.56 71.70 -0.38
CA ASN B 553 7.81 72.27 -0.88
C ASN B 553 8.46 73.15 0.18
N ASN B 554 9.77 73.01 0.33
CA ASN B 554 10.55 73.97 1.09
C ASN B 554 10.78 75.24 0.24
N ASP B 555 11.58 76.15 0.76
CA ASP B 555 11.77 77.47 0.12
C ASP B 555 12.52 77.51 -1.22
N LYS B 556 13.47 76.60 -1.40
CA LYS B 556 14.14 76.46 -2.69
C LYS B 556 13.15 76.00 -3.74
N GLY B 557 12.13 75.27 -3.31
CA GLY B 557 11.17 74.62 -4.21
C GLY B 557 11.42 73.13 -4.36
N GLY B 558 12.31 72.59 -3.54
CA GLY B 558 12.64 71.17 -3.54
C GLY B 558 11.89 70.39 -2.47
N LEU B 559 12.37 69.19 -2.16
CA LEU B 559 11.72 68.34 -1.16
C LEU B 559 11.54 69.06 0.18
N GLY B 560 10.29 69.20 0.62
CA GLY B 560 10.03 69.90 1.87
C GLY B 560 9.49 69.00 2.95
N GLU B 561 8.52 69.51 3.72
CA GLU B 561 8.07 68.78 4.91
C GLU B 561 6.85 67.90 4.66
N LEU B 562 6.79 66.77 5.35
CA LEU B 562 5.70 65.81 5.19
C LEU B 562 4.34 66.48 5.41
N ILE B 563 3.39 66.11 4.57
CA ILE B 563 2.00 66.52 4.71
C ILE B 563 1.20 65.27 5.07
N GLN B 564 1.43 64.17 4.35
CA GLN B 564 0.60 62.98 4.51
C GLN B 564 1.32 61.71 4.10
N ALA B 565 1.59 60.85 5.08
CA ALA B 565 2.06 59.50 4.82
C ALA B 565 1.02 58.63 4.09
N ILE B 566 1.51 57.74 3.24
CA ILE B 566 0.65 56.70 2.67
C ILE B 566 0.49 55.60 3.73
N ASP B 567 -0.75 55.38 4.13
CA ASP B 567 -1.08 54.46 5.21
C ASP B 567 -1.15 53.03 4.70
N THR B 568 -0.80 52.10 5.58
CA THR B 568 -1.01 50.68 5.35
C THR B 568 -2.47 50.43 4.99
N LYS B 569 -2.69 49.75 3.86
CA LYS B 569 -4.02 49.34 3.43
C LYS B 569 -4.19 47.81 3.54
N GLU B 570 -5.02 47.35 4.47
CA GLU B 570 -5.31 45.91 4.55
C GLU B 570 -6.39 45.58 3.54
N ILE B 571 -6.26 44.46 2.81
CA ILE B 571 -7.21 44.05 1.79
C ILE B 571 -8.12 42.91 2.24
N ASN B 572 -7.58 41.97 3.02
CA ASN B 572 -8.31 40.78 3.45
C ASN B 572 -7.46 39.98 4.42
N LYS B 573 -8.10 39.08 5.16
CA LYS B 573 -7.42 38.12 6.02
C LYS B 573 -7.65 36.72 5.48
N VAL B 574 -6.58 35.99 5.14
CA VAL B 574 -6.76 34.58 4.77
C VAL B 574 -7.57 33.84 5.84
N ASN B 575 -8.62 33.15 5.40
CA ASN B 575 -9.57 32.46 6.28
C ASN B 575 -9.08 31.10 6.79
N ILE B 576 -7.93 31.08 7.45
CA ILE B 576 -7.44 29.88 8.16
C ILE B 576 -7.01 30.27 9.57
N SER B 577 -6.95 29.29 10.46
CA SER B 577 -6.74 29.54 11.89
C SER B 577 -5.29 30.01 12.12
N GLU B 578 -5.03 30.54 13.30
CA GLU B 578 -3.66 30.91 13.68
C GLU B 578 -2.70 29.72 13.73
N SER B 579 -3.20 28.60 14.19
CA SER B 579 -2.39 27.40 14.31
C SER B 579 -2.14 26.77 12.94
N ASP B 580 -3.08 26.89 12.01
CA ASP B 580 -2.82 26.42 10.64
C ASP B 580 -1.73 27.29 10.00
N MET B 581 -1.87 28.61 10.09
CA MET B 581 -0.82 29.53 9.68
C MET B 581 0.53 29.16 10.29
N ALA B 582 0.56 28.72 11.55
CA ALA B 582 1.82 28.35 12.23
C ALA B 582 2.40 27.09 11.62
N ILE B 583 1.51 26.26 11.08
CA ILE B 583 1.96 25.11 10.31
C ILE B 583 2.65 25.54 9.00
N LEU B 584 2.07 26.51 8.29
CA LEU B 584 2.74 27.09 7.13
C LEU B 584 4.11 27.66 7.46
N HIS B 585 4.21 28.38 8.59
CA HIS B 585 5.49 28.95 8.99
C HIS B 585 6.56 27.88 9.29
N GLN B 586 6.13 26.77 9.88
CA GLN B 586 7.07 25.71 10.25
C GLN B 586 7.55 24.94 9.01
N GLY B 587 6.67 24.82 8.01
CA GLY B 587 7.03 24.33 6.68
C GLY B 587 8.09 25.16 5.95
N PHE B 588 7.88 26.46 5.84
CA PHE B 588 8.82 27.35 5.14
C PHE B 588 10.14 27.39 5.92
N TYR B 589 10.06 27.32 7.24
CA TYR B 589 11.26 27.28 8.07
C TYR B 589 12.10 26.02 7.80
N GLN B 590 11.45 24.87 7.71
CA GLN B 590 12.13 23.61 7.51
C GLN B 590 12.56 23.46 6.05
N VAL B 591 11.93 24.17 5.12
CA VAL B 591 12.41 24.17 3.74
C VAL B 591 13.87 24.61 3.76
N SER B 592 14.21 25.46 4.73
CA SER B 592 15.51 26.13 4.74
C SER B 592 16.47 25.68 5.85
N HIS B 593 15.96 24.94 6.84
CA HIS B 593 16.73 24.52 8.03
C HIS B 593 16.72 23.01 8.22
N GLY B 594 15.96 22.31 7.38
CA GLY B 594 15.78 20.87 7.47
C GLY B 594 17.06 20.09 7.20
N THR B 595 17.04 18.81 7.58
CA THR B 595 18.21 17.96 7.45
C THR B 595 17.86 16.62 6.81
N SER B 596 16.74 16.57 6.10
CA SER B 596 16.35 15.37 5.36
C SER B 596 17.00 15.35 3.99
N PRO B 597 17.19 14.15 3.41
CA PRO B 597 17.67 14.15 2.04
C PRO B 597 16.65 14.80 1.11
N LEU B 598 15.39 14.89 1.54
CA LEU B 598 14.36 15.49 0.70
C LEU B 598 14.17 16.98 0.93
N THR B 599 14.85 17.55 1.91
CA THR B 599 14.76 18.97 2.15
C THR B 599 15.21 19.77 0.94
N THR B 600 14.40 20.75 0.51
CA THR B 600 14.59 21.35 -0.79
C THR B 600 15.36 22.66 -0.82
N GLY B 601 15.42 23.39 0.29
CA GLY B 601 15.95 24.74 0.18
C GLY B 601 17.01 25.16 1.16
N ARG B 602 17.94 24.24 1.43
CA ARG B 602 19.07 24.56 2.30
C ARG B 602 19.89 25.72 1.74
N ALA B 603 19.89 25.92 0.42
CA ALA B 603 20.60 27.06 -0.14
C ALA B 603 20.18 28.43 0.40
N PHE B 604 18.92 28.55 0.82
CA PHE B 604 18.43 29.79 1.47
C PHE B 604 19.31 30.22 2.63
N SER B 605 19.81 29.24 3.37
CA SER B 605 20.47 29.47 4.66
C SER B 605 21.97 29.56 4.49
N ASP B 606 22.44 29.05 3.36
CA ASP B 606 23.88 28.96 3.10
C ASP B 606 24.51 30.33 2.94
N GLY B 607 25.02 30.89 4.04
CA GLY B 607 25.56 32.25 4.06
C GLY B 607 24.55 33.33 4.43
N ALA B 608 23.42 32.95 5.00
CA ALA B 608 22.41 33.90 5.41
C ALA B 608 22.80 34.65 6.69
N THR B 609 22.58 35.97 6.71
CA THR B 609 22.99 36.77 7.86
C THR B 609 21.84 36.98 8.83
N VAL B 610 20.66 36.48 8.46
CA VAL B 610 19.52 36.37 9.36
C VAL B 610 18.81 35.07 9.03
N SER B 611 17.91 34.66 9.92
CA SER B 611 17.12 33.47 9.68
C SER B 611 16.16 33.74 8.53
N ILE B 612 16.24 32.87 7.52
CA ILE B 612 15.41 32.93 6.30
C ILE B 612 14.44 31.75 6.27
N SER B 613 13.16 32.05 6.03
CA SER B 613 12.17 31.03 5.71
C SER B 613 11.69 31.25 4.28
N GLY B 614 11.35 30.17 3.58
CA GLY B 614 11.01 30.32 2.17
C GLY B 614 10.48 29.05 1.56
N LYS B 615 10.26 29.06 0.25
CA LYS B 615 9.74 27.91 -0.46
C LYS B 615 10.29 28.00 -1.89
N THR B 616 10.76 26.89 -2.44
CA THR B 616 11.32 26.80 -3.79
C THR B 616 10.33 26.32 -4.86
N GLY B 617 10.70 26.55 -6.12
CA GLY B 617 9.81 26.41 -7.27
C GLY B 617 10.25 25.33 -8.24
N THR B 630 12.66 24.54 -17.30
CA THR B 630 11.75 24.55 -16.15
C THR B 630 11.95 25.75 -15.21
N ASN B 631 10.92 26.06 -14.44
CA ASN B 631 10.95 27.28 -13.63
C ASN B 631 11.66 27.08 -12.28
N THR B 632 12.66 27.93 -12.01
CA THR B 632 13.45 27.96 -10.78
C THR B 632 13.06 29.12 -9.83
N ASN B 633 11.76 29.28 -9.56
CA ASN B 633 11.23 30.38 -8.78
C ASN B 633 11.45 30.24 -7.28
N ALA B 634 11.41 31.33 -6.53
CA ALA B 634 11.51 31.14 -5.09
C ALA B 634 10.82 32.29 -4.39
N VAL B 635 10.25 32.01 -3.22
CA VAL B 635 9.82 33.07 -2.30
C VAL B 635 10.45 32.89 -0.93
N ALA B 636 10.62 33.99 -0.20
CA ALA B 636 11.29 33.94 1.09
C ALA B 636 10.86 35.13 1.90
N TYR B 637 11.05 35.02 3.22
CA TYR B 637 10.94 36.17 4.10
C TYR B 637 11.91 36.04 5.26
N ALA B 638 12.21 37.17 5.89
CA ALA B 638 13.21 37.16 6.96
C ALA B 638 13.11 38.48 7.71
N PRO B 639 13.58 38.53 8.95
CA PRO B 639 14.00 37.35 9.70
C PRO B 639 12.79 36.50 10.11
N THR B 640 13.01 35.20 10.25
CA THR B 640 11.93 34.28 10.53
C THR B 640 10.98 34.75 11.61
N GLU B 641 11.54 35.24 12.72
CA GLU B 641 10.81 35.48 13.97
C GLU B 641 10.07 36.80 13.93
N ASN B 642 10.55 37.72 13.11
CA ASN B 642 9.96 39.04 13.05
C ASN B 642 10.20 39.68 11.70
N PRO B 643 9.37 39.31 10.70
CA PRO B 643 9.67 39.55 9.29
C PRO B 643 9.67 41.01 8.87
N GLN B 644 10.72 41.42 8.16
CA GLN B 644 10.83 42.81 7.74
C GLN B 644 11.05 42.91 6.24
N ILE B 645 11.39 41.79 5.60
CA ILE B 645 11.45 41.71 4.14
C ILE B 645 10.82 40.42 3.66
N ALA B 646 10.03 40.54 2.58
CA ALA B 646 9.52 39.37 1.88
C ALA B 646 9.87 39.53 0.41
N VAL B 647 10.31 38.46 -0.25
CA VAL B 647 10.83 38.55 -1.61
C VAL B 647 10.30 37.41 -2.45
N ALA B 648 9.93 37.72 -3.69
CA ALA B 648 9.70 36.71 -4.72
C ALA B 648 10.71 36.84 -5.85
N VAL B 649 11.22 35.73 -6.36
CA VAL B 649 12.14 35.74 -7.49
C VAL B 649 11.54 34.83 -8.55
N VAL B 650 11.41 35.31 -9.76
CA VAL B 650 10.81 34.50 -10.79
C VAL B 650 11.82 34.39 -11.94
N PHE B 651 12.18 33.16 -12.29
CA PHE B 651 13.25 32.91 -13.27
C PHE B 651 12.80 31.75 -14.15
N PRO B 652 12.01 32.04 -15.20
CA PRO B 652 11.31 31.04 -16.01
C PRO B 652 12.21 30.34 -17.02
N HIS B 653 11.89 29.08 -17.31
CA HIS B 653 12.55 28.27 -18.33
C HIS B 653 14.07 28.20 -18.25
N ASN B 654 14.56 27.99 -17.05
CA ASN B 654 15.98 27.77 -16.79
C ASN B 654 16.15 26.26 -16.61
N THR B 655 17.00 25.63 -17.42
CA THR B 655 17.05 24.18 -17.49
C THR B 655 18.22 23.57 -16.75
N ASN B 656 18.80 24.31 -15.82
CA ASN B 656 19.79 23.73 -14.92
C ASN B 656 19.16 22.87 -13.85
N LEU B 657 19.45 21.57 -13.93
CA LEU B 657 18.89 20.61 -12.99
C LEU B 657 19.90 20.20 -11.90
N THR B 658 21.13 20.73 -11.99
CA THR B 658 22.15 20.55 -10.94
C THR B 658 22.11 21.59 -9.80
N LYS B 659 22.33 22.88 -10.11
CA LYS B 659 22.01 23.90 -9.11
C LYS B 659 20.83 24.83 -9.42
N ASN B 660 20.08 25.20 -8.40
CA ASN B 660 18.88 26.02 -8.58
C ASN B 660 19.13 27.35 -7.93
N VAL B 661 19.37 28.35 -8.76
CA VAL B 661 19.79 29.65 -8.27
C VAL B 661 18.68 30.53 -7.71
N GLY B 662 17.41 30.14 -7.84
CA GLY B 662 16.29 30.88 -7.26
C GLY B 662 16.45 31.18 -5.78
N PRO B 663 16.63 30.16 -4.95
CA PRO B 663 16.76 30.45 -3.54
C PRO B 663 18.02 31.27 -3.21
N ALA B 664 19.09 31.13 -4.00
CA ALA B 664 20.34 31.83 -3.74
C ALA B 664 20.16 33.31 -4.06
N ILE B 665 19.39 33.62 -5.10
CA ILE B 665 19.06 35.01 -5.39
C ILE B 665 18.22 35.71 -4.32
N ALA B 666 17.16 35.05 -3.86
CA ALA B 666 16.37 35.57 -2.74
C ALA B 666 17.23 35.80 -1.50
N ARG B 667 18.03 34.80 -1.14
CA ARG B 667 18.91 34.90 0.03
C ARG B 667 19.82 36.12 -0.08
N ASP B 668 20.43 36.31 -1.26
CA ASP B 668 21.35 37.43 -1.45
C ASP B 668 20.60 38.75 -1.46
N ILE B 669 19.35 38.76 -1.94
CA ILE B 669 18.59 40.00 -1.93
C ILE B 669 18.30 40.40 -0.48
N ILE B 670 17.98 39.40 0.35
CA ILE B 670 17.79 39.59 1.79
C ILE B 670 19.08 40.00 2.51
N ASN B 671 20.19 39.32 2.26
CA ASN B 671 21.50 39.82 2.72
C ASN B 671 21.82 41.29 2.37
N LEU B 672 21.66 41.68 1.12
CA LEU B 672 21.86 43.07 0.72
C LEU B 672 20.96 44.05 1.49
N TYR B 673 19.74 43.64 1.81
CA TYR B 673 18.82 44.55 2.49
C TYR B 673 19.22 44.67 3.96
N ASN B 674 19.68 43.57 4.53
CA ASN B 674 20.05 43.55 5.94
C ASN B 674 21.26 44.43 6.21
N GLN B 675 22.17 44.42 5.25
CA GLN B 675 23.38 45.21 5.32
C GLN B 675 23.05 46.70 5.12
N HIS B 676 22.00 46.97 4.35
CA HIS B 676 21.54 48.34 4.11
C HIS B 676 20.64 48.90 5.24
N HIS B 677 19.96 48.01 5.95
CA HIS B 677 18.89 48.36 6.89
C HIS B 677 18.83 47.22 7.91
N PRO B 678 19.74 47.23 8.91
CA PRO B 678 19.90 46.05 9.78
C PRO B 678 18.58 45.56 10.36
N MET B 679 18.38 44.24 10.40
CA MET B 679 17.10 43.65 10.82
C MET B 679 17.16 42.88 12.14
N ASN B 680 18.25 42.13 12.34
CA ASN B 680 18.47 41.35 13.56
C ASN B 680 17.61 40.12 13.75
N SER C 50 -44.43 -60.17 -62.67
CA SER C 50 -43.67 -59.69 -61.48
C SER C 50 -42.39 -58.94 -61.83
N GLN C 51 -41.98 -58.04 -60.94
CA GLN C 51 -40.69 -57.37 -60.99
C GLN C 51 -40.12 -57.32 -59.57
N THR C 52 -38.82 -57.05 -59.47
CA THR C 52 -38.17 -56.74 -58.19
C THR C 52 -36.79 -56.14 -58.44
N LYS C 53 -36.41 -55.13 -57.67
CA LYS C 53 -35.15 -54.43 -57.93
C LYS C 53 -34.00 -54.84 -57.02
N VAL C 54 -32.78 -54.85 -57.56
CA VAL C 54 -31.60 -55.22 -56.79
C VAL C 54 -30.44 -54.27 -57.03
N THR C 55 -29.63 -54.04 -56.01
CA THR C 55 -28.51 -53.10 -56.11
C THR C 55 -27.15 -53.79 -55.94
N THR C 56 -26.18 -53.30 -56.70
CA THR C 56 -24.82 -53.78 -56.57
C THR C 56 -23.87 -52.62 -56.23
N SER C 57 -23.03 -52.79 -55.23
CA SER C 57 -22.11 -51.75 -54.77
C SER C 57 -21.12 -51.28 -55.83
N SER C 58 -20.62 -50.06 -55.67
CA SER C 58 -19.58 -49.51 -56.54
C SER C 58 -18.25 -49.27 -55.82
N ALA C 59 -17.33 -48.63 -56.54
CA ALA C 59 -16.00 -48.31 -56.00
C ALA C 59 -15.97 -46.99 -55.24
N ARG C 60 -15.37 -47.01 -54.05
CA ARG C 60 -15.33 -45.88 -53.12
C ARG C 60 -14.48 -44.73 -53.64
N GLY C 61 -14.81 -43.51 -53.23
CA GLY C 61 -14.03 -42.33 -53.61
C GLY C 61 -12.72 -42.27 -52.87
N GLU C 62 -11.81 -41.41 -53.34
CA GLU C 62 -10.46 -41.37 -52.78
C GLU C 62 -10.06 -40.07 -52.06
N ILE C 63 -9.01 -40.17 -51.26
CA ILE C 63 -8.56 -39.08 -50.42
C ILE C 63 -7.24 -38.51 -50.96
N TYR C 64 -7.22 -37.20 -51.18
CA TYR C 64 -6.04 -36.54 -51.73
C TYR C 64 -5.61 -35.37 -50.85
N ASP C 65 -4.30 -35.22 -50.65
CA ASP C 65 -3.81 -34.09 -49.85
C ASP C 65 -4.02 -32.75 -50.57
N ALA C 66 -3.49 -31.66 -50.03
CA ALA C 66 -3.77 -30.32 -50.57
C ALA C 66 -3.14 -30.09 -51.94
N SER C 67 -2.07 -30.82 -52.22
CA SER C 67 -1.44 -30.74 -53.53
C SER C 67 -1.89 -31.81 -54.55
N GLY C 68 -2.66 -32.80 -54.12
CA GLY C 68 -3.13 -33.83 -55.05
C GLY C 68 -2.44 -35.19 -54.93
N LYS C 69 -1.52 -35.33 -53.99
CA LYS C 69 -0.99 -36.67 -53.70
C LYS C 69 -2.11 -37.53 -53.09
N PRO C 70 -2.19 -38.80 -53.53
CA PRO C 70 -3.14 -39.73 -52.95
C PRO C 70 -2.73 -40.14 -51.55
N LEU C 71 -3.72 -40.42 -50.70
CA LEU C 71 -3.46 -40.86 -49.34
C LEU C 71 -4.03 -42.26 -49.15
N VAL C 72 -4.86 -42.69 -50.10
CA VAL C 72 -5.43 -44.03 -50.06
C VAL C 72 -5.18 -44.70 -51.40
N GLU C 73 -5.73 -45.90 -51.57
CA GLU C 73 -5.52 -46.75 -52.76
C GLU C 73 -6.63 -47.79 -52.89
N ASN C 74 -7.36 -47.75 -54.00
CA ASN C 74 -8.18 -48.88 -54.41
C ASN C 74 -7.38 -49.77 -55.34
N THR C 75 -6.80 -50.84 -54.80
CA THR C 75 -6.10 -51.79 -55.65
C THR C 75 -7.10 -52.79 -56.27
N LEU C 76 -7.00 -52.97 -57.59
CA LEU C 76 -8.02 -53.67 -58.38
C LEU C 76 -7.77 -55.17 -58.49
N LYS C 77 -8.77 -55.98 -58.14
CA LYS C 77 -8.62 -57.44 -58.20
C LYS C 77 -9.79 -58.21 -58.83
N GLN C 78 -9.61 -59.52 -58.97
CA GLN C 78 -10.69 -60.38 -59.44
C GLN C 78 -11.10 -61.35 -58.35
N VAL C 79 -12.40 -61.64 -58.28
CA VAL C 79 -12.98 -62.48 -57.24
C VAL C 79 -14.07 -63.39 -57.77
N VAL C 80 -14.52 -64.31 -56.92
CA VAL C 80 -15.66 -65.15 -57.24
C VAL C 80 -16.91 -64.41 -56.78
N SER C 81 -17.88 -64.26 -57.68
CA SER C 81 -19.16 -63.65 -57.33
C SER C 81 -20.23 -64.70 -57.48
N PHE C 82 -21.25 -64.64 -56.62
CA PHE C 82 -22.35 -65.60 -56.66
C PHE C 82 -23.64 -64.81 -56.83
N THR C 83 -24.51 -65.26 -57.72
CA THR C 83 -25.82 -64.63 -57.91
C THR C 83 -26.89 -65.62 -57.45
N ARG C 84 -27.50 -65.31 -56.31
CA ARG C 84 -28.45 -66.25 -55.73
C ARG C 84 -29.77 -66.29 -56.47
N SER C 85 -30.43 -67.45 -56.43
CA SER C 85 -31.71 -67.68 -57.08
C SER C 85 -32.71 -68.07 -55.99
N ASN C 86 -33.94 -67.56 -56.10
CA ASN C 86 -34.96 -67.74 -55.08
C ASN C 86 -35.22 -69.23 -54.84
N LYS C 87 -34.73 -70.05 -55.77
CA LYS C 87 -35.13 -71.46 -55.84
C LYS C 87 -34.08 -72.43 -55.30
N MET C 88 -32.84 -71.96 -55.17
CA MET C 88 -31.80 -72.69 -54.49
C MET C 88 -32.16 -72.98 -53.03
N THR C 89 -32.26 -74.26 -52.71
CA THR C 89 -32.39 -74.73 -51.33
C THR C 89 -31.03 -74.71 -50.66
N ALA C 90 -31.00 -74.99 -49.36
CA ALA C 90 -29.74 -75.05 -48.63
C ALA C 90 -28.85 -76.20 -49.13
N THR C 91 -29.45 -77.33 -49.49
CA THR C 91 -28.73 -78.46 -50.06
C THR C 91 -28.09 -78.13 -51.41
N ASP C 92 -28.80 -77.34 -52.23
CA ASP C 92 -28.25 -76.86 -53.50
C ASP C 92 -26.99 -76.03 -53.24
N LEU C 93 -26.98 -75.28 -52.15
CA LEU C 93 -25.84 -74.42 -51.83
C LEU C 93 -24.63 -75.18 -51.27
N LYS C 94 -24.88 -76.20 -50.46
CA LYS C 94 -23.83 -77.11 -50.06
C LYS C 94 -23.21 -77.74 -51.31
N GLU C 95 -24.02 -78.14 -52.30
CA GLU C 95 -23.45 -78.74 -53.48
C GLU C 95 -22.54 -77.82 -54.29
N ILE C 96 -22.92 -76.55 -54.34
CA ILE C 96 -22.14 -75.50 -54.98
C ILE C 96 -20.86 -75.18 -54.18
N ALA C 97 -21.00 -75.05 -52.86
CA ALA C 97 -19.84 -74.93 -51.95
C ALA C 97 -18.74 -75.94 -52.20
N LYS C 98 -19.08 -77.23 -52.32
CA LYS C 98 -18.04 -78.21 -52.53
C LYS C 98 -17.50 -78.32 -53.95
N LYS C 99 -18.32 -78.02 -54.95
CA LYS C 99 -17.84 -77.90 -56.33
C LYS C 99 -16.77 -76.82 -56.33
N LEU C 100 -17.05 -75.75 -55.59
CA LEU C 100 -16.21 -74.56 -55.57
C LEU C 100 -14.93 -74.71 -54.73
N LEU C 101 -14.94 -75.50 -53.67
CA LEU C 101 -13.72 -75.66 -52.88
C LEU C 101 -12.62 -76.37 -53.69
N THR C 102 -12.98 -76.90 -54.86
CA THR C 102 -12.03 -77.56 -55.72
C THR C 102 -11.06 -76.56 -56.32
N TYR C 103 -11.52 -75.31 -56.42
CA TYR C 103 -10.87 -74.30 -57.25
C TYR C 103 -10.32 -73.12 -56.45
N VAL C 104 -10.58 -73.07 -55.15
CA VAL C 104 -10.17 -71.93 -54.32
C VAL C 104 -9.55 -72.41 -53.00
N SER C 105 -8.88 -71.50 -52.31
CA SER C 105 -8.24 -71.82 -51.03
C SER C 105 -8.92 -71.10 -49.87
N ILE C 106 -9.14 -71.85 -48.79
CA ILE C 106 -9.73 -71.31 -47.55
C ILE C 106 -8.83 -71.62 -46.35
N SER C 107 -8.10 -70.62 -45.87
CA SER C 107 -7.12 -70.88 -44.82
C SER C 107 -7.59 -70.57 -43.39
N SER C 108 -7.87 -69.31 -43.09
CA SER C 108 -8.29 -68.95 -41.74
C SER C 108 -9.80 -68.78 -41.64
N PRO C 109 -10.51 -69.89 -41.39
CA PRO C 109 -11.96 -69.95 -41.32
C PRO C 109 -12.41 -69.72 -39.88
N ASN C 110 -13.08 -68.60 -39.63
CA ASN C 110 -13.57 -68.25 -38.29
C ASN C 110 -15.10 -68.38 -38.21
N LEU C 111 -15.60 -69.60 -38.14
CA LEU C 111 -17.04 -69.86 -38.18
C LEU C 111 -17.81 -69.45 -36.91
N THR C 112 -18.84 -68.61 -37.04
CA THR C 112 -19.74 -68.27 -35.93
C THR C 112 -20.72 -69.39 -35.59
N GLU C 113 -21.27 -69.37 -34.38
CA GLU C 113 -22.20 -70.43 -33.98
C GLU C 113 -23.48 -70.39 -34.81
N ARG C 114 -23.88 -69.19 -35.20
CA ARG C 114 -24.99 -69.01 -36.12
C ARG C 114 -24.72 -69.69 -37.48
N GLN C 115 -23.49 -69.57 -37.98
CA GLN C 115 -23.10 -70.29 -39.19
C GLN C 115 -23.01 -71.80 -39.04
N LEU C 116 -22.45 -72.26 -37.92
CA LEU C 116 -22.45 -73.69 -37.63
C LEU C 116 -23.88 -74.24 -37.50
N ALA C 117 -24.82 -73.44 -37.04
CA ALA C 117 -26.20 -73.87 -36.89
C ALA C 117 -26.95 -73.89 -38.22
N ASP C 118 -26.82 -72.81 -39.00
CA ASP C 118 -27.31 -72.78 -40.38
C ASP C 118 -26.88 -74.00 -41.20
N TYR C 119 -25.60 -74.34 -41.16
CA TYR C 119 -25.10 -75.52 -41.89
C TYR C 119 -25.64 -76.86 -41.37
N TYR C 120 -25.62 -77.05 -40.05
CA TYR C 120 -26.16 -78.27 -39.44
C TYR C 120 -27.63 -78.44 -39.86
N LEU C 121 -28.37 -77.34 -39.81
CA LEU C 121 -29.81 -77.36 -40.13
C LEU C 121 -30.11 -77.45 -41.64
N ALA C 122 -29.08 -77.24 -42.45
CA ALA C 122 -29.17 -77.31 -43.90
C ALA C 122 -29.81 -78.60 -44.40
N ASP C 123 -29.43 -79.73 -43.81
CA ASP C 123 -30.01 -81.01 -44.18
C ASP C 123 -31.48 -81.05 -43.74
N PRO C 124 -32.39 -81.22 -44.70
CA PRO C 124 -33.86 -81.14 -44.54
C PRO C 124 -34.43 -82.05 -43.45
N GLU C 125 -33.90 -83.27 -43.36
CA GLU C 125 -34.32 -84.27 -42.38
C GLU C 125 -33.88 -83.90 -40.96
N ILE C 126 -32.65 -83.40 -40.83
CA ILE C 126 -32.12 -82.92 -39.56
C ILE C 126 -32.89 -81.70 -39.07
N TYR C 127 -33.19 -80.77 -39.98
CA TYR C 127 -33.92 -79.57 -39.63
C TYR C 127 -35.27 -79.90 -39.03
N LYS C 128 -35.98 -80.79 -39.73
CA LYS C 128 -37.29 -81.26 -39.35
C LYS C 128 -37.28 -81.99 -38.00
N LYS C 129 -36.24 -82.79 -37.77
CA LYS C 129 -36.05 -83.52 -36.53
C LYS C 129 -35.69 -82.67 -35.30
N THR C 130 -34.92 -81.61 -35.49
CA THR C 130 -34.56 -80.77 -34.35
C THR C 130 -35.76 -79.90 -34.00
N VAL C 131 -36.59 -79.62 -35.01
CA VAL C 131 -37.87 -78.97 -34.80
C VAL C 131 -38.89 -79.91 -34.14
N GLU C 132 -38.83 -81.19 -34.49
CA GLU C 132 -39.68 -82.22 -33.89
C GLU C 132 -39.40 -82.33 -32.40
N ALA C 133 -38.19 -81.95 -32.00
CA ALA C 133 -37.69 -82.23 -30.66
C ALA C 133 -37.75 -81.02 -29.72
N LEU C 134 -38.29 -79.90 -30.20
CA LEU C 134 -38.40 -78.71 -29.38
C LEU C 134 -39.61 -78.85 -28.48
N PRO C 135 -39.57 -78.24 -27.28
CA PRO C 135 -40.77 -78.14 -26.45
C PRO C 135 -41.73 -77.11 -27.01
N SER C 136 -41.25 -75.87 -27.15
CA SER C 136 -42.09 -74.71 -27.48
C SER C 136 -41.96 -74.27 -28.94
N GLU C 137 -42.85 -74.80 -29.78
CA GLU C 137 -42.80 -74.57 -31.21
C GLU C 137 -43.89 -73.63 -31.71
N SER C 150 -43.11 -69.65 -39.77
CA SER C 150 -42.00 -70.57 -39.60
C SER C 150 -40.69 -69.83 -39.36
N GLU C 151 -40.78 -68.50 -39.43
CA GLU C 151 -39.63 -67.64 -39.20
C GLU C 151 -39.25 -67.59 -37.73
N LEU C 152 -40.24 -67.52 -36.85
CA LEU C 152 -39.98 -67.54 -35.41
C LEU C 152 -39.42 -68.90 -35.07
N TYR C 153 -39.73 -69.87 -35.93
CA TYR C 153 -39.47 -71.25 -35.58
C TYR C 153 -38.08 -71.81 -35.92
N ASN C 154 -37.44 -71.30 -36.96
CA ASN C 154 -36.10 -71.81 -37.23
C ASN C 154 -35.04 -71.26 -36.29
N ASN C 155 -35.25 -70.06 -35.77
CA ASN C 155 -34.36 -69.59 -34.71
C ASN C 155 -34.64 -70.11 -33.31
N ALA C 156 -35.76 -70.80 -33.12
CA ALA C 156 -35.98 -71.53 -31.88
C ALA C 156 -35.23 -72.85 -31.95
N VAL C 157 -35.32 -73.51 -33.10
CA VAL C 157 -34.50 -74.70 -33.40
C VAL C 157 -33.02 -74.35 -33.37
N ASP C 158 -32.71 -73.16 -33.89
CA ASP C 158 -31.37 -72.59 -33.90
C ASP C 158 -30.74 -72.53 -32.51
N SER C 159 -31.41 -71.86 -31.58
CA SER C 159 -30.88 -71.69 -30.23
C SER C 159 -30.68 -73.05 -29.57
N VAL C 160 -31.33 -74.08 -30.12
CA VAL C 160 -31.29 -75.41 -29.55
C VAL C 160 -30.09 -76.30 -29.92
N PRO C 161 -29.39 -76.04 -31.04
CA PRO C 161 -28.29 -76.94 -31.37
C PRO C 161 -27.02 -76.59 -30.62
N THR C 162 -26.41 -77.59 -30.01
CA THR C 162 -25.23 -77.32 -29.21
C THR C 162 -24.04 -77.24 -30.15
N SER C 163 -23.67 -76.02 -30.54
CA SER C 163 -22.65 -75.83 -31.58
C SER C 163 -21.31 -76.58 -31.49
N GLN C 164 -21.04 -77.26 -30.38
CA GLN C 164 -19.93 -78.24 -30.31
C GLN C 164 -20.16 -79.47 -31.22
N LEU C 165 -20.55 -79.22 -32.46
CA LEU C 165 -20.65 -80.28 -33.46
C LEU C 165 -19.25 -80.69 -33.86
N ASN C 166 -19.09 -81.88 -34.43
CA ASN C 166 -17.76 -82.35 -34.77
C ASN C 166 -17.42 -82.26 -36.26
N TYR C 167 -16.79 -81.16 -36.65
CA TYR C 167 -16.52 -80.90 -38.05
C TYR C 167 -15.00 -80.92 -38.33
N THR C 168 -14.54 -81.86 -39.16
CA THR C 168 -13.14 -81.84 -39.58
C THR C 168 -12.77 -80.54 -40.27
N GLU C 169 -11.47 -80.32 -40.48
CA GLU C 169 -10.98 -79.08 -41.08
C GLU C 169 -11.44 -78.87 -42.53
N ASP C 170 -11.47 -79.95 -43.30
CA ASP C 170 -12.00 -79.92 -44.65
C ASP C 170 -13.46 -79.50 -44.65
N GLU C 171 -14.25 -80.08 -43.75
CA GLU C 171 -15.68 -79.79 -43.65
C GLU C 171 -15.92 -78.32 -43.31
N LYS C 172 -15.04 -77.77 -42.47
CA LYS C 172 -15.10 -76.39 -42.01
C LYS C 172 -14.93 -75.37 -43.14
N LYS C 173 -14.14 -75.74 -44.15
CA LYS C 173 -13.91 -74.89 -45.32
C LYS C 173 -15.16 -74.84 -46.20
N GLU C 174 -15.74 -76.03 -46.40
CA GLU C 174 -17.02 -76.20 -47.04
C GLU C 174 -18.14 -75.43 -46.31
N ILE C 175 -18.10 -75.41 -44.98
CA ILE C 175 -19.06 -74.65 -44.18
C ILE C 175 -18.86 -73.15 -44.32
N TYR C 176 -17.60 -72.73 -44.46
CA TYR C 176 -17.24 -71.33 -44.71
C TYR C 176 -17.82 -70.83 -46.04
N LEU C 177 -17.65 -71.62 -47.10
CA LEU C 177 -18.12 -71.29 -48.43
C LEU C 177 -19.63 -71.27 -48.51
N PHE C 178 -20.25 -72.26 -47.87
CA PHE C 178 -21.70 -72.32 -47.74
C PHE C 178 -22.23 -71.07 -47.05
N SER C 179 -21.53 -70.63 -46.01
CA SER C 179 -21.88 -69.39 -45.32
C SER C 179 -21.90 -68.17 -46.25
N GLN C 180 -20.87 -68.03 -47.09
CA GLN C 180 -20.77 -66.91 -48.01
C GLN C 180 -21.90 -66.88 -49.03
N LEU C 181 -22.27 -68.06 -49.54
CA LEU C 181 -23.33 -68.16 -50.53
C LEU C 181 -24.65 -67.81 -49.85
N ASN C 182 -24.84 -68.34 -48.65
CA ASN C 182 -26.10 -68.20 -47.95
C ASN C 182 -26.43 -66.75 -47.61
N ALA C 183 -25.39 -65.91 -47.49
CA ALA C 183 -25.50 -64.49 -47.12
C ALA C 183 -25.93 -63.55 -48.25
N VAL C 184 -25.98 -64.08 -49.48
CA VAL C 184 -26.32 -63.30 -50.66
C VAL C 184 -27.83 -63.36 -50.81
N GLY C 185 -28.48 -62.21 -51.01
CA GLY C 185 -29.94 -62.16 -51.12
C GLY C 185 -30.45 -62.66 -52.46
N ASN C 186 -31.73 -63.00 -52.52
CA ASN C 186 -32.33 -63.43 -53.77
C ASN C 186 -32.14 -62.41 -54.88
N PHE C 187 -31.60 -62.86 -56.00
CA PHE C 187 -31.36 -62.05 -57.20
C PHE C 187 -30.17 -61.13 -57.02
N ALA C 188 -29.70 -61.01 -55.79
CA ALA C 188 -28.53 -60.20 -55.51
C ALA C 188 -27.28 -60.91 -56.02
N THR C 189 -26.16 -60.19 -55.98
CA THR C 189 -24.89 -60.70 -56.44
C THR C 189 -23.85 -60.28 -55.43
N GLY C 190 -23.28 -61.24 -54.72
CA GLY C 190 -22.30 -60.91 -53.71
C GLY C 190 -20.96 -61.51 -54.02
N THR C 191 -19.92 -61.01 -53.36
CA THR C 191 -18.58 -61.54 -53.49
C THR C 191 -18.29 -62.67 -52.51
N ILE C 192 -17.62 -63.70 -53.00
CA ILE C 192 -17.31 -64.88 -52.20
C ILE C 192 -15.85 -64.88 -51.72
N ALA C 193 -15.63 -64.32 -50.54
CA ALA C 193 -14.30 -64.12 -50.00
C ALA C 193 -13.51 -65.43 -49.92
N THR C 194 -12.31 -65.39 -50.48
CA THR C 194 -11.41 -66.54 -50.50
C THR C 194 -10.01 -65.99 -50.36
N ASP C 195 -9.00 -66.85 -50.33
CA ASP C 195 -7.62 -66.41 -50.45
C ASP C 195 -7.41 -65.80 -51.83
N PRO C 196 -6.43 -64.89 -51.96
CA PRO C 196 -6.14 -64.28 -53.25
C PRO C 196 -6.08 -65.28 -54.40
N LEU C 197 -6.80 -64.99 -55.47
CA LEU C 197 -6.66 -65.75 -56.70
C LEU C 197 -5.62 -65.10 -57.62
N ASN C 198 -4.65 -65.91 -58.06
CA ASN C 198 -3.76 -65.49 -59.14
C ASN C 198 -4.45 -65.62 -60.51
N ASP C 199 -3.82 -65.08 -61.56
CA ASP C 199 -4.45 -64.97 -62.87
C ASP C 199 -4.78 -66.31 -63.54
N SER C 200 -4.11 -67.36 -63.08
CA SER C 200 -4.27 -68.71 -63.62
C SER C 200 -5.44 -69.46 -62.99
N GLN C 201 -5.51 -69.40 -61.66
CA GLN C 201 -6.68 -69.84 -60.87
C GLN C 201 -7.94 -69.13 -61.35
N VAL C 202 -7.81 -67.84 -61.67
CA VAL C 202 -8.94 -67.11 -62.24
C VAL C 202 -9.35 -67.72 -63.59
N ALA C 203 -8.38 -68.05 -64.43
CA ALA C 203 -8.67 -68.60 -65.75
C ALA C 203 -9.37 -69.97 -65.75
N VAL C 204 -8.95 -70.83 -64.81
CA VAL C 204 -9.61 -72.11 -64.55
C VAL C 204 -11.06 -71.92 -64.12
N ILE C 205 -11.31 -71.04 -63.14
CA ILE C 205 -12.68 -70.84 -62.68
C ILE C 205 -13.56 -70.37 -63.81
N ALA C 206 -13.11 -69.35 -64.55
CA ALA C 206 -13.84 -68.89 -65.73
C ALA C 206 -14.19 -70.04 -66.67
N SER C 207 -13.24 -70.92 -66.95
CA SER C 207 -13.48 -71.98 -67.92
C SER C 207 -14.45 -73.08 -67.48
N ILE C 208 -14.60 -73.30 -66.18
CA ILE C 208 -15.60 -74.27 -65.71
C ILE C 208 -16.79 -73.67 -64.97
N SER C 209 -16.88 -72.34 -64.91
CA SER C 209 -17.93 -71.68 -64.13
C SER C 209 -19.37 -72.03 -64.53
N LYS C 210 -19.60 -72.44 -65.77
CA LYS C 210 -20.92 -72.89 -66.20
C LYS C 210 -21.42 -74.13 -65.46
N GLU C 211 -20.51 -74.84 -64.79
CA GLU C 211 -20.86 -76.07 -64.08
C GLU C 211 -21.46 -75.73 -62.71
N MET C 212 -21.44 -74.45 -62.36
CA MET C 212 -21.97 -73.97 -61.09
C MET C 212 -22.92 -72.79 -61.31
N PRO C 213 -24.06 -73.02 -61.95
CA PRO C 213 -24.96 -71.90 -62.18
C PRO C 213 -25.11 -70.96 -61.00
N GLY C 214 -24.69 -69.71 -61.18
CA GLY C 214 -24.68 -68.71 -60.12
C GLY C 214 -23.29 -68.16 -59.94
N ILE C 215 -22.28 -68.94 -60.28
CA ILE C 215 -20.89 -68.56 -60.00
C ILE C 215 -20.25 -67.90 -61.22
N SER C 216 -19.55 -66.80 -61.01
CA SER C 216 -18.79 -66.16 -62.08
C SER C 216 -17.66 -65.32 -61.48
N ILE C 217 -16.72 -64.94 -62.33
CA ILE C 217 -15.57 -64.16 -61.91
C ILE C 217 -15.90 -62.71 -62.16
N SER C 218 -15.45 -61.81 -61.30
CA SER C 218 -15.66 -60.41 -61.57
C SER C 218 -14.59 -59.59 -60.84
N THR C 219 -14.59 -58.27 -61.03
CA THR C 219 -13.57 -57.44 -60.41
C THR C 219 -14.11 -56.73 -59.18
N SER C 220 -13.29 -56.64 -58.14
CA SER C 220 -13.63 -55.99 -56.88
C SER C 220 -12.44 -55.18 -56.39
N TRP C 221 -12.52 -54.61 -55.18
CA TRP C 221 -11.55 -53.63 -54.69
C TRP C 221 -11.01 -53.91 -53.28
N ASP C 222 -9.70 -53.74 -53.10
CA ASP C 222 -9.14 -53.72 -51.76
C ASP C 222 -8.81 -52.26 -51.46
N ARG C 223 -9.30 -51.74 -50.34
CA ARG C 223 -8.97 -50.37 -49.94
C ARG C 223 -7.64 -50.37 -49.21
N LYS C 224 -6.69 -49.56 -49.69
CA LYS C 224 -5.42 -49.48 -49.00
C LYS C 224 -4.95 -48.05 -48.71
N ILE C 225 -4.59 -47.83 -47.46
CA ILE C 225 -4.14 -46.54 -46.95
C ILE C 225 -2.62 -46.51 -47.09
N LEU C 226 -2.13 -45.65 -47.98
CA LEU C 226 -0.69 -45.55 -48.23
C LEU C 226 -0.01 -45.20 -46.92
N GLU C 227 1.32 -45.30 -46.88
CA GLU C 227 2.05 -44.84 -45.71
C GLU C 227 2.39 -43.35 -45.80
N THR C 228 1.60 -42.52 -45.11
CA THR C 228 1.84 -41.07 -45.01
C THR C 228 1.60 -40.57 -43.59
N SER C 229 1.97 -39.31 -43.34
CA SER C 229 1.79 -38.69 -42.03
C SER C 229 0.34 -38.31 -41.74
N LEU C 230 -0.53 -38.51 -42.72
CA LEU C 230 -1.96 -38.29 -42.55
C LEU C 230 -2.75 -39.61 -42.50
N SER C 231 -2.07 -40.75 -42.44
CA SER C 231 -2.75 -42.05 -42.55
C SER C 231 -3.67 -42.35 -41.36
N SER C 232 -3.36 -41.77 -40.20
CA SER C 232 -4.21 -41.91 -39.03
C SER C 232 -5.47 -41.07 -39.10
N ILE C 233 -5.42 -39.94 -39.80
CA ILE C 233 -6.55 -39.02 -39.91
C ILE C 233 -7.53 -39.39 -41.03
N VAL C 234 -7.04 -40.13 -42.03
CA VAL C 234 -7.90 -40.71 -43.04
C VAL C 234 -8.99 -41.62 -42.45
N GLY C 235 -8.61 -42.50 -41.53
CA GLY C 235 -9.55 -43.43 -40.92
C GLY C 235 -9.63 -44.76 -41.66
N SER C 236 -10.60 -45.60 -41.30
CA SER C 236 -10.70 -46.92 -41.92
C SER C 236 -12.04 -47.21 -42.59
N VAL C 237 -12.02 -48.04 -43.62
CA VAL C 237 -13.24 -48.56 -44.21
C VAL C 237 -13.45 -50.05 -43.91
N SER C 238 -14.69 -50.43 -43.64
CA SER C 238 -15.02 -51.81 -43.25
C SER C 238 -14.56 -52.89 -44.23
N SER C 239 -14.43 -54.10 -43.69
CA SER C 239 -13.89 -55.25 -44.41
C SER C 239 -14.96 -55.90 -45.28
N GLU C 240 -14.54 -56.72 -46.24
CA GLU C 240 -15.48 -57.57 -46.97
C GLU C 240 -15.98 -58.70 -46.08
N LYS C 241 -15.16 -59.09 -45.11
CA LYS C 241 -15.53 -60.11 -44.14
C LYS C 241 -16.47 -59.53 -43.08
N ALA C 242 -16.11 -58.38 -42.54
CA ALA C 242 -16.92 -57.71 -41.52
C ALA C 242 -18.25 -57.20 -42.07
N GLY C 243 -18.33 -57.01 -43.39
CA GLY C 243 -19.47 -56.35 -44.02
C GLY C 243 -19.84 -55.05 -43.34
N LEU C 244 -21.14 -54.80 -43.20
CA LEU C 244 -21.61 -53.72 -42.33
C LEU C 244 -21.19 -53.99 -40.90
N PRO C 245 -20.79 -52.92 -40.16
CA PRO C 245 -20.58 -53.04 -38.72
C PRO C 245 -21.89 -53.42 -38.03
N ALA C 246 -21.81 -54.36 -37.09
CA ALA C 246 -23.02 -54.94 -36.51
C ALA C 246 -23.60 -54.13 -35.36
N GLU C 247 -23.03 -52.95 -35.12
CA GLU C 247 -23.51 -52.06 -34.06
C GLU C 247 -24.48 -51.01 -34.64
N GLU C 248 -24.46 -50.85 -35.95
CA GLU C 248 -25.28 -49.85 -36.62
C GLU C 248 -25.92 -50.43 -37.88
N ALA C 249 -26.13 -51.75 -37.89
CA ALA C 249 -26.72 -52.44 -39.04
C ALA C 249 -28.14 -52.00 -39.38
N GLU C 250 -28.87 -51.49 -38.39
CA GLU C 250 -30.19 -50.90 -38.59
C GLU C 250 -30.14 -49.57 -39.37
N SER C 251 -29.28 -48.67 -38.89
CA SER C 251 -29.24 -47.31 -39.40
C SER C 251 -28.74 -47.21 -40.84
N TYR C 252 -28.12 -48.30 -41.32
CA TYR C 252 -27.62 -48.36 -42.69
C TYR C 252 -28.63 -49.01 -43.63
N LEU C 253 -29.08 -50.22 -43.29
CA LEU C 253 -30.09 -50.91 -44.08
C LEU C 253 -31.26 -49.96 -44.28
N LYS C 254 -31.40 -49.02 -43.35
CA LYS C 254 -32.45 -48.03 -43.44
C LYS C 254 -32.18 -47.00 -44.53
N LYS C 255 -30.95 -46.49 -44.61
CA LYS C 255 -30.53 -45.59 -45.68
C LYS C 255 -30.65 -46.23 -47.05
N GLY C 256 -30.55 -47.56 -47.08
CA GLY C 256 -30.66 -48.31 -48.33
C GLY C 256 -29.53 -49.30 -48.53
N TYR C 257 -28.60 -49.32 -47.58
CA TYR C 257 -27.40 -50.14 -47.70
C TYR C 257 -27.70 -51.64 -47.68
N SER C 258 -26.73 -52.41 -48.17
CA SER C 258 -26.78 -53.87 -48.15
C SER C 258 -25.84 -54.35 -47.06
N LEU C 259 -25.96 -55.62 -46.66
CA LEU C 259 -25.32 -56.12 -45.44
C LEU C 259 -23.81 -56.38 -45.53
N ASN C 260 -23.32 -56.58 -46.76
CA ASN C 260 -21.89 -56.82 -46.99
C ASN C 260 -21.12 -55.58 -47.43
N ASP C 261 -21.85 -54.48 -47.62
CA ASP C 261 -21.26 -53.19 -48.01
C ASP C 261 -20.04 -52.84 -47.17
N ARG C 262 -19.23 -51.93 -47.71
CA ARG C 262 -18.10 -51.42 -46.95
C ARG C 262 -18.22 -49.93 -46.71
N VAL C 263 -18.33 -49.57 -45.44
CA VAL C 263 -18.56 -48.19 -45.08
C VAL C 263 -17.36 -47.62 -44.32
N GLY C 264 -17.29 -46.30 -44.20
CA GLY C 264 -16.34 -45.68 -43.28
C GLY C 264 -16.74 -45.92 -41.84
N THR C 265 -15.77 -46.33 -41.02
CA THR C 265 -16.02 -46.66 -39.63
C THR C 265 -15.26 -45.74 -38.67
N SER C 266 -14.36 -44.91 -39.19
CA SER C 266 -13.63 -43.93 -38.37
C SER C 266 -13.15 -42.68 -39.11
N TYR C 267 -13.10 -41.57 -38.38
CA TYR C 267 -12.51 -40.33 -38.87
C TYR C 267 -13.01 -39.93 -40.24
N LEU C 268 -12.11 -39.53 -41.15
CA LEU C 268 -12.56 -38.94 -42.41
C LEU C 268 -13.39 -39.88 -43.29
N GLU C 269 -12.98 -41.13 -43.40
CA GLU C 269 -13.78 -42.11 -44.15
C GLU C 269 -15.21 -42.18 -43.61
N LYS C 270 -15.34 -42.19 -42.29
CA LYS C 270 -16.67 -42.14 -41.68
C LYS C 270 -17.36 -40.80 -41.97
N GLN C 271 -16.77 -39.70 -41.50
CA GLN C 271 -17.37 -38.38 -41.67
C GLN C 271 -17.89 -38.15 -43.09
N TYR C 272 -17.05 -38.41 -44.09
CA TYR C 272 -17.45 -38.13 -45.47
C TYR C 272 -18.02 -39.34 -46.24
N GLU C 273 -18.34 -40.40 -45.50
CA GLU C 273 -19.02 -41.59 -46.01
C GLU C 273 -20.01 -41.32 -47.14
N GLU C 274 -21.02 -40.48 -46.91
CA GLU C 274 -22.05 -40.22 -47.92
C GLU C 274 -21.48 -39.73 -49.24
N VAL C 275 -20.32 -39.08 -49.20
CA VAL C 275 -19.68 -38.52 -50.38
C VAL C 275 -18.79 -39.56 -51.05
N LEU C 276 -18.04 -40.31 -50.24
CA LEU C 276 -17.12 -41.33 -50.75
C LEU C 276 -17.80 -42.58 -51.30
N GLN C 277 -18.83 -43.07 -50.62
CA GLN C 277 -19.56 -44.29 -51.05
C GLN C 277 -20.07 -44.18 -52.48
N GLY C 278 -19.67 -45.13 -53.32
CA GLY C 278 -19.99 -45.12 -54.74
C GLY C 278 -21.46 -45.29 -55.05
N LYS C 279 -21.87 -44.70 -56.18
CA LYS C 279 -23.26 -44.72 -56.62
C LYS C 279 -23.56 -46.07 -57.27
N ARG C 280 -24.69 -46.65 -56.91
CA ARG C 280 -24.96 -48.05 -57.22
C ARG C 280 -25.55 -48.29 -58.60
N PRO C 281 -25.03 -49.29 -59.33
CA PRO C 281 -25.82 -49.79 -60.46
C PRO C 281 -27.09 -50.45 -59.93
N VAL C 282 -28.19 -50.21 -60.61
CA VAL C 282 -29.50 -50.67 -60.16
C VAL C 282 -30.14 -51.50 -61.25
N LYS C 283 -30.69 -52.67 -60.88
CA LYS C 283 -31.40 -53.52 -61.84
C LYS C 283 -32.81 -53.87 -61.40
N GLU C 284 -33.66 -54.22 -62.36
CA GLU C 284 -34.92 -54.89 -62.05
C GLU C 284 -34.94 -56.26 -62.71
N ILE C 285 -35.36 -57.26 -61.92
CA ILE C 285 -35.38 -58.64 -62.37
C ILE C 285 -36.84 -59.02 -62.58
N HIS C 286 -37.18 -59.38 -63.81
CA HIS C 286 -38.57 -59.73 -64.15
C HIS C 286 -38.81 -61.24 -64.03
N LEU C 287 -39.93 -61.60 -63.42
CA LEU C 287 -40.24 -62.98 -63.04
C LEU C 287 -41.54 -63.48 -63.69
N ASP C 288 -41.63 -64.78 -63.93
CA ASP C 288 -42.84 -65.39 -64.49
C ASP C 288 -43.88 -65.76 -63.43
N LYS C 289 -44.89 -66.53 -63.82
CA LYS C 289 -45.96 -66.95 -62.92
C LYS C 289 -45.42 -67.50 -61.59
N HIS C 290 -44.37 -68.31 -61.68
CA HIS C 290 -43.86 -69.08 -60.54
C HIS C 290 -42.82 -68.31 -59.72
N GLY C 291 -42.43 -67.13 -60.19
CA GLY C 291 -41.38 -66.36 -59.53
C GLY C 291 -39.98 -66.71 -60.00
N ASP C 292 -39.87 -67.45 -61.11
CA ASP C 292 -38.58 -67.74 -61.70
C ASP C 292 -38.15 -66.50 -62.49
N MET C 293 -36.85 -66.26 -62.62
CA MET C 293 -36.37 -65.08 -63.33
C MET C 293 -36.47 -65.24 -64.86
N GLU C 294 -37.04 -64.23 -65.52
CA GLU C 294 -37.12 -64.19 -66.98
C GLU C 294 -36.10 -63.21 -67.55
N SER C 295 -36.22 -61.94 -67.16
CA SER C 295 -35.43 -60.85 -67.73
C SER C 295 -34.50 -60.22 -66.70
N VAL C 296 -33.33 -59.80 -67.17
CA VAL C 296 -32.45 -58.92 -66.39
C VAL C 296 -32.20 -57.63 -67.17
N GLU C 297 -32.75 -56.54 -66.65
CA GLU C 297 -32.77 -55.26 -67.35
C GLU C 297 -32.12 -54.16 -66.51
N ASN C 298 -31.18 -53.43 -67.11
CA ASN C 298 -30.42 -52.42 -66.40
C ASN C 298 -31.09 -51.05 -66.38
N ILE C 299 -31.31 -50.50 -65.18
CA ILE C 299 -32.03 -49.23 -65.04
C ILE C 299 -31.10 -48.03 -64.78
N GLU C 300 -30.55 -47.94 -63.57
CA GLU C 300 -29.51 -46.96 -63.32
C GLU C 300 -28.12 -47.58 -63.48
N GLU C 301 -27.12 -46.75 -63.74
CA GLU C 301 -25.76 -47.25 -63.93
C GLU C 301 -24.84 -46.74 -62.84
N GLY C 302 -23.89 -47.57 -62.44
CA GLY C 302 -23.04 -47.25 -61.29
C GLY C 302 -21.86 -46.39 -61.66
N SER C 303 -21.17 -45.88 -60.65
CA SER C 303 -20.07 -44.93 -60.83
C SER C 303 -19.22 -44.79 -59.56
N LYS C 304 -17.91 -44.63 -59.75
CA LYS C 304 -17.02 -44.32 -58.64
C LYS C 304 -17.56 -43.15 -57.81
N GLY C 305 -17.54 -43.29 -56.49
CA GLY C 305 -17.89 -42.20 -55.58
C GLY C 305 -17.03 -40.97 -55.83
N LYS C 306 -17.36 -39.86 -55.19
CA LYS C 306 -16.61 -38.63 -55.40
C LYS C 306 -15.44 -38.53 -54.43
N ASN C 307 -14.46 -37.70 -54.78
CA ASN C 307 -13.23 -37.58 -53.99
C ASN C 307 -13.29 -36.37 -53.08
N ILE C 308 -12.47 -36.40 -52.03
CA ILE C 308 -12.26 -35.23 -51.19
C ILE C 308 -10.78 -34.85 -51.21
N LYS C 309 -10.51 -33.55 -51.33
CA LYS C 309 -9.16 -33.02 -51.16
C LYS C 309 -9.05 -32.26 -49.84
N LEU C 310 -8.00 -32.54 -49.07
CA LEU C 310 -7.84 -32.00 -47.74
C LEU C 310 -7.18 -30.61 -47.79
N THR C 311 -7.24 -29.90 -46.67
CA THR C 311 -6.70 -28.55 -46.56
C THR C 311 -5.23 -28.68 -46.20
N ILE C 312 -4.82 -29.87 -45.79
CA ILE C 312 -3.45 -30.14 -45.33
C ILE C 312 -2.51 -30.56 -46.46
N ASP C 313 -1.38 -29.88 -46.53
CA ASP C 313 -0.31 -30.25 -47.43
C ASP C 313 0.64 -31.26 -46.80
N LEU C 314 0.87 -32.39 -47.46
CA LEU C 314 1.71 -33.44 -46.89
C LEU C 314 3.13 -32.95 -46.60
N ALA C 315 3.60 -31.99 -47.40
CA ALA C 315 4.95 -31.43 -47.26
C ALA C 315 5.04 -30.61 -45.98
N PHE C 316 4.11 -29.67 -45.81
CA PHE C 316 4.04 -28.91 -44.58
C PHE C 316 3.86 -29.81 -43.36
N GLN C 317 2.87 -30.70 -43.40
CA GLN C 317 2.61 -31.56 -42.25
C GLN C 317 3.85 -32.35 -41.89
N ASP C 318 4.57 -32.83 -42.91
CA ASP C 318 5.84 -33.56 -42.73
C ASP C 318 6.94 -32.73 -42.06
N SER C 319 7.08 -31.48 -42.45
CA SER C 319 8.02 -30.57 -41.80
C SER C 319 7.65 -30.20 -40.36
N VAL C 320 6.35 -30.14 -40.04
CA VAL C 320 5.96 -29.85 -38.66
C VAL C 320 6.25 -31.03 -37.72
N ASP C 321 5.97 -32.25 -38.18
CA ASP C 321 6.22 -33.46 -37.40
C ASP C 321 7.70 -33.61 -37.03
N ALA C 322 8.58 -33.24 -37.94
CA ALA C 322 10.02 -33.35 -37.72
C ALA C 322 10.56 -32.23 -36.82
N LEU C 323 9.97 -31.04 -36.93
CA LEU C 323 10.23 -29.98 -35.96
C LEU C 323 9.91 -30.46 -34.56
N LEU C 324 8.68 -30.94 -34.38
CA LEU C 324 8.21 -31.40 -33.08
C LEU C 324 9.13 -32.43 -32.45
N LYS C 325 9.57 -33.43 -33.21
CA LYS C 325 10.41 -34.46 -32.64
C LYS C 325 11.80 -33.96 -32.28
N SER C 326 12.39 -33.20 -33.20
CA SER C 326 13.71 -32.62 -32.95
C SER C 326 13.71 -31.81 -31.65
N TYR C 327 12.74 -30.92 -31.50
CA TYR C 327 12.52 -30.23 -30.22
C TYR C 327 12.33 -31.14 -29.00
N PHE C 328 11.51 -32.18 -29.14
CA PHE C 328 11.24 -33.02 -27.98
C PHE C 328 12.48 -33.79 -27.54
N ASN C 329 13.19 -34.38 -28.50
CA ASN C 329 14.46 -35.05 -28.21
C ASN C 329 15.40 -34.21 -27.37
N SER C 330 15.65 -32.98 -27.81
CA SER C 330 16.55 -32.08 -27.07
C SER C 330 16.08 -31.73 -25.66
N GLU C 331 14.78 -31.54 -25.48
CA GLU C 331 14.22 -31.31 -24.15
C GLU C 331 14.33 -32.60 -23.33
N LEU C 332 14.46 -33.75 -24.01
CA LEU C 332 14.71 -34.99 -23.27
C LEU C 332 16.19 -35.09 -22.92
N GLY C 333 17.05 -34.74 -23.88
CA GLY C 333 18.49 -34.60 -23.64
C GLY C 333 18.81 -33.74 -22.43
N ASN C 334 18.23 -32.54 -22.38
CA ASN C 334 18.49 -31.63 -21.25
C ASN C 334 17.69 -31.87 -19.97
N GLY C 335 16.67 -32.73 -20.02
CA GLY C 335 15.95 -33.08 -18.79
C GLY C 335 14.56 -32.51 -18.61
N GLY C 336 14.22 -31.48 -19.38
CA GLY C 336 12.92 -30.80 -19.19
C GLY C 336 11.68 -31.60 -19.55
N ALA C 337 11.76 -32.35 -20.64
CA ALA C 337 10.64 -33.18 -21.09
C ALA C 337 10.51 -34.51 -20.36
N LYS C 338 11.26 -34.71 -19.29
CA LYS C 338 11.33 -36.01 -18.63
C LYS C 338 9.96 -36.56 -18.22
N TYR C 339 9.07 -35.68 -17.79
CA TYR C 339 7.73 -36.13 -17.38
C TYR C 339 6.59 -35.68 -18.27
N SER C 340 6.95 -35.20 -19.46
CA SER C 340 5.99 -34.65 -20.41
C SER C 340 5.34 -35.79 -21.17
N GLU C 341 4.02 -35.73 -21.38
CA GLU C 341 3.34 -36.77 -22.15
C GLU C 341 3.49 -36.60 -23.64
N GLY C 342 4.09 -35.49 -24.09
CA GLY C 342 4.32 -35.23 -25.52
C GLY C 342 4.24 -33.76 -25.92
N VAL C 343 4.22 -33.48 -27.22
CA VAL C 343 4.02 -32.13 -27.74
C VAL C 343 3.05 -32.17 -28.91
N TYR C 344 2.19 -31.14 -29.00
CA TYR C 344 1.15 -31.08 -30.02
C TYR C 344 1.07 -29.68 -30.58
N ALA C 345 0.81 -29.56 -31.87
CA ALA C 345 0.67 -28.27 -32.52
C ALA C 345 -0.43 -28.38 -33.56
N VAL C 346 -1.30 -27.37 -33.63
CA VAL C 346 -2.34 -27.30 -34.65
C VAL C 346 -2.26 -25.95 -35.34
N ALA C 347 -2.20 -25.94 -36.67
CA ALA C 347 -2.20 -24.70 -37.44
C ALA C 347 -3.46 -24.54 -38.26
N LEU C 348 -4.07 -23.37 -38.20
CA LEU C 348 -5.33 -23.08 -38.87
C LEU C 348 -5.17 -21.83 -39.74
N ASN C 349 -5.97 -21.78 -40.79
CA ASN C 349 -6.15 -20.53 -41.53
C ASN C 349 -7.31 -19.80 -40.86
N PRO C 350 -7.07 -18.60 -40.28
CA PRO C 350 -8.12 -17.90 -39.55
C PRO C 350 -9.18 -17.21 -40.43
N GLN C 351 -8.98 -17.18 -41.73
CA GLN C 351 -9.96 -16.57 -42.64
C GLN C 351 -11.07 -17.55 -43.04
N THR C 352 -10.79 -18.85 -42.92
CA THR C 352 -11.63 -19.87 -43.53
C THR C 352 -11.86 -21.04 -42.59
N GLY C 353 -10.94 -21.22 -41.65
CA GLY C 353 -10.99 -22.36 -40.75
C GLY C 353 -10.32 -23.60 -41.31
N ALA C 354 -9.56 -23.44 -42.40
CA ALA C 354 -8.90 -24.59 -43.04
C ALA C 354 -7.77 -25.12 -42.15
N VAL C 355 -7.73 -26.44 -41.95
CA VAL C 355 -6.68 -27.04 -41.12
C VAL C 355 -5.39 -27.21 -41.91
N LEU C 356 -4.33 -26.59 -41.40
CA LEU C 356 -3.09 -26.47 -42.15
C LEU C 356 -2.15 -27.62 -41.81
N SER C 357 -2.17 -27.98 -40.54
CA SER C 357 -1.47 -29.17 -40.03
C SER C 357 -2.06 -29.49 -38.67
N MET C 358 -2.06 -30.77 -38.29
CA MET C 358 -2.34 -31.22 -36.93
C MET C 358 -1.26 -32.26 -36.64
N SER C 359 -0.41 -31.97 -35.67
CA SER C 359 0.74 -32.82 -35.37
C SER C 359 0.75 -33.17 -33.90
N GLY C 360 1.21 -34.38 -33.61
CA GLY C 360 1.46 -34.75 -32.22
C GLY C 360 2.54 -35.81 -32.15
N LEU C 361 3.25 -35.83 -31.03
CA LEU C 361 4.24 -36.85 -30.78
C LEU C 361 4.08 -37.24 -29.32
N LYS C 362 3.59 -38.45 -29.10
CA LYS C 362 3.30 -38.91 -27.75
C LYS C 362 4.54 -39.48 -27.06
N HIS C 363 4.66 -39.23 -25.77
CA HIS C 363 5.79 -39.73 -25.01
C HIS C 363 5.27 -40.60 -23.87
N ASP C 364 5.35 -41.93 -24.05
CA ASP C 364 4.87 -42.90 -23.06
C ASP C 364 5.65 -42.78 -21.75
N LEU C 365 4.97 -42.43 -20.67
CA LEU C 365 5.63 -42.19 -19.39
C LEU C 365 6.11 -43.47 -18.69
N LYS C 366 5.72 -44.63 -19.20
CA LYS C 366 6.17 -45.90 -18.63
C LYS C 366 7.36 -46.50 -19.39
N THR C 367 7.30 -46.49 -20.72
CA THR C 367 8.31 -47.13 -21.55
C THR C 367 9.36 -46.17 -22.09
N GLY C 368 9.06 -44.87 -22.09
CA GLY C 368 9.89 -43.86 -22.75
C GLY C 368 9.74 -43.73 -24.27
N GLU C 369 8.88 -44.55 -24.86
CA GLU C 369 8.71 -44.58 -26.31
C GLU C 369 8.07 -43.31 -26.90
N LEU C 370 8.47 -42.95 -28.12
CA LEU C 370 7.94 -41.79 -28.84
C LEU C 370 7.18 -42.27 -30.09
N THR C 371 5.91 -41.91 -30.19
CA THR C 371 5.03 -42.35 -31.27
C THR C 371 4.25 -41.17 -31.85
N PRO C 372 4.01 -41.16 -33.16
CA PRO C 372 3.26 -40.02 -33.67
C PRO C 372 1.82 -40.11 -33.21
N ASP C 373 1.19 -38.96 -32.97
CA ASP C 373 -0.14 -38.89 -32.36
C ASP C 373 -0.92 -37.66 -32.82
N SER C 374 -1.19 -37.58 -34.13
CA SER C 374 -1.94 -36.49 -34.74
C SER C 374 -3.33 -36.36 -34.17
N LEU C 375 -3.97 -37.48 -33.89
CA LEU C 375 -5.34 -37.52 -33.41
C LEU C 375 -5.44 -37.00 -31.99
N GLY C 376 -4.32 -36.99 -31.28
CA GLY C 376 -4.26 -36.33 -29.98
C GLY C 376 -4.67 -34.87 -29.99
N THR C 377 -4.50 -34.20 -31.12
CA THR C 377 -4.91 -32.80 -31.24
C THR C 377 -6.40 -32.60 -31.00
N VAL C 378 -7.20 -33.63 -31.27
CA VAL C 378 -8.65 -33.52 -31.10
C VAL C 378 -9.25 -34.44 -30.03
N THR C 379 -8.40 -35.25 -29.38
CA THR C 379 -8.88 -36.25 -28.43
C THR C 379 -8.25 -36.16 -27.05
N ASN C 380 -7.12 -35.48 -26.92
CA ASN C 380 -6.47 -35.31 -25.62
C ASN C 380 -6.63 -33.89 -25.07
N VAL C 381 -6.63 -33.79 -23.74
CA VAL C 381 -6.84 -32.53 -23.06
C VAL C 381 -5.65 -32.17 -22.19
N PHE C 382 -5.33 -30.89 -22.13
CA PHE C 382 -4.23 -30.42 -21.30
C PHE C 382 -4.62 -29.13 -20.58
N VAL C 383 -4.00 -28.86 -19.43
CA VAL C 383 -4.17 -27.55 -18.83
C VAL C 383 -3.53 -26.52 -19.78
N PRO C 384 -4.27 -25.44 -20.09
CA PRO C 384 -3.85 -24.53 -21.15
C PRO C 384 -2.79 -23.55 -20.65
N GLY C 385 -2.88 -23.18 -19.38
CA GLY C 385 -1.98 -22.16 -18.82
C GLY C 385 -2.32 -20.74 -19.24
N SER C 386 -1.31 -19.89 -19.24
CA SER C 386 -1.48 -18.44 -19.37
C SER C 386 -2.03 -17.95 -20.71
N VAL C 387 -2.02 -18.81 -21.72
CA VAL C 387 -2.55 -18.41 -23.02
C VAL C 387 -4.01 -17.98 -23.02
N VAL C 388 -4.79 -18.42 -22.04
CA VAL C 388 -6.22 -18.10 -22.02
C VAL C 388 -6.55 -16.75 -21.40
N LYS C 389 -5.55 -15.95 -21.05
CA LYS C 389 -5.84 -14.74 -20.29
C LYS C 389 -6.65 -13.71 -21.08
N ALA C 390 -6.56 -13.79 -22.40
CA ALA C 390 -7.28 -12.90 -23.31
C ALA C 390 -8.78 -13.22 -23.27
N ALA C 391 -9.10 -14.49 -23.02
CA ALA C 391 -10.48 -14.88 -22.90
C ALA C 391 -11.05 -14.36 -21.58
N THR C 392 -10.26 -14.38 -20.52
CA THR C 392 -10.73 -13.91 -19.20
C THR C 392 -11.00 -12.41 -19.20
N ILE C 393 -10.08 -11.63 -19.76
CA ILE C 393 -10.26 -10.20 -19.92
C ILE C 393 -11.55 -9.88 -20.69
N SER C 394 -11.76 -10.57 -21.81
CA SER C 394 -13.05 -10.55 -22.53
C SER C 394 -14.28 -10.74 -21.65
N SER C 395 -14.24 -11.68 -20.70
CA SER C 395 -15.34 -11.92 -19.78
C SER C 395 -15.49 -10.74 -18.79
N GLY C 396 -14.37 -10.08 -18.47
CA GLY C 396 -14.43 -8.79 -17.80
C GLY C 396 -15.29 -7.77 -18.54
N TRP C 397 -15.03 -7.57 -19.83
CA TRP C 397 -15.80 -6.60 -20.60
C TRP C 397 -17.28 -6.98 -20.70
N GLU C 398 -17.59 -8.22 -21.07
CA GLU C 398 -18.98 -8.65 -21.21
C GLU C 398 -19.81 -8.47 -19.94
N ASN C 399 -19.25 -8.82 -18.80
CA ASN C 399 -19.99 -8.71 -17.54
C ASN C 399 -19.82 -7.38 -16.80
N GLY C 400 -19.45 -6.33 -17.52
CA GLY C 400 -19.43 -4.98 -16.95
C GLY C 400 -18.48 -4.76 -15.79
N VAL C 401 -17.44 -5.59 -15.72
CA VAL C 401 -16.41 -5.46 -14.69
C VAL C 401 -15.29 -4.55 -15.15
N LEU C 402 -14.86 -4.68 -16.41
CA LEU C 402 -13.80 -3.80 -16.93
C LEU C 402 -14.39 -2.91 -17.99
N SER C 403 -13.77 -1.75 -18.16
CA SER C 403 -14.13 -0.84 -19.24
C SER C 403 -12.90 -0.37 -20.01
N GLY C 404 -12.81 -0.71 -21.30
CA GLY C 404 -11.66 -0.33 -22.12
C GLY C 404 -10.37 -0.93 -21.60
N ASN C 405 -9.27 -0.21 -21.82
CA ASN C 405 -7.93 -0.62 -21.36
C ASN C 405 -7.70 -0.18 -19.92
N GLN C 406 -8.61 -0.59 -19.03
CA GLN C 406 -8.59 -0.20 -17.62
C GLN C 406 -7.34 -0.58 -16.81
N THR C 407 -6.82 0.39 -16.05
CA THR C 407 -5.67 0.14 -15.19
C THR C 407 -6.16 -0.49 -13.92
N LEU C 408 -5.42 -1.52 -13.49
CA LEU C 408 -5.62 -2.18 -12.20
C LEU C 408 -4.28 -2.18 -11.46
N THR C 409 -4.30 -2.49 -10.17
CA THR C 409 -3.05 -2.59 -9.41
C THR C 409 -2.52 -4.02 -9.48
N ASP C 410 -1.36 -4.19 -10.10
CA ASP C 410 -0.65 -5.47 -10.01
C ASP C 410 -0.13 -5.66 -8.59
N GLN C 411 -0.62 -6.69 -7.90
CA GLN C 411 -0.28 -6.87 -6.48
C GLN C 411 -0.54 -8.32 -6.09
N PRO C 412 0.14 -8.83 -5.05
CA PRO C 412 -0.23 -10.18 -4.64
C PRO C 412 -1.69 -10.18 -4.21
N ILE C 413 -2.41 -11.23 -4.59
CA ILE C 413 -3.82 -11.34 -4.26
C ILE C 413 -3.98 -12.34 -3.12
N VAL C 414 -4.41 -11.83 -1.98
CA VAL C 414 -4.49 -12.63 -0.75
C VAL C 414 -5.93 -12.79 -0.29
N PHE C 415 -6.41 -14.03 -0.27
CA PHE C 415 -7.71 -14.35 0.30
C PHE C 415 -7.44 -15.08 1.60
N GLN C 416 -8.32 -14.86 2.57
CA GLN C 416 -8.26 -15.42 3.92
C GLN C 416 -8.20 -16.94 3.89
N GLY C 417 -7.20 -17.50 4.57
CA GLY C 417 -7.04 -18.95 4.66
C GLY C 417 -6.45 -19.65 3.45
N SER C 418 -5.67 -18.91 2.65
CA SER C 418 -5.00 -19.51 1.49
C SER C 418 -3.78 -18.72 1.03
N ALA C 419 -2.84 -19.41 0.38
CA ALA C 419 -1.60 -18.77 -0.02
C ALA C 419 -1.82 -17.61 -0.99
N PRO C 420 -1.01 -16.56 -0.87
CA PRO C 420 -0.96 -15.43 -1.79
C PRO C 420 -0.79 -15.91 -3.22
N ILE C 421 -1.43 -15.25 -4.19
CA ILE C 421 -1.22 -15.57 -5.60
C ILE C 421 -0.33 -14.54 -6.29
N TYR C 422 0.71 -15.02 -6.97
CA TYR C 422 1.72 -14.17 -7.59
C TYR C 422 1.73 -14.41 -9.11
N SER C 423 2.30 -13.47 -9.85
CA SER C 423 2.72 -13.72 -11.24
C SER C 423 4.11 -14.35 -11.26
N TRP C 424 4.65 -14.57 -12.46
CA TRP C 424 5.95 -15.24 -12.56
C TRP C 424 7.07 -14.41 -11.95
N TYR C 425 6.88 -13.09 -11.91
CA TYR C 425 7.86 -12.17 -11.34
C TYR C 425 7.77 -11.91 -9.83
N LYS C 426 6.84 -12.57 -9.13
CA LYS C 426 6.75 -12.49 -7.67
C LYS C 426 6.72 -11.05 -7.13
N LEU C 427 7.69 -10.77 -6.26
CA LEU C 427 7.80 -9.49 -5.56
C LEU C 427 8.82 -8.55 -6.19
N ALA C 428 9.47 -9.02 -7.25
CA ALA C 428 10.60 -8.34 -7.89
C ALA C 428 10.41 -6.85 -8.20
N TYR C 429 9.24 -6.46 -8.70
CA TYR C 429 8.91 -5.06 -8.95
C TYR C 429 7.87 -4.48 -8.00
N GLY C 430 7.71 -5.09 -6.84
CA GLY C 430 6.74 -4.64 -5.85
C GLY C 430 5.38 -4.57 -6.49
N SER C 431 4.61 -3.55 -6.14
CA SER C 431 3.26 -3.43 -6.66
C SER C 431 3.19 -2.25 -7.62
N PHE C 432 2.31 -2.30 -8.60
CA PHE C 432 2.35 -1.24 -9.59
C PHE C 432 1.12 -1.26 -10.48
N PRO C 433 0.76 -0.10 -11.04
CA PRO C 433 -0.44 -0.02 -11.88
C PRO C 433 -0.18 -0.76 -13.19
N ILE C 434 -1.23 -1.27 -13.82
CA ILE C 434 -1.06 -2.05 -15.05
C ILE C 434 -2.34 -2.04 -15.88
N THR C 435 -2.20 -1.74 -17.17
CA THR C 435 -3.34 -1.82 -18.09
C THR C 435 -3.58 -3.25 -18.59
N ALA C 436 -4.73 -3.43 -19.23
CA ALA C 436 -5.10 -4.69 -19.89
C ALA C 436 -4.07 -5.12 -20.94
N VAL C 437 -3.65 -4.20 -21.80
CA VAL C 437 -2.60 -4.46 -22.78
C VAL C 437 -1.35 -5.02 -22.07
N GLU C 438 -1.04 -4.42 -20.94
CA GLU C 438 0.17 -4.74 -20.20
C GLU C 438 0.00 -6.06 -19.47
N ALA C 439 -1.17 -6.29 -18.90
CA ALA C 439 -1.50 -7.59 -18.31
C ALA C 439 -1.17 -8.72 -19.30
N LEU C 440 -1.58 -8.58 -20.54
CA LEU C 440 -1.25 -9.58 -21.53
C LEU C 440 0.26 -9.64 -21.82
N GLU C 441 0.90 -8.47 -21.88
CA GLU C 441 2.32 -8.38 -22.23
C GLU C 441 3.19 -9.08 -21.20
N TYR C 442 2.89 -8.81 -19.93
CA TYR C 442 3.59 -9.37 -18.76
C TYR C 442 3.03 -10.68 -18.22
N SER C 443 1.87 -11.10 -18.74
CA SER C 443 1.15 -12.29 -18.25
C SER C 443 0.78 -12.18 -16.79
N SER C 444 0.24 -11.02 -16.41
CA SER C 444 -0.20 -10.74 -15.05
C SER C 444 -1.26 -11.71 -14.52
N ASN C 445 -1.02 -12.35 -13.39
CA ASN C 445 -2.09 -13.08 -12.70
C ASN C 445 -2.98 -12.18 -11.83
N ALA C 446 -2.43 -11.04 -11.41
CA ALA C 446 -3.22 -10.08 -10.63
C ALA C 446 -4.39 -9.48 -11.45
N TYR C 447 -4.12 -9.06 -12.68
CA TYR C 447 -5.17 -8.50 -13.52
C TYR C 447 -6.34 -9.46 -13.75
N VAL C 448 -6.07 -10.74 -14.09
CA VAL C 448 -7.16 -11.67 -14.40
C VAL C 448 -7.89 -12.23 -13.17
N VAL C 449 -7.19 -12.29 -12.03
CA VAL C 449 -7.79 -12.71 -10.78
C VAL C 449 -8.73 -11.64 -10.20
N GLN C 450 -8.34 -10.37 -10.29
CA GLN C 450 -9.23 -9.28 -9.88
C GLN C 450 -10.45 -9.15 -10.79
N THR C 451 -10.25 -9.36 -12.09
CA THR C 451 -11.35 -9.43 -13.06
C THR C 451 -12.39 -10.48 -12.66
N ALA C 452 -11.95 -11.69 -12.34
CA ALA C 452 -12.88 -12.76 -12.02
C ALA C 452 -13.58 -12.51 -10.68
N LEU C 453 -12.89 -11.87 -9.75
CA LEU C 453 -13.51 -11.49 -8.49
C LEU C 453 -14.69 -10.55 -8.79
N GLY C 454 -14.45 -9.57 -9.66
CA GLY C 454 -15.50 -8.72 -10.20
C GLY C 454 -16.70 -9.43 -10.81
N ILE C 455 -16.45 -10.43 -11.64
CA ILE C 455 -17.55 -11.15 -12.27
C ILE C 455 -18.37 -11.84 -11.19
N MET C 456 -17.71 -12.12 -10.08
CA MET C 456 -18.41 -12.70 -8.94
C MET C 456 -19.15 -11.63 -8.12
N GLY C 457 -18.99 -10.36 -8.50
CA GLY C 457 -19.66 -9.24 -7.84
C GLY C 457 -18.89 -8.66 -6.66
N GLN C 458 -17.57 -8.72 -6.75
CA GLN C 458 -16.74 -8.37 -5.61
C GLN C 458 -15.55 -7.50 -5.98
N THR C 459 -15.15 -6.65 -5.04
CA THR C 459 -13.97 -5.81 -5.22
C THR C 459 -12.85 -6.35 -4.34
N TYR C 460 -11.61 -6.32 -4.82
CA TYR C 460 -10.53 -6.92 -4.05
C TYR C 460 -10.07 -6.06 -2.88
N GLN C 461 -10.15 -6.62 -1.67
CA GLN C 461 -9.50 -6.03 -0.52
C GLN C 461 -8.60 -7.08 0.13
N PRO C 462 -7.35 -6.72 0.43
CA PRO C 462 -6.48 -7.74 0.99
C PRO C 462 -7.11 -8.40 2.22
N ASN C 463 -6.90 -9.70 2.33
CA ASN C 463 -7.34 -10.48 3.50
C ASN C 463 -8.82 -10.82 3.58
N MET C 464 -9.61 -10.35 2.63
CA MET C 464 -11.05 -10.61 2.66
C MET C 464 -11.42 -12.08 2.86
N PHE C 465 -12.40 -12.31 3.73
CA PHE C 465 -13.19 -13.53 3.63
C PHE C 465 -14.08 -13.36 2.40
N VAL C 466 -14.19 -14.37 1.55
CA VAL C 466 -14.97 -14.21 0.32
C VAL C 466 -16.30 -14.95 0.34
N GLY C 467 -17.37 -14.24 -0.01
CA GLY C 467 -18.69 -14.84 -0.01
C GLY C 467 -18.88 -15.66 -1.28
N THR C 468 -19.37 -16.88 -1.14
CA THR C 468 -19.54 -17.74 -2.31
C THR C 468 -20.98 -17.86 -2.79
N SER C 469 -21.81 -16.89 -2.40
CA SER C 469 -23.21 -16.86 -2.86
C SER C 469 -23.30 -16.85 -4.38
N ASN C 470 -22.42 -16.06 -5.01
CA ASN C 470 -22.42 -15.88 -6.46
C ASN C 470 -21.38 -16.71 -7.22
N LEU C 471 -20.97 -17.85 -6.65
CA LEU C 471 -19.97 -18.72 -7.28
C LEU C 471 -20.45 -19.39 -8.57
N GLU C 472 -21.53 -20.15 -8.48
CA GLU C 472 -22.04 -20.91 -9.62
C GLU C 472 -22.34 -20.02 -10.82
N SER C 473 -22.82 -18.82 -10.53
CA SER C 473 -23.25 -17.91 -11.56
C SER C 473 -22.02 -17.33 -12.27
N ALA C 474 -21.02 -16.94 -11.48
CA ALA C 474 -19.74 -16.40 -11.96
C ALA C 474 -18.93 -17.39 -12.78
N MET C 475 -18.86 -18.63 -12.33
CA MET C 475 -18.18 -19.70 -13.07
C MET C 475 -18.89 -19.95 -14.40
N GLY C 476 -20.21 -20.05 -14.37
CA GLY C 476 -21.02 -20.07 -15.58
C GLY C 476 -20.65 -18.96 -16.55
N LYS C 477 -20.52 -17.74 -16.05
CA LYS C 477 -20.22 -16.60 -16.92
C LYS C 477 -18.81 -16.64 -17.51
N LEU C 478 -17.86 -17.15 -16.73
CA LEU C 478 -16.49 -17.28 -17.20
C LEU C 478 -16.45 -18.34 -18.28
N ARG C 479 -16.95 -19.54 -17.96
CA ARG C 479 -16.91 -20.68 -18.89
C ARG C 479 -17.72 -20.42 -20.16
N SER C 480 -18.66 -19.49 -20.04
CA SER C 480 -19.46 -19.06 -21.19
C SER C 480 -18.65 -18.20 -22.17
N THR C 481 -17.91 -17.22 -21.66
CA THR C 481 -17.01 -16.44 -22.50
C THR C 481 -15.98 -17.40 -23.12
N PHE C 482 -15.39 -18.26 -22.30
CA PHE C 482 -14.38 -19.20 -22.80
C PHE C 482 -14.98 -20.01 -23.96
N GLY C 483 -16.18 -20.52 -23.75
CA GLY C 483 -16.92 -21.21 -24.82
C GLY C 483 -17.07 -20.46 -26.13
N GLU C 484 -17.15 -19.13 -26.09
CA GLU C 484 -17.36 -18.40 -27.35
C GLU C 484 -16.10 -18.47 -28.19
N TYR C 485 -14.97 -18.77 -27.54
CA TYR C 485 -13.69 -18.84 -28.21
C TYR C 485 -13.36 -20.26 -28.65
N GLY C 486 -14.21 -21.21 -28.24
CA GLY C 486 -13.99 -22.62 -28.48
C GLY C 486 -13.31 -23.35 -27.34
N LEU C 487 -13.09 -22.63 -26.25
CA LEU C 487 -12.50 -23.24 -25.06
C LEU C 487 -13.59 -23.82 -24.17
N GLY C 488 -13.77 -25.15 -24.24
CA GLY C 488 -14.78 -25.84 -23.45
C GLY C 488 -16.01 -26.25 -24.26
N SER C 489 -16.09 -25.78 -25.50
CA SER C 489 -17.22 -26.11 -26.37
C SER C 489 -16.73 -26.89 -27.59
N ALA C 490 -17.67 -27.48 -28.34
CA ALA C 490 -17.35 -28.17 -29.59
C ALA C 490 -16.79 -27.15 -30.56
N THR C 491 -15.76 -27.55 -31.29
CA THR C 491 -15.11 -26.69 -32.30
C THR C 491 -15.82 -26.74 -33.65
N GLY C 492 -16.53 -27.83 -33.89
CA GLY C 492 -17.32 -27.98 -35.10
C GLY C 492 -16.50 -28.63 -36.21
N ILE C 493 -15.46 -29.36 -35.83
CA ILE C 493 -14.51 -29.87 -36.81
C ILE C 493 -15.10 -31.06 -37.55
N ASP C 494 -14.77 -31.22 -38.83
CA ASP C 494 -15.35 -32.28 -39.65
C ASP C 494 -14.78 -33.66 -39.32
N LEU C 495 -14.95 -34.07 -38.06
CA LEU C 495 -14.61 -35.40 -37.61
C LEU C 495 -15.74 -35.93 -36.76
N PRO C 496 -15.94 -37.26 -36.74
CA PRO C 496 -17.01 -37.87 -35.98
C PRO C 496 -16.96 -37.46 -34.52
N ASP C 497 -15.79 -37.53 -33.91
CA ASP C 497 -15.71 -37.37 -32.46
C ASP C 497 -14.56 -36.50 -31.94
N GLU C 498 -14.89 -35.44 -31.23
CA GLU C 498 -13.88 -34.63 -30.59
C GLU C 498 -14.15 -34.63 -29.11
N SER C 499 -13.08 -34.54 -28.32
CA SER C 499 -13.18 -34.13 -26.94
C SER C 499 -13.59 -32.66 -26.93
N THR C 500 -14.34 -32.25 -25.91
CA THR C 500 -14.68 -30.85 -25.74
C THR C 500 -14.11 -30.31 -24.44
N GLY C 501 -13.18 -31.07 -23.87
CA GLY C 501 -12.40 -30.63 -22.72
C GLY C 501 -12.71 -31.46 -21.49
N LEU C 502 -12.00 -31.16 -20.40
CA LEU C 502 -12.40 -31.61 -19.08
C LEU C 502 -13.00 -30.41 -18.35
N VAL C 503 -14.33 -30.32 -18.36
CA VAL C 503 -15.01 -29.20 -17.71
C VAL C 503 -15.74 -29.72 -16.47
N PRO C 504 -15.05 -29.76 -15.32
CA PRO C 504 -15.69 -30.39 -14.15
C PRO C 504 -16.96 -29.66 -13.67
N LYS C 505 -18.01 -30.43 -13.39
CA LYS C 505 -19.28 -29.85 -12.93
C LYS C 505 -19.26 -29.60 -11.43
N GLU C 506 -18.31 -30.21 -10.73
CA GLU C 506 -18.11 -29.91 -9.32
C GLU C 506 -16.81 -29.12 -9.18
N TYR C 507 -16.85 -28.03 -8.43
CA TYR C 507 -15.74 -27.11 -8.33
C TYR C 507 -15.96 -26.19 -7.13
N ASN C 508 -14.93 -25.50 -6.69
CA ASN C 508 -15.06 -24.56 -5.58
C ASN C 508 -14.50 -23.18 -5.96
N PHE C 509 -14.33 -22.30 -4.99
CA PHE C 509 -13.95 -20.93 -5.28
C PHE C 509 -12.51 -20.83 -5.78
N ALA C 510 -11.66 -21.75 -5.33
CA ALA C 510 -10.25 -21.80 -5.72
C ALA C 510 -10.11 -22.31 -7.15
N ASN C 511 -11.00 -23.23 -7.53
CA ASN C 511 -11.11 -23.70 -8.91
C ASN C 511 -11.64 -22.62 -9.86
N PHE C 512 -12.53 -21.74 -9.38
CA PHE C 512 -12.97 -20.62 -10.20
C PHE C 512 -11.81 -19.66 -10.50
N ILE C 513 -11.12 -19.22 -9.45
CA ILE C 513 -9.94 -18.35 -9.56
C ILE C 513 -8.76 -18.89 -10.40
N THR C 514 -8.41 -20.17 -10.27
CA THR C 514 -7.31 -20.73 -11.05
C THR C 514 -7.80 -20.88 -12.47
N ASN C 515 -9.10 -21.13 -12.61
CA ASN C 515 -9.63 -21.20 -13.97
C ASN C 515 -9.35 -19.95 -14.77
N ALA C 516 -9.37 -18.80 -14.11
CA ALA C 516 -9.16 -17.51 -14.78
C ALA C 516 -7.76 -17.38 -15.38
N PHE C 517 -6.79 -18.09 -14.81
CA PHE C 517 -5.46 -18.08 -15.41
C PHE C 517 -5.05 -19.45 -15.97
N GLY C 518 -6.05 -20.17 -16.44
CA GLY C 518 -5.84 -21.39 -17.20
C GLY C 518 -5.32 -22.58 -16.40
N GLN C 519 -5.69 -22.66 -15.12
CA GLN C 519 -5.24 -23.73 -14.25
C GLN C 519 -6.38 -24.60 -13.73
N PHE C 520 -7.49 -24.70 -14.45
CA PHE C 520 -8.51 -25.63 -13.98
C PHE C 520 -9.11 -26.48 -15.09
N ASP C 521 -9.83 -25.86 -16.03
CA ASP C 521 -10.35 -26.62 -17.16
C ASP C 521 -9.25 -27.04 -18.14
N ASN C 522 -9.39 -28.23 -18.73
CA ASN C 522 -8.41 -28.74 -19.70
C ASN C 522 -9.02 -28.73 -21.11
N TYR C 523 -8.27 -28.24 -22.09
CA TYR C 523 -8.75 -28.22 -23.49
C TYR C 523 -7.88 -29.01 -24.49
N THR C 524 -8.42 -29.30 -25.67
CA THR C 524 -7.66 -29.97 -26.70
C THR C 524 -6.78 -28.96 -27.43
N PRO C 525 -5.66 -29.40 -28.02
CA PRO C 525 -4.92 -28.57 -28.96
C PRO C 525 -5.80 -27.87 -29.98
N MET C 526 -6.80 -28.56 -30.50
CA MET C 526 -7.64 -27.97 -31.55
C MET C 526 -8.50 -26.81 -31.03
N GLN C 527 -9.08 -26.95 -29.84
CA GLN C 527 -9.75 -25.82 -29.22
C GLN C 527 -8.83 -24.61 -29.03
N LEU C 528 -7.64 -24.83 -28.49
CA LEU C 528 -6.75 -23.70 -28.28
C LEU C 528 -6.42 -22.99 -29.59
N ALA C 529 -6.29 -23.74 -30.68
CA ALA C 529 -6.00 -23.12 -31.97
C ALA C 529 -7.19 -22.34 -32.52
N GLN C 530 -8.40 -22.84 -32.32
CA GLN C 530 -9.61 -22.13 -32.70
C GLN C 530 -9.71 -20.82 -31.94
N TYR C 531 -9.45 -20.89 -30.63
CA TYR C 531 -9.30 -19.73 -29.76
C TYR C 531 -8.45 -18.60 -30.33
N VAL C 532 -7.17 -18.88 -30.60
CA VAL C 532 -6.29 -17.85 -31.17
C VAL C 532 -6.67 -17.51 -32.61
N ALA C 533 -7.26 -18.45 -33.33
CA ALA C 533 -7.81 -18.16 -34.65
C ALA C 533 -9.00 -17.18 -34.58
N THR C 534 -9.82 -17.27 -33.54
CA THR C 534 -10.93 -16.35 -33.34
C THR C 534 -10.46 -14.93 -33.02
N ILE C 535 -9.32 -14.81 -32.33
CA ILE C 535 -8.73 -13.50 -32.13
C ILE C 535 -8.21 -12.91 -33.44
N ALA C 536 -7.52 -13.73 -34.23
CA ALA C 536 -6.92 -13.30 -35.49
C ALA C 536 -7.99 -12.95 -36.50
N ASN C 537 -9.20 -13.45 -36.26
CA ASN C 537 -10.34 -13.17 -37.13
C ASN C 537 -11.29 -12.18 -36.47
N ASN C 538 -10.73 -11.25 -35.70
CA ASN C 538 -11.50 -10.17 -35.10
C ASN C 538 -12.79 -10.62 -34.40
N GLY C 539 -12.78 -11.84 -33.88
CA GLY C 539 -13.83 -12.33 -32.98
C GLY C 539 -14.90 -13.22 -33.60
N VAL C 540 -14.75 -13.52 -34.88
CA VAL C 540 -15.70 -14.40 -35.56
C VAL C 540 -15.19 -15.84 -35.61
N ARG C 541 -15.75 -16.68 -34.77
CA ARG C 541 -15.30 -18.06 -34.60
C ARG C 541 -15.69 -18.96 -35.78
N LEU C 542 -14.71 -19.65 -36.36
CA LEU C 542 -14.94 -20.47 -37.54
C LEU C 542 -14.71 -21.96 -37.29
N ALA C 543 -15.57 -22.81 -37.85
CA ALA C 543 -15.39 -24.25 -37.67
C ALA C 543 -14.16 -24.65 -38.47
N PRO C 544 -13.20 -25.35 -37.83
CA PRO C 544 -12.06 -25.80 -38.61
C PRO C 544 -12.55 -26.86 -39.58
N HIS C 545 -12.00 -26.92 -40.79
CA HIS C 545 -12.32 -28.02 -41.68
C HIS C 545 -11.07 -28.64 -42.30
N ILE C 546 -11.04 -29.98 -42.36
CA ILE C 546 -9.86 -30.68 -42.85
C ILE C 546 -9.98 -30.94 -44.35
N VAL C 547 -11.21 -30.85 -44.84
CA VAL C 547 -11.50 -31.04 -46.24
C VAL C 547 -11.72 -29.70 -46.94
N GLU C 548 -11.00 -29.52 -48.05
CA GLU C 548 -11.13 -28.31 -48.87
C GLU C 548 -12.37 -28.35 -49.77
N GLY C 549 -12.65 -29.51 -50.37
CA GLY C 549 -13.76 -29.61 -51.32
C GLY C 549 -13.99 -30.99 -51.90
N ILE C 550 -15.14 -31.16 -52.54
CA ILE C 550 -15.57 -32.41 -53.17
C ILE C 550 -15.31 -32.43 -54.68
N TYR C 551 -14.59 -33.44 -55.16
CA TYR C 551 -14.10 -33.48 -56.55
C TYR C 551 -14.55 -34.74 -57.28
N ASP C 552 -14.90 -34.53 -58.56
CA ASP C 552 -15.27 -35.60 -59.48
C ASP C 552 -14.08 -36.45 -59.85
N ASN C 553 -14.32 -37.48 -60.65
CA ASN C 553 -13.28 -38.38 -61.16
C ASN C 553 -12.98 -38.07 -62.62
N ASN C 554 -11.72 -38.17 -63.00
CA ASN C 554 -11.30 -37.95 -64.39
C ASN C 554 -11.28 -39.27 -65.17
N ASP C 555 -10.73 -39.19 -66.38
CA ASP C 555 -10.63 -40.31 -67.32
C ASP C 555 -10.27 -41.65 -66.68
N LYS C 556 -9.22 -41.63 -65.87
CA LYS C 556 -8.66 -42.84 -65.30
C LYS C 556 -9.16 -43.09 -63.88
N GLY C 557 -10.04 -42.22 -63.40
CA GLY C 557 -10.60 -42.37 -62.06
C GLY C 557 -9.81 -41.64 -61.00
N GLY C 558 -8.90 -40.77 -61.44
CA GLY C 558 -8.13 -39.90 -60.56
C GLY C 558 -8.79 -38.54 -60.37
N LEU C 559 -8.15 -37.69 -59.56
CA LEU C 559 -8.72 -36.40 -59.14
C LEU C 559 -9.27 -35.59 -60.31
N GLY C 560 -10.59 -35.63 -60.49
CA GLY C 560 -11.23 -34.90 -61.57
C GLY C 560 -11.32 -33.41 -61.24
N GLU C 561 -12.49 -32.82 -61.42
CA GLU C 561 -12.65 -31.40 -61.14
C GLU C 561 -13.67 -31.08 -60.06
N LEU C 562 -13.59 -29.85 -59.56
CA LEU C 562 -14.30 -29.45 -58.34
C LEU C 562 -15.81 -29.52 -58.54
N ILE C 563 -16.47 -30.27 -57.67
CA ILE C 563 -17.92 -30.30 -57.67
C ILE C 563 -18.36 -29.24 -56.65
N GLN C 564 -17.80 -29.30 -55.45
CA GLN C 564 -18.25 -28.38 -54.40
C GLN C 564 -17.13 -27.98 -53.44
N ALA C 565 -16.95 -26.67 -53.25
CA ALA C 565 -16.04 -26.18 -52.22
C ALA C 565 -16.71 -26.24 -50.85
N ILE C 566 -15.92 -26.59 -49.84
CA ILE C 566 -16.42 -26.58 -48.47
C ILE C 566 -16.33 -25.15 -47.94
N ASP C 567 -17.49 -24.52 -47.88
CA ASP C 567 -17.54 -23.09 -47.60
C ASP C 567 -17.28 -22.76 -46.14
N THR C 568 -16.68 -21.59 -45.93
CA THR C 568 -16.39 -21.06 -44.60
C THR C 568 -17.63 -21.13 -43.72
N LYS C 569 -17.46 -21.49 -42.44
CA LYS C 569 -18.60 -21.59 -41.55
C LYS C 569 -18.43 -20.86 -40.21
N GLU C 570 -19.18 -19.76 -40.04
CA GLU C 570 -19.19 -19.00 -38.80
C GLU C 570 -20.15 -19.62 -37.79
N ILE C 571 -19.65 -19.85 -36.58
CA ILE C 571 -20.44 -20.45 -35.50
C ILE C 571 -21.04 -19.34 -34.63
N ASN C 572 -20.23 -18.32 -34.34
CA ASN C 572 -20.60 -17.23 -33.45
C ASN C 572 -19.62 -16.06 -33.57
N LYS C 573 -20.03 -14.89 -33.10
CA LYS C 573 -19.11 -13.77 -32.90
C LYS C 573 -19.11 -13.38 -31.43
N VAL C 574 -17.93 -13.41 -30.83
CA VAL C 574 -17.80 -13.16 -29.40
C VAL C 574 -18.32 -11.76 -29.09
N ASN C 575 -19.04 -11.61 -27.98
CA ASN C 575 -19.59 -10.31 -27.59
C ASN C 575 -18.64 -9.32 -26.91
N ILE C 576 -17.64 -8.80 -27.62
CA ILE C 576 -16.95 -7.61 -27.13
C ILE C 576 -16.82 -6.68 -28.33
N SER C 577 -16.81 -5.37 -28.08
CA SER C 577 -16.73 -4.33 -29.10
C SER C 577 -15.45 -4.43 -29.92
N GLU C 578 -15.39 -3.66 -31.00
CA GLU C 578 -14.21 -3.58 -31.85
C GLU C 578 -12.99 -2.99 -31.16
N SER C 579 -13.16 -1.93 -30.36
CA SER C 579 -11.99 -1.35 -29.69
C SER C 579 -11.45 -2.21 -28.55
N ASP C 580 -12.34 -2.94 -27.86
CA ASP C 580 -11.91 -3.94 -26.91
C ASP C 580 -11.10 -5.05 -27.63
N MET C 581 -11.61 -5.56 -28.73
CA MET C 581 -10.86 -6.55 -29.51
C MET C 581 -9.50 -6.01 -29.94
N ALA C 582 -9.42 -4.72 -30.22
CA ALA C 582 -8.16 -4.09 -30.64
C ALA C 582 -7.16 -3.98 -29.48
N ILE C 583 -7.69 -3.92 -28.26
CA ILE C 583 -6.87 -3.97 -27.06
C ILE C 583 -6.22 -5.36 -26.92
N LEU C 584 -6.97 -6.42 -27.21
CA LEU C 584 -6.38 -7.76 -27.21
C LEU C 584 -5.26 -7.89 -28.24
N HIS C 585 -5.50 -7.36 -29.44
CA HIS C 585 -4.48 -7.39 -30.50
C HIS C 585 -3.20 -6.67 -30.14
N GLN C 586 -3.32 -5.50 -29.53
CA GLN C 586 -2.15 -4.73 -29.10
C GLN C 586 -1.44 -5.46 -27.96
N GLY C 587 -2.21 -6.12 -27.10
CA GLY C 587 -1.64 -6.97 -26.06
C GLY C 587 -0.75 -8.06 -26.64
N PHE C 588 -1.27 -8.80 -27.63
CA PHE C 588 -0.53 -9.93 -28.17
C PHE C 588 0.60 -9.37 -29.00
N TYR C 589 0.42 -8.15 -29.51
CA TYR C 589 1.48 -7.52 -30.29
C TYR C 589 2.66 -7.23 -29.36
N GLN C 590 2.37 -6.75 -28.16
CA GLN C 590 3.43 -6.29 -27.27
C GLN C 590 4.14 -7.47 -26.59
N VAL C 591 3.45 -8.61 -26.50
CA VAL C 591 4.05 -9.81 -25.94
C VAL C 591 5.27 -10.20 -26.75
N SER C 592 5.25 -9.96 -28.06
CA SER C 592 6.34 -10.40 -28.92
C SER C 592 7.25 -9.27 -29.38
N HIS C 593 6.84 -8.03 -29.12
CA HIS C 593 7.56 -6.86 -29.59
C HIS C 593 7.96 -5.88 -28.47
N GLY C 594 7.63 -6.22 -27.23
CA GLY C 594 7.77 -5.29 -26.10
C GLY C 594 9.20 -5.17 -25.62
N THR C 595 9.46 -4.17 -24.78
CA THR C 595 10.84 -3.82 -24.41
C THR C 595 11.03 -3.74 -22.90
N SER C 596 9.99 -4.10 -22.15
CA SER C 596 10.09 -4.18 -20.70
C SER C 596 10.87 -5.42 -20.28
N PRO C 597 11.44 -5.41 -19.06
CA PRO C 597 11.93 -6.62 -18.42
C PRO C 597 10.80 -7.64 -18.12
N LEU C 598 9.55 -7.26 -18.33
CA LEU C 598 8.43 -8.17 -18.10
C LEU C 598 7.70 -8.59 -19.38
N THR C 599 8.23 -8.16 -20.52
CA THR C 599 7.75 -8.61 -21.81
C THR C 599 8.10 -10.10 -21.92
N THR C 600 7.09 -10.94 -22.11
CA THR C 600 7.28 -12.39 -22.05
C THR C 600 7.64 -13.09 -23.37
N GLY C 601 7.25 -12.55 -24.51
CA GLY C 601 7.35 -13.32 -25.75
C GLY C 601 8.28 -12.86 -26.84
N ARG C 602 9.42 -12.27 -26.48
CA ARG C 602 10.36 -11.78 -27.48
C ARG C 602 10.88 -12.92 -28.38
N ALA C 603 10.95 -14.13 -27.86
CA ALA C 603 11.34 -15.27 -28.69
C ALA C 603 10.47 -15.44 -29.95
N PHE C 604 9.18 -15.14 -29.87
CA PHE C 604 8.32 -15.14 -31.06
C PHE C 604 8.92 -14.38 -32.25
N SER C 605 9.50 -13.22 -31.99
CA SER C 605 9.88 -12.31 -33.07
C SER C 605 11.30 -12.53 -33.55
N ASP C 606 12.04 -13.35 -32.80
CA ASP C 606 13.44 -13.56 -33.11
C ASP C 606 13.67 -14.61 -34.21
N GLY C 607 13.99 -14.12 -35.40
CA GLY C 607 14.11 -14.98 -36.56
C GLY C 607 12.81 -14.97 -37.32
N ALA C 608 11.85 -14.17 -36.87
CA ALA C 608 10.54 -14.13 -37.51
C ALA C 608 10.58 -13.47 -38.88
N THR C 609 10.55 -14.29 -39.93
CA THR C 609 10.50 -13.80 -41.31
C THR C 609 9.18 -13.05 -41.62
N VAL C 610 8.28 -12.98 -40.65
CA VAL C 610 7.08 -12.14 -40.75
C VAL C 610 6.76 -11.65 -39.34
N SER C 611 5.84 -10.71 -39.24
CA SER C 611 5.46 -10.18 -37.93
C SER C 611 4.54 -11.16 -37.21
N ILE C 612 4.94 -11.56 -36.00
CA ILE C 612 4.17 -12.53 -35.23
C ILE C 612 3.65 -11.89 -33.95
N SER C 613 2.37 -12.10 -33.69
CA SER C 613 1.75 -11.72 -32.42
C SER C 613 1.26 -12.99 -31.74
N GLY C 614 1.32 -13.03 -30.41
CA GLY C 614 0.76 -14.16 -29.69
C GLY C 614 0.86 -14.04 -28.19
N LYS C 615 0.88 -15.17 -27.51
CA LYS C 615 0.72 -15.21 -26.05
C LYS C 615 1.26 -16.54 -25.47
N THR C 616 2.15 -16.41 -24.50
CA THR C 616 2.84 -17.55 -23.90
C THR C 616 2.10 -18.06 -22.66
N GLY C 617 2.54 -19.21 -22.16
CA GLY C 617 1.89 -19.89 -21.03
C GLY C 617 2.79 -20.81 -20.21
N THR C 630 5.79 -27.68 -15.29
CA THR C 630 4.88 -26.63 -15.75
C THR C 630 4.69 -26.66 -17.26
N ASN C 631 3.64 -25.99 -17.73
CA ASN C 631 3.33 -25.97 -19.16
C ASN C 631 3.96 -24.81 -19.95
N THR C 632 4.59 -25.16 -21.09
CA THR C 632 5.20 -24.17 -21.97
C THR C 632 4.39 -23.93 -23.24
N ASN C 633 3.08 -23.88 -23.08
CA ASN C 633 2.13 -23.59 -24.15
C ASN C 633 2.29 -22.22 -24.80
N ALA C 634 1.94 -22.12 -26.08
CA ALA C 634 2.07 -20.88 -26.83
C ALA C 634 1.05 -20.80 -27.95
N VAL C 635 0.43 -19.64 -28.12
CA VAL C 635 -0.46 -19.41 -29.27
C VAL C 635 0.02 -18.19 -30.07
N ALA C 636 -0.20 -18.19 -31.39
CA ALA C 636 0.33 -17.12 -32.24
C ALA C 636 -0.47 -16.96 -33.53
N TYR C 637 -0.47 -15.75 -34.06
CA TYR C 637 -0.93 -15.53 -35.44
C TYR C 637 -0.04 -14.62 -36.28
N ALA C 638 -0.11 -14.76 -37.61
CA ALA C 638 0.73 -13.96 -38.50
C ALA C 638 0.15 -13.86 -39.90
N PRO C 639 0.55 -12.82 -40.65
CA PRO C 639 1.30 -11.68 -40.10
C PRO C 639 0.34 -10.82 -39.33
N THR C 640 0.85 -10.00 -38.42
CA THR C 640 0.01 -9.23 -37.49
C THR C 640 -1.10 -8.47 -38.21
N GLU C 641 -0.70 -7.85 -39.32
CA GLU C 641 -1.52 -6.87 -40.02
C GLU C 641 -2.64 -7.59 -40.75
N ASN C 642 -2.31 -8.78 -41.27
CA ASN C 642 -3.23 -9.55 -42.09
C ASN C 642 -3.09 -11.06 -41.87
N PRO C 643 -3.67 -11.56 -40.76
CA PRO C 643 -3.37 -12.92 -40.34
C PRO C 643 -3.79 -13.96 -41.38
N GLN C 644 -2.92 -14.94 -41.62
CA GLN C 644 -3.17 -16.02 -42.56
C GLN C 644 -2.87 -17.40 -41.99
N ILE C 645 -2.38 -17.42 -40.75
CA ILE C 645 -2.09 -18.65 -40.02
C ILE C 645 -2.24 -18.34 -38.55
N ALA C 646 -2.78 -19.29 -37.79
CA ALA C 646 -2.84 -19.18 -36.34
C ALA C 646 -2.45 -20.54 -35.76
N VAL C 647 -1.45 -20.55 -34.90
CA VAL C 647 -0.89 -21.78 -34.38
C VAL C 647 -1.05 -21.88 -32.86
N ALA C 648 -1.35 -23.07 -32.37
CA ALA C 648 -1.27 -23.33 -30.93
C ALA C 648 -0.34 -24.51 -30.65
N VAL C 649 0.66 -24.27 -29.82
CA VAL C 649 1.60 -25.31 -29.44
C VAL C 649 1.28 -25.67 -28.00
N VAL C 650 1.15 -26.97 -27.73
CA VAL C 650 0.90 -27.46 -26.38
C VAL C 650 2.05 -28.38 -26.01
N PHE C 651 2.66 -28.16 -24.84
CA PHE C 651 3.86 -28.88 -24.43
C PHE C 651 3.86 -29.00 -22.91
N PRO C 652 3.10 -29.95 -22.35
CA PRO C 652 2.87 -30.00 -20.90
C PRO C 652 4.05 -30.53 -20.07
N HIS C 653 4.08 -30.14 -18.79
CA HIS C 653 4.98 -30.69 -17.79
C HIS C 653 6.45 -30.69 -18.23
N ASN C 654 6.85 -29.58 -18.86
CA ASN C 654 8.23 -29.38 -19.25
C ASN C 654 8.90 -28.42 -18.26
N THR C 655 9.82 -28.93 -17.46
CA THR C 655 10.30 -28.21 -16.28
C THR C 655 11.35 -27.13 -16.56
N ASN C 656 11.84 -27.04 -17.79
CA ASN C 656 12.82 -26.02 -18.17
C ASN C 656 12.39 -24.59 -17.89
N LEU C 657 12.83 -24.04 -16.75
CA LEU C 657 12.45 -22.69 -16.38
C LEU C 657 13.34 -21.65 -17.07
N THR C 658 14.55 -22.05 -17.44
CA THR C 658 15.52 -21.15 -18.09
C THR C 658 15.01 -20.61 -19.43
N LYS C 659 14.90 -21.47 -20.44
CA LYS C 659 14.36 -21.08 -21.74
C LYS C 659 13.10 -21.85 -22.13
N ASN C 660 12.09 -21.11 -22.59
CA ASN C 660 10.79 -21.66 -22.97
C ASN C 660 10.74 -21.91 -24.48
N VAL C 661 10.51 -23.16 -24.87
CA VAL C 661 10.53 -23.53 -26.28
C VAL C 661 9.18 -23.39 -26.97
N GLY C 662 8.12 -23.20 -26.19
CA GLY C 662 6.78 -23.02 -26.76
C GLY C 662 6.69 -21.93 -27.81
N PRO C 663 7.10 -20.70 -27.46
CA PRO C 663 7.13 -19.63 -28.46
C PRO C 663 8.05 -19.92 -29.65
N ALA C 664 9.17 -20.59 -29.40
CA ALA C 664 10.12 -20.93 -30.48
C ALA C 664 9.58 -21.97 -31.48
N ILE C 665 8.79 -22.91 -30.97
CA ILE C 665 8.13 -23.90 -31.82
C ILE C 665 7.08 -23.19 -32.65
N ALA C 666 6.24 -22.39 -31.99
CA ALA C 666 5.23 -21.59 -32.67
C ALA C 666 5.85 -20.81 -33.84
N ARG C 667 6.92 -20.09 -33.53
CA ARG C 667 7.62 -19.26 -34.49
C ARG C 667 8.18 -20.08 -35.65
N ASP C 668 8.80 -21.21 -35.33
CA ASP C 668 9.40 -22.05 -36.37
C ASP C 668 8.36 -22.66 -37.30
N ILE C 669 7.17 -22.94 -36.77
CA ILE C 669 6.08 -23.46 -37.59
C ILE C 669 5.60 -22.37 -38.55
N ILE C 670 5.44 -21.16 -38.03
CA ILE C 670 5.03 -20.01 -38.83
C ILE C 670 6.05 -19.69 -39.92
N ASN C 671 7.34 -19.91 -39.64
CA ASN C 671 8.36 -19.74 -40.68
C ASN C 671 8.31 -20.88 -41.67
N LEU C 672 8.05 -22.09 -41.20
CA LEU C 672 7.93 -23.22 -42.12
C LEU C 672 6.78 -23.01 -43.11
N TYR C 673 5.66 -22.50 -42.62
CA TYR C 673 4.55 -22.16 -43.50
C TYR C 673 4.91 -21.03 -44.45
N ASN C 674 5.52 -19.97 -43.91
CA ASN C 674 5.87 -18.83 -44.74
C ASN C 674 6.75 -19.23 -45.94
N GLN C 675 7.70 -20.12 -45.69
CA GLN C 675 8.67 -20.52 -46.71
C GLN C 675 7.98 -21.36 -47.79
N HIS C 676 6.85 -21.92 -47.43
CA HIS C 676 6.16 -22.89 -48.27
C HIS C 676 4.88 -22.31 -48.85
N HIS C 677 4.28 -21.38 -48.12
CA HIS C 677 3.09 -20.69 -48.59
C HIS C 677 3.34 -19.20 -48.36
N PRO C 678 4.11 -18.57 -49.26
CA PRO C 678 4.53 -17.18 -49.12
C PRO C 678 3.36 -16.29 -48.74
N MET C 679 3.45 -15.72 -47.54
CA MET C 679 2.46 -14.80 -47.02
C MET C 679 2.81 -13.38 -47.47
N ASN C 680 4.10 -13.04 -47.33
CA ASN C 680 4.58 -11.69 -47.60
C ASN C 680 4.78 -10.93 -46.30
ZN ZN D . -1.73 -20.49 102.18
ZN ZN E . 13.69 0.22 32.28
ZN ZN F . 21.66 -31.08 39.90
ZN ZN G . -9.67 100.52 -29.01
ZN ZN H . 6.70 29.98 -19.70
ZN ZN I . 23.39 50.48 1.09
ZN ZN J . -41.58 -71.07 -64.06
ZN ZN K . -0.86 -32.16 -16.92
ZN ZN L . 2.84 -28.02 -51.34
#